data_6ZZ6
#
_entry.id   6ZZ6
#
loop_
_entity.id
_entity.type
_entity.pdbx_description
1 polymer 'Structural maintenance of chromosomes protein 1,Structural maintenance of chromosomes protein 1,Structural maintenance of chromosomes protein 1'
2 polymer 'Structural maintenance of chromosomes protein 3,Structural maintenance of chromosomes protein 3,Structural maintenance of chromosomes protein 3'
3 polymer 'Sister chromatid cohesion protein 1,Sister chromatid cohesion protein 1,Sister chromatid cohesion protein 1'
4 polymer 'Sister chromatid cohesion protein 2'
5 polymer 'DNA (34-MER)'
6 polymer 'DNA (34-MER)'
7 non-polymer "ADENOSINE-5'-TRIPHOSPHATE"
8 non-polymer 'MAGNESIUM ION'
#
loop_
_entity_poly.entity_id
_entity_poly.type
_entity_poly.pdbx_seq_one_letter_code
_entity_poly.pdbx_strand_id
1 'polypeptide(L)'
;GRLVGLELSNFKSYRGVTKVGFGESNFTSIIGPNGSGKSNMMDAISFVLGVRSNHLRSNILKDLIYRGVLSNPQSAYVKA
FYQKGNKLVELMRIISRNGDTSYKIDGKTVSYKDYSIFLENENILIKAKNFLVFQGDVEQIAAQSPVELSRMFEEVSGSI
QYKKEYEELKEKIEKLSKSAEEKKILNQFLKIKKKRKELFEKTFDYVSDHLDAIYRELTKNPNSNVELAGGNASLTIEDE
DEPFNAGIKYHATPPLKRFKDMEYLSGGEKTVAALALLFAINSYQPSPFFVLDQVDAALDITNVQRIAAYIRRHRNPDLQ
FIVISLKNTMFEKSDALVGVYRQQQENSSKIITLDLSNYA
;
A
2 'polypeptide(L)'
;GPYIKRVIIKGFKTYRNETIIDNFSPHQNVIIGSNGSGKSNFFAAIRFVLSDDYSNLKREERQGLIHQGSGGSVMSASVE
IVFHDPDHSMILPSGVLSRGDDEVTIRRTVGLKKDDYQLNDRNVTKGDIVRMLETAGFSMNNPYNIVPQGKIVALTNAKD
KERLQLLEDVVGAKSFEVKLKASLKKMEETEQKKIQINKEMGELNSKLSEMEQERKELEKYNELERNRKRAFENFKKFNE
RRKDLAERASELDESKDSIQDLIVKLKQQKVNAVDSTFQKVSENFEAVFERLVPRGTAKLIIHRYTGVSISVSFNSKQNE
QLHVEQLSGGQKTVCAIALILAIQMVDPASFYLFDQIDAALDKQYRTAVATLLKELSKNAQFICTTFRTDMLQVADKFFR
VKYENKISTVIEVNREEAIGFIR
;
B
3 'polypeptide(L)'
;TLRTSGELLQGIVRVYSKQATFLLTDIKDTLTKISMLVIFTDVLKSITKREASRGFFDILSLATEGCIGLSQTEAFGNIK
IDA
;
C
4 'polypeptide(L)'
;MSYPGKDKNIPGRIIEALEDLPLSYLVPKDGLAALVNAPMRVSLPFDKTIFTSADDGRDVNINVLGTANSTTSSIKNEAE
KERLVFKRPSNFTSSANSVDYVPTNFLEGLSPLAQSVLSTHKGLNDSINIEKKSEIVSRPEAKHKLESVTSNAGNLSFND
NSSNKKTKTSTGVTMTQANLAEQYLNDLKNILDIVGFDQNSAEIGNIEYWLQLPNKKFVLTTNCLTKLQMTIKNITDNPQ
LSNSIEITWLLRLLDVMVCNIKFSKSSLKMGLDDSMLRYIALLSTIVLFNIFLLGKNDSNLHRESYIMEPVNFLSDLIES
LKILTIEYGSLKIEFDTFQEALELLPKYIRNGPFLDDNVTAKLVYIFSDLLMNNDIEATTNIQFQSFWDNVKRISSDILV
SLFGSFDQQRGFIIEELLSHIEKLPTKRIQKKLRKVGNQNIYITDFTFTLMSMLENINCYSFCNQMKDIAPENIDLLKNE
YKKQEEFLFNIVEHINDTILERFFKNPSALRYVIDNFVQDLLLLISSPQWPVTEKILSSLLKRLLSVYSPSMQVSANIET
ICLQLIGNIGSTIFDIKCSTRDHEDNNLIKMINYPETLPHFFKSFEECIAYNETIKCRRSATRFLWNLRLGTILILEEYT
KDAKEQIITVDNELKKILEQIKDGGLGPELENREADFSTIKLDYFSILHAFELLNLYDPYLKLILSLLAKDKIKLRSTAI
KCLSMLASKDKVILSNPMVKETIHRRLNDSSASVKDAILDLVSINSSYFEFYQQINNNYNDDSIMVRKHVLRINEKMYDE
TNDIVTKVYVIARILMKIEDEEDNIIDMARLILLNRWILKVHEVLDQPEKLKEISSSVLLVMSRVAIMNEKCSQLFDLFL
NFYLLNKEAHSKEAYDKITHVLTILTDFLVQKIVELNSDDTNEKNSIVDKQNFLNLLAKFADSTVSFLTKDHITALYPYM
VSDEKSDFHYYILQVFRCTFEKLANFKQKFLYDLETTLLSRLPKMNVREIDEAMPLIWSVATHRHDTARVAKACSSCLSH
LHPYINKANNEEAAIVVDGKLQRLIYLSTGFARFCFPKPSNDKIAFLQEGETLYEHITKCLLVLSKDKITHVIRRVAVKN
LTKLCGNHPKLFNSRHVLHLLDKEFQSDQLDIKLVILESLYDLFLLEERKSVRNTGVNSTLSSNSILKKKLLKTNRVEFA
NDGVCSALATRFLDNILQLCLLRDLKNSLVAIRLLKLILKFGYTNPSHSIPTVIALFASTSQYIRHVAYELLEDLFEKYE
TLVFSSLSRGVTKAIHYSIHTDEKYYYKHDHFLSLLEKLCGTGKKNGPKFFKVLKRIMQSYLDDITDLTSTNSSVQKSIF
VLCTNISNITFVSQYDLVSLLKTIDLTTDRLKEVIMDEIGDNVSSLSVSEEKLSGIILIQLSLQDLGTYLLHLYGLRDDV
LLLDIVEESELKNKQLPAKKPDISKFSAQLENIEQYSSNGKLLTYFRKHVKDT
;
D
5 'polydeoxyribonucleotide'
;(DA)(DA)(DA)(DA)(DA)(DA)(DA)(DA)(DA)(DA)(DA)(DA)(DA)(DA)(DA)(DA)(DA)(DA)(DA)(DA)
(DA)(DA)(DA)(DA)(DA)(DA)(DA)(DA)(DA)(DA)(DA)(DA)(DA)(DA)
;
F
6 'polydeoxyribonucleotide'
;(DT)(DT)(DT)(DT)(DT)(DT)(DT)(DT)(DT)(DT)(DT)(DT)(DT)(DT)(DT)(DT)(DT)(DT)(DT)(DT)
(DT)(DT)(DT)(DT)(DT)(DT)(DT)(DT)(DT)(DT)(DT)(DT)(DT)(DT)
;
G
#
loop_
_chem_comp.id
_chem_comp.type
_chem_comp.name
_chem_comp.formula
ATP non-polymer ADENOSINE-5'-TRIPHOSPHATE 'C10 H16 N5 O13 P3'
DA DNA linking 2'-DEOXYADENOSINE-5'-MONOPHOSPHATE 'C10 H14 N5 O6 P'
DT DNA linking THYMIDINE-5'-MONOPHOSPHATE 'C10 H15 N2 O8 P'
MG non-polymer 'MAGNESIUM ION' 'Mg 2'
#
# COMPACT_ATOMS: atom_id res chain seq x y z
N GLY A 1 -22.96 -38.42 32.73
CA GLY A 1 -22.77 -38.11 34.13
C GLY A 1 -23.11 -36.68 34.49
N ARG A 2 -23.37 -36.42 35.76
CA ARG A 2 -23.73 -35.10 36.25
C ARG A 2 -22.90 -34.75 37.47
N LEU A 3 -22.51 -33.48 37.56
CA LEU A 3 -21.78 -32.98 38.72
C LEU A 3 -22.81 -32.47 39.72
N VAL A 4 -23.06 -33.26 40.77
CA VAL A 4 -24.12 -32.93 41.71
C VAL A 4 -23.81 -31.65 42.46
N GLY A 5 -22.57 -31.50 42.94
CA GLY A 5 -22.23 -30.33 43.71
C GLY A 5 -20.77 -30.36 44.11
N LEU A 6 -20.41 -29.41 44.96
CA LEU A 6 -19.03 -29.25 45.42
C LEU A 6 -19.01 -28.97 46.92
N GLU A 7 -17.84 -29.22 47.51
CA GLU A 7 -17.58 -28.87 48.90
C GLU A 7 -16.28 -28.10 48.95
N LEU A 8 -16.36 -26.82 49.29
CA LEU A 8 -15.24 -25.90 49.24
C LEU A 8 -14.81 -25.53 50.66
N SER A 9 -13.50 -25.67 50.92
CA SER A 9 -12.95 -25.43 52.25
C SER A 9 -11.61 -24.74 52.09
N ASN A 10 -11.60 -23.41 52.27
CA ASN A 10 -10.40 -22.59 52.19
C ASN A 10 -9.69 -22.74 50.85
N PHE A 11 -10.43 -23.07 49.80
CA PHE A 11 -9.81 -23.28 48.49
C PHE A 11 -9.16 -22.00 47.98
N LYS A 12 -9.97 -21.01 47.64
CA LYS A 12 -9.43 -19.74 47.17
C LYS A 12 -9.90 -18.57 48.04
N SER A 13 -11.21 -18.50 48.30
CA SER A 13 -11.75 -17.38 49.06
C SER A 13 -12.88 -17.78 50.01
N TYR A 14 -13.10 -19.07 50.24
CA TYR A 14 -14.22 -19.54 51.04
C TYR A 14 -13.70 -20.08 52.38
N ARG A 15 -13.82 -19.27 53.43
CA ARG A 15 -13.46 -19.73 54.76
C ARG A 15 -14.44 -20.79 55.25
N GLY A 16 -13.96 -21.69 56.08
CA GLY A 16 -14.79 -22.76 56.58
C GLY A 16 -15.14 -23.76 55.49
N VAL A 17 -16.16 -24.55 55.76
CA VAL A 17 -16.65 -25.56 54.83
C VAL A 17 -18.00 -25.11 54.28
N THR A 18 -18.11 -25.01 52.96
CA THR A 18 -19.34 -24.61 52.30
C THR A 18 -19.71 -25.69 51.29
N LYS A 19 -20.96 -26.16 51.38
CA LYS A 19 -21.47 -27.18 50.47
C LYS A 19 -22.42 -26.53 49.48
N VAL A 20 -22.19 -26.78 48.20
CA VAL A 20 -23.04 -26.26 47.13
C VAL A 20 -23.62 -27.44 46.37
N GLY A 21 -24.92 -27.40 46.13
CA GLY A 21 -25.59 -28.45 45.39
C GLY A 21 -26.40 -27.91 44.23
N PHE A 22 -26.06 -28.31 43.01
CA PHE A 22 -26.78 -27.83 41.84
C PHE A 22 -28.13 -28.51 41.66
N GLY A 23 -28.37 -29.63 42.35
CA GLY A 23 -29.64 -30.31 42.22
C GLY A 23 -29.80 -30.97 40.86
N GLU A 24 -31.06 -31.18 40.50
CA GLU A 24 -31.40 -31.81 39.22
C GLU A 24 -31.41 -30.83 38.07
N SER A 25 -31.21 -29.53 38.32
CA SER A 25 -31.21 -28.55 37.25
C SER A 25 -30.05 -28.78 36.30
N ASN A 26 -30.34 -28.81 35.00
CA ASN A 26 -29.33 -29.04 33.99
C ASN A 26 -28.72 -27.74 33.47
N PHE A 27 -29.33 -26.60 33.76
CA PHE A 27 -28.83 -25.29 33.33
C PHE A 27 -28.94 -24.35 34.52
N THR A 28 -27.87 -24.32 35.33
CA THR A 28 -27.78 -23.45 36.49
C THR A 28 -26.82 -22.30 36.21
N SER A 29 -27.06 -21.17 36.85
CA SER A 29 -26.29 -19.97 36.61
C SER A 29 -25.73 -19.41 37.91
N ILE A 30 -24.47 -18.97 37.86
CA ILE A 30 -23.77 -18.44 39.01
C ILE A 30 -23.83 -16.91 38.93
N ILE A 31 -24.31 -16.27 40.00
CA ILE A 31 -24.48 -14.83 40.02
C ILE A 31 -23.82 -14.26 41.27
N GLY A 32 -23.58 -12.95 41.22
CA GLY A 32 -22.94 -12.24 42.30
C GLY A 32 -22.17 -11.04 41.82
N PRO A 33 -22.00 -10.03 42.67
CA PRO A 33 -21.22 -8.85 42.28
C PRO A 33 -19.75 -9.17 42.05
N ASN A 34 -18.98 -8.20 41.60
CA ASN A 34 -17.57 -8.43 41.27
C ASN A 34 -16.77 -8.76 42.51
N GLY A 35 -15.89 -9.76 42.39
CA GLY A 35 -15.07 -10.18 43.50
C GLY A 35 -15.74 -11.11 44.48
N SER A 36 -16.94 -11.60 44.17
CA SER A 36 -17.67 -12.44 45.11
C SER A 36 -17.10 -13.86 45.15
N GLY A 37 -16.66 -14.36 43.99
CA GLY A 37 -16.09 -15.70 43.95
C GLY A 37 -16.65 -16.62 42.89
N LYS A 38 -17.30 -16.06 41.87
CA LYS A 38 -17.76 -16.88 40.75
C LYS A 38 -16.59 -17.50 40.00
N SER A 39 -15.58 -16.68 39.68
CA SER A 39 -14.37 -17.22 39.08
C SER A 39 -13.68 -18.20 40.01
N ASN A 40 -13.83 -18.03 41.33
CA ASN A 40 -13.33 -19.03 42.26
C ASN A 40 -14.07 -20.35 42.09
N MET A 41 -15.39 -20.29 41.88
CA MET A 41 -16.15 -21.51 41.63
C MET A 41 -15.66 -22.22 40.38
N MET A 42 -15.46 -21.46 39.29
CA MET A 42 -14.96 -22.10 38.06
C MET A 42 -13.55 -22.64 38.26
N ASP A 43 -12.71 -21.91 38.99
CA ASP A 43 -11.35 -22.37 39.26
C ASP A 43 -11.37 -23.66 40.07
N ALA A 44 -12.27 -23.77 41.04
CA ALA A 44 -12.39 -25.01 41.80
C ALA A 44 -12.87 -26.16 40.92
N ILE A 45 -13.85 -25.88 40.05
CA ILE A 45 -14.36 -26.93 39.15
C ILE A 45 -13.23 -27.46 38.27
N SER A 46 -12.42 -26.55 37.71
CA SER A 46 -11.29 -26.98 36.90
C SER A 46 -10.20 -27.64 37.76
N PHE A 47 -10.03 -27.17 39.00
CA PHE A 47 -8.98 -27.67 39.88
C PHE A 47 -9.22 -29.13 40.25
N VAL A 48 -10.47 -29.50 40.51
CA VAL A 48 -10.78 -30.89 40.81
C VAL A 48 -10.40 -31.79 39.65
N LEU A 49 -10.49 -31.28 38.42
CA LEU A 49 -10.21 -32.06 37.22
C LEU A 49 -8.73 -32.12 36.87
N GLY A 50 -7.87 -31.41 37.60
CA GLY A 50 -6.44 -31.56 37.42
C GLY A 50 -5.77 -30.56 36.50
N VAL A 51 -6.30 -29.34 36.39
CA VAL A 51 -5.67 -28.35 35.53
C VAL A 51 -4.42 -27.78 36.22
N ARG A 52 -3.58 -27.13 35.42
CA ARG A 52 -2.37 -26.52 35.93
C ARG A 52 -2.70 -25.19 36.62
N SER A 53 -1.77 -24.73 37.46
CA SER A 53 -2.00 -23.51 38.23
C SER A 53 -2.03 -22.27 37.34
N ASN A 54 -1.24 -22.27 36.27
CA ASN A 54 -1.18 -21.09 35.40
C ASN A 54 -2.52 -20.80 34.74
N HIS A 55 -3.27 -21.84 34.38
CA HIS A 55 -4.60 -21.64 33.82
C HIS A 55 -5.57 -21.05 34.83
N LEU A 56 -5.27 -21.13 36.12
CA LEU A 56 -6.07 -20.52 37.17
C LEU A 56 -5.65 -19.10 37.48
N ARG A 57 -5.03 -18.38 36.54
CA ARG A 57 -4.51 -17.01 36.85
C ARG A 57 -3.73 -17.03 38.17
N SER A 58 -3.01 -18.13 38.45
CA SER A 58 -2.20 -18.25 39.68
C SER A 58 -0.82 -18.81 39.31
N ASN A 59 0.20 -18.64 40.17
CA ASN A 59 1.56 -19.09 39.78
C ASN A 59 2.00 -20.33 40.56
N ILE A 60 2.45 -20.17 41.81
CA ILE A 60 2.99 -21.31 42.61
C ILE A 60 1.91 -22.36 42.91
N LEU A 61 0.67 -21.94 43.20
CA LEU A 61 -0.45 -22.86 43.59
C LEU A 61 -0.35 -23.14 45.09
N LYS A 62 0.68 -22.59 45.75
CA LYS A 62 0.80 -22.73 47.22
C LYS A 62 0.04 -21.57 47.83
N ASP A 63 -0.09 -20.47 47.06
CA ASP A 63 -0.87 -19.33 47.54
C ASP A 63 -2.33 -19.39 47.12
N LEU A 64 -2.78 -20.48 46.50
CA LEU A 64 -4.21 -20.63 46.23
C LEU A 64 -5.00 -20.64 47.53
N ILE A 65 -4.45 -21.25 48.58
CA ILE A 65 -5.12 -21.33 49.87
C ILE A 65 -5.54 -19.95 50.32
N TYR A 66 -6.66 -19.88 51.04
CA TYR A 66 -7.19 -18.61 51.52
C TYR A 66 -6.16 -17.88 52.37
N ARG A 67 -6.07 -16.58 52.19
CA ARG A 67 -5.17 -15.74 52.96
C ARG A 67 -5.99 -14.72 53.74
N GLY A 68 -5.77 -14.65 55.04
CA GLY A 68 -6.58 -13.84 55.92
C GLY A 68 -6.14 -12.39 55.95
N VAL A 69 -6.77 -11.65 56.86
CA VAL A 69 -6.51 -10.21 56.99
C VAL A 69 -5.39 -10.01 58.00
N LEU A 70 -4.34 -9.31 57.56
CA LEU A 70 -3.21 -8.98 58.44
C LEU A 70 -2.99 -7.48 58.52
N SER A 71 -6.09 -16.86 60.81
CA SER A 71 -6.74 -16.34 59.62
C SER A 71 -6.18 -16.99 58.36
N ASN A 72 -5.02 -17.63 58.49
CA ASN A 72 -4.36 -18.29 57.37
C ASN A 72 -4.37 -19.80 57.59
N PRO A 73 -5.22 -20.55 56.89
CA PRO A 73 -5.25 -22.01 57.08
C PRO A 73 -3.99 -22.66 56.53
N GLN A 74 -3.63 -23.79 57.15
CA GLN A 74 -2.42 -24.50 56.75
C GLN A 74 -2.59 -25.21 55.41
N SER A 75 -3.73 -25.88 55.22
CA SER A 75 -3.94 -26.68 54.03
C SER A 75 -5.37 -26.52 53.55
N ALA A 76 -5.59 -26.84 52.27
CA ALA A 76 -6.89 -26.71 51.64
C ALA A 76 -7.22 -27.97 50.86
N TYR A 77 -8.51 -28.17 50.61
CA TYR A 77 -8.95 -29.30 49.80
C TYR A 77 -10.32 -29.00 49.19
N VAL A 78 -10.60 -29.69 48.09
CA VAL A 78 -11.83 -29.49 47.34
C VAL A 78 -12.42 -30.84 46.94
N LYS A 79 -13.73 -30.99 47.09
CA LYS A 79 -14.42 -32.24 46.82
C LYS A 79 -15.50 -32.02 45.77
N ALA A 80 -15.68 -33.01 44.89
CA ALA A 80 -16.68 -32.99 43.85
C ALA A 80 -17.45 -34.30 43.85
N PHE A 81 -18.77 -34.20 43.71
CA PHE A 81 -19.66 -35.36 43.66
C PHE A 81 -20.06 -35.55 42.20
N TYR A 82 -19.74 -36.70 41.62
CA TYR A 82 -20.03 -36.96 40.22
C TYR A 82 -20.81 -38.26 40.08
N GLN A 83 -22.00 -38.18 39.49
CA GLN A 83 -22.84 -39.36 39.31
C GLN A 83 -22.36 -40.12 38.08
N LYS A 84 -21.66 -41.22 38.28
CA LYS A 84 -21.18 -42.06 37.18
C LYS A 84 -22.14 -43.23 37.06
N GLY A 85 -23.20 -43.07 36.26
CA GLY A 85 -24.24 -44.06 36.24
C GLY A 85 -25.06 -44.01 37.52
N ASN A 86 -25.41 -45.20 38.03
CA ASN A 86 -26.16 -45.27 39.27
C ASN A 86 -25.33 -44.80 40.46
N LYS A 87 -24.04 -45.14 40.48
CA LYS A 87 -23.20 -44.84 41.64
C LYS A 87 -22.70 -43.40 41.61
N LEU A 88 -22.29 -42.92 42.77
CA LEU A 88 -21.72 -41.58 42.93
C LEU A 88 -20.25 -41.70 43.30
N VAL A 89 -19.41 -40.95 42.59
CA VAL A 89 -17.96 -40.99 42.75
C VAL A 89 -17.50 -39.70 43.40
N GLU A 90 -16.55 -39.83 44.32
CA GLU A 90 -15.92 -38.71 45.00
C GLU A 90 -14.61 -38.36 44.30
N LEU A 91 -14.46 -37.08 43.95
CA LEU A 91 -13.21 -36.59 43.39
C LEU A 91 -12.67 -35.53 44.36
N MET A 92 -11.61 -35.87 45.08
CA MET A 92 -11.11 -35.04 46.15
C MET A 92 -9.66 -34.66 45.88
N ARG A 93 -9.35 -33.38 46.05
CA ARG A 93 -8.00 -32.89 45.82
C ARG A 93 -7.49 -32.19 47.06
N ILE A 94 -6.27 -32.54 47.47
CA ILE A 94 -5.64 -32.06 48.69
C ILE A 94 -4.43 -31.22 48.28
N ILE A 95 -4.32 -30.01 48.82
CA ILE A 95 -3.10 -29.22 48.72
C ILE A 95 -2.61 -28.96 50.14
N SER A 96 -1.36 -29.32 50.41
CA SER A 96 -0.81 -29.31 51.75
C SER A 96 0.09 -28.11 51.96
N ARG A 97 0.73 -28.07 53.14
CA ARG A 97 1.62 -26.96 53.46
C ARG A 97 2.82 -26.91 52.52
N ASN A 98 3.39 -28.06 52.19
CA ASN A 98 4.56 -28.10 51.32
C ASN A 98 4.23 -27.67 49.89
N GLY A 99 2.96 -27.70 49.51
CA GLY A 99 2.55 -27.32 48.18
C GLY A 99 2.23 -28.48 47.26
N ASP A 100 2.56 -29.71 47.65
CA ASP A 100 2.25 -30.87 46.82
C ASP A 100 0.75 -31.11 46.78
N THR A 101 0.31 -31.70 45.67
CA THR A 101 -1.10 -32.01 45.45
C THR A 101 -1.32 -33.52 45.44
N SER A 102 -2.35 -33.96 46.13
CA SER A 102 -2.70 -35.38 46.17
C SER A 102 -4.17 -35.55 45.77
N TYR A 103 -4.48 -36.72 45.22
CA TYR A 103 -5.77 -36.99 44.59
C TYR A 103 -6.41 -38.20 45.23
N LYS A 104 -7.73 -38.13 45.44
CA LYS A 104 -8.49 -39.19 46.07
C LYS A 104 -9.74 -39.47 45.27
N ILE A 105 -10.01 -40.76 45.04
CA ILE A 105 -11.24 -41.23 44.42
C ILE A 105 -11.95 -42.12 45.43
N ASP A 106 -13.20 -41.78 45.75
CA ASP A 106 -14.00 -42.50 46.74
C ASP A 106 -13.28 -42.60 48.08
N GLY A 107 -12.47 -41.60 48.42
CA GLY A 107 -11.73 -41.59 49.66
C GLY A 107 -10.40 -42.33 49.62
N LYS A 108 -10.03 -42.92 48.50
CA LYS A 108 -8.79 -43.67 48.38
C LYS A 108 -7.78 -42.88 47.56
N THR A 109 -6.57 -42.73 48.09
CA THR A 109 -5.54 -41.96 47.41
C THR A 109 -5.10 -42.68 46.13
N VAL A 110 -4.87 -41.90 45.08
CA VAL A 110 -4.48 -42.44 43.79
C VAL A 110 -3.66 -41.38 43.05
N SER A 111 -2.78 -41.83 42.15
CA SER A 111 -1.88 -40.94 41.44
C SER A 111 -2.59 -40.27 40.26
N TYR A 112 -1.85 -39.37 39.61
CA TYR A 112 -2.41 -38.65 38.46
C TYR A 112 -2.65 -39.54 37.27
N LYS A 113 -1.90 -40.64 37.13
CA LYS A 113 -2.08 -41.51 35.97
C LYS A 113 -3.48 -42.12 35.96
N ASP A 114 -3.87 -42.75 37.07
CA ASP A 114 -5.19 -43.36 37.14
C ASP A 114 -6.29 -42.31 37.19
N TYR A 115 -6.03 -41.16 37.81
CA TYR A 115 -7.00 -40.07 37.82
C TYR A 115 -7.29 -39.59 36.39
N SER A 116 -6.23 -39.38 35.61
CA SER A 116 -6.40 -38.96 34.22
C SER A 116 -7.07 -40.04 33.39
N ILE A 117 -6.74 -41.32 33.63
CA ILE A 117 -7.40 -42.40 32.92
C ILE A 117 -8.90 -42.40 33.22
N PHE A 118 -9.25 -42.24 34.49
CA PHE A 118 -10.66 -42.21 34.88
C PHE A 118 -11.39 -41.04 34.26
N LEU A 119 -10.76 -39.86 34.26
CA LEU A 119 -11.38 -38.69 33.65
C LEU A 119 -11.56 -38.87 32.14
N GLU A 120 -10.54 -39.40 31.46
CA GLU A 120 -10.64 -39.61 30.03
C GLU A 120 -11.71 -40.64 29.69
N ASN A 121 -11.85 -41.67 30.52
CA ASN A 121 -12.95 -42.62 30.33
C ASN A 121 -14.30 -41.95 30.51
N GLU A 122 -14.34 -40.80 31.17
CA GLU A 122 -15.56 -40.05 31.40
C GLU A 122 -15.78 -38.96 30.36
N ASN A 123 -14.92 -38.90 29.34
CA ASN A 123 -15.05 -37.97 28.22
C ASN A 123 -14.88 -36.51 28.67
N ILE A 124 -13.86 -36.28 29.50
CA ILE A 124 -13.39 -34.93 29.81
C ILE A 124 -11.87 -34.92 29.61
N LEU A 125 -11.38 -33.97 28.83
CA LEU A 125 -9.97 -33.87 28.49
C LEU A 125 -9.44 -32.52 28.93
N ILE A 126 -8.45 -32.53 29.83
CA ILE A 126 -7.85 -31.28 30.28
C ILE A 126 -7.01 -30.65 29.17
N LYS A 127 -6.25 -31.47 28.44
CA LYS A 127 -5.41 -30.94 27.38
C LYS A 127 -6.25 -30.33 26.25
N ALA A 128 -7.38 -30.95 25.93
CA ALA A 128 -8.23 -30.44 24.86
C ALA A 128 -8.81 -29.08 25.22
N LYS A 129 -9.23 -28.90 26.48
CA LYS A 129 -9.86 -27.67 26.95
C LYS A 129 -11.07 -27.30 26.09
N ASN A 130 -11.88 -28.31 25.80
CA ASN A 130 -13.06 -28.15 24.95
C ASN A 130 -14.35 -27.99 25.74
N PHE A 131 -14.26 -27.80 27.05
CA PHE A 131 -15.46 -27.55 27.85
C PHE A 131 -15.29 -26.44 28.89
N LEU A 132 -14.10 -25.89 29.08
CA LEU A 132 -13.86 -24.80 30.02
C LEU A 132 -13.53 -23.55 29.22
N VAL A 133 -14.32 -22.49 29.42
CA VAL A 133 -14.09 -21.19 28.80
C VAL A 133 -14.00 -20.17 29.92
N PHE A 134 -12.81 -19.63 30.13
CA PHE A 134 -12.57 -18.70 31.23
C PHE A 134 -13.06 -17.30 30.83
N GLN A 135 -12.73 -16.30 31.64
CA GLN A 135 -13.19 -14.94 31.44
C GLN A 135 -12.19 -14.19 30.58
N GLY A 136 -12.67 -13.61 29.48
CA GLY A 136 -11.85 -12.80 28.61
C GLY A 136 -11.15 -13.55 27.50
N ASP A 137 -11.20 -14.89 27.49
CA ASP A 137 -10.57 -15.68 26.44
C ASP A 137 -11.59 -16.43 25.59
N VAL A 138 -12.84 -15.96 25.57
CA VAL A 138 -13.86 -16.62 24.75
C VAL A 138 -13.57 -16.41 23.27
N GLU A 139 -13.12 -15.22 22.89
CA GLU A 139 -12.84 -14.95 21.49
C GLU A 139 -11.62 -15.73 20.99
N GLN A 140 -10.68 -16.04 21.89
CA GLN A 140 -9.47 -16.73 21.49
C GLN A 140 -9.74 -18.12 20.93
N ILE A 141 -10.93 -18.66 21.17
CA ILE A 141 -11.30 -19.94 20.55
C ILE A 141 -11.38 -19.79 19.03
N ALA A 142 -11.92 -18.67 18.57
CA ALA A 142 -12.09 -18.43 17.14
C ALA A 142 -10.97 -17.60 16.53
N ALA A 143 -10.40 -16.66 17.29
CA ALA A 143 -9.37 -15.78 16.76
C ALA A 143 -7.97 -16.38 16.82
N GLN A 144 -7.82 -17.61 17.31
CA GLN A 144 -6.52 -18.21 17.44
C GLN A 144 -5.93 -18.54 16.06
N SER A 145 -4.62 -18.74 16.03
CA SER A 145 -3.93 -19.10 14.81
C SER A 145 -4.38 -20.48 14.35
N PRO A 146 -4.35 -20.75 13.03
CA PRO A 146 -4.74 -22.08 12.56
C PRO A 146 -3.91 -23.20 13.16
N VAL A 147 -2.64 -22.97 13.50
CA VAL A 147 -1.84 -24.01 14.14
C VAL A 147 -2.40 -24.33 15.52
N GLU A 148 -2.91 -23.32 16.24
CA GLU A 148 -3.52 -23.57 17.54
C GLU A 148 -4.80 -24.40 17.39
N LEU A 149 -5.59 -24.12 16.35
CA LEU A 149 -6.78 -24.93 16.10
C LEU A 149 -6.40 -26.36 15.75
N SER A 150 -5.33 -26.53 14.96
CA SER A 150 -4.88 -27.88 14.63
C SER A 150 -4.43 -28.62 15.89
N ARG A 151 -3.72 -27.94 16.78
CA ARG A 151 -3.31 -28.58 18.04
C ARG A 151 -4.52 -28.94 18.89
N MET A 152 -5.51 -28.05 18.97
CA MET A 152 -6.71 -28.34 19.75
C MET A 152 -7.47 -29.53 19.17
N PHE A 153 -7.57 -29.61 17.85
CA PHE A 153 -8.23 -30.75 17.22
C PHE A 153 -7.43 -32.03 17.42
N GLU A 154 -6.10 -31.94 17.44
CA GLU A 154 -5.28 -33.10 17.78
C GLU A 154 -5.57 -33.58 19.19
N GLU A 155 -5.68 -32.64 20.14
CA GLU A 155 -6.00 -33.00 21.51
C GLU A 155 -7.37 -33.65 21.62
N VAL A 156 -8.37 -33.08 20.93
CA VAL A 156 -9.74 -33.59 21.04
C VAL A 156 -9.86 -34.96 20.38
N SER A 157 -9.31 -35.10 19.17
CA SER A 157 -9.51 -36.32 18.40
C SER A 157 -8.72 -37.50 18.94
N GLY A 158 -7.72 -37.25 19.79
CA GLY A 158 -6.86 -38.31 20.28
C GLY A 158 -5.53 -38.43 19.58
N SER A 159 -5.17 -37.47 18.73
CA SER A 159 -3.87 -37.49 18.08
C SER A 159 -2.72 -37.29 19.05
N ILE A 160 -3.01 -36.90 20.29
CA ILE A 160 -2.02 -36.82 21.35
C ILE A 160 -1.53 -38.23 21.64
N GLN A 161 -0.42 -38.34 22.39
CA GLN A 161 0.38 -39.55 22.60
C GLN A 161 0.83 -40.20 21.28
N TYR A 162 0.73 -39.47 20.17
CA TYR A 162 1.31 -39.88 18.90
C TYR A 162 2.30 -38.87 18.34
N LYS A 163 2.28 -37.62 18.82
CA LYS A 163 3.16 -36.60 18.28
C LYS A 163 4.62 -36.90 18.57
N LYS A 164 4.92 -37.35 19.79
CA LYS A 164 6.30 -37.65 20.15
C LYS A 164 6.86 -38.79 19.30
N GLU A 165 6.09 -39.87 19.18
CA GLU A 165 6.53 -41.00 18.34
C GLU A 165 6.64 -40.58 16.88
N TYR A 166 5.69 -39.76 16.40
CA TYR A 166 5.75 -39.27 15.04
C TYR A 166 7.05 -38.51 14.78
N GLU A 167 7.38 -37.56 15.67
CA GLU A 167 8.57 -36.76 15.48
C GLU A 167 9.84 -37.60 15.61
N GLU A 168 9.86 -38.53 16.56
CA GLU A 168 11.04 -39.39 16.71
C GLU A 168 11.26 -40.25 15.48
N LEU A 169 10.19 -40.83 14.94
CA LEU A 169 10.32 -41.65 13.75
C LEU A 169 10.71 -40.81 12.54
N LYS A 170 10.20 -39.59 12.45
CA LYS A 170 10.59 -38.70 11.35
C LYS A 170 12.08 -38.36 11.43
N GLU A 171 12.57 -38.06 12.63
CA GLU A 171 13.99 -37.78 12.80
C GLU A 171 14.83 -39.00 12.44
N LYS A 172 14.39 -40.19 12.88
CA LYS A 172 15.13 -41.42 12.58
C LYS A 172 15.18 -41.69 11.08
N ILE A 173 14.05 -41.52 10.39
CA ILE A 173 14.00 -41.80 8.97
C ILE A 173 14.82 -40.77 8.21
N GLU A 174 14.80 -39.51 8.64
CA GLU A 174 15.65 -38.50 8.01
C GLU A 174 17.12 -38.82 8.19
N LYS A 175 17.51 -39.24 9.40
CA LYS A 175 18.90 -39.62 9.62
C LYS A 175 19.31 -40.81 8.77
N LEU A 176 18.42 -41.81 8.66
CA LEU A 176 18.72 -42.97 7.84
C LEU A 176 18.86 -42.60 6.37
N SER A 177 17.99 -41.72 5.88
CA SER A 177 18.07 -41.28 4.49
C SER A 177 19.34 -40.49 4.23
N LYS A 178 19.75 -39.67 5.20
CA LYS A 178 20.97 -38.88 5.03
C LYS A 178 22.19 -39.79 4.90
N SER A 179 22.26 -40.84 5.71
CA SER A 179 23.38 -41.78 5.64
C SER A 179 23.35 -42.59 4.36
N ALA A 180 17.33 -53.39 4.60
CA ALA A 180 16.71 -54.37 5.48
C ALA A 180 16.28 -53.72 6.79
N GLU A 181 17.22 -53.08 7.47
CA GLU A 181 16.90 -52.40 8.73
C GLU A 181 15.95 -51.23 8.49
N GLU A 182 16.13 -50.49 7.40
CA GLU A 182 15.30 -49.34 7.12
C GLU A 182 13.88 -49.73 6.73
N LYS A 183 13.67 -50.97 6.25
CA LYS A 183 12.33 -51.39 5.86
C LYS A 183 11.38 -51.40 7.05
N LYS A 184 11.86 -51.87 8.21
CA LYS A 184 11.02 -51.90 9.41
C LYS A 184 10.60 -50.50 9.83
N ILE A 185 11.55 -49.55 9.84
CA ILE A 185 11.20 -48.19 10.24
C ILE A 185 10.29 -47.54 9.22
N LEU A 186 10.48 -47.83 7.91
CA LEU A 186 9.55 -47.34 6.90
C LEU A 186 8.13 -47.84 7.16
N ASN A 187 7.99 -49.14 7.40
CA ASN A 187 6.67 -49.72 7.63
C ASN A 187 6.02 -49.14 8.88
N GLN A 188 6.81 -49.03 9.96
CA GLN A 188 6.26 -48.49 11.21
C GLN A 188 5.84 -47.04 11.05
N PHE A 189 6.67 -46.23 10.35
CA PHE A 189 6.33 -44.84 10.11
C PHE A 189 5.05 -44.72 9.30
N LEU A 190 4.93 -45.52 8.24
CA LEU A 190 3.72 -45.47 7.42
C LEU A 190 2.49 -45.87 8.22
N LYS A 191 2.60 -46.93 9.01
CA LYS A 191 1.45 -47.40 9.80
C LYS A 191 1.03 -46.36 10.83
N ILE A 192 2.00 -45.78 11.54
CA ILE A 192 1.64 -44.80 12.57
C ILE A 192 1.06 -43.54 11.94
N LYS A 193 1.60 -43.11 10.79
CA LYS A 193 1.05 -41.95 10.11
C LYS A 193 -0.37 -42.20 9.65
N LYS A 194 -0.63 -43.37 9.08
CA LYS A 194 -1.98 -43.71 8.64
C LYS A 194 -2.95 -43.76 9.82
N LYS A 195 -2.52 -44.36 10.93
CA LYS A 195 -3.39 -44.44 12.10
C LYS A 195 -3.71 -43.05 12.65
N ARG A 196 -2.70 -42.19 12.75
CA ARG A 196 -2.95 -40.83 13.25
C ARG A 196 -3.85 -40.05 12.31
N LYS A 197 -3.64 -40.18 11.00
CA LYS A 197 -4.48 -39.48 10.04
C LYS A 197 -5.93 -39.94 10.14
N GLU A 198 -6.16 -41.25 10.24
CA GLU A 198 -7.51 -41.75 10.37
C GLU A 198 -8.16 -41.28 11.66
N LEU A 199 -7.42 -41.30 12.76
CA LEU A 199 -7.96 -40.85 14.04
C LEU A 199 -8.33 -39.38 14.00
N PHE A 200 -7.49 -38.55 13.38
CA PHE A 200 -7.81 -37.13 13.25
C PHE A 200 -9.03 -36.91 12.38
N GLU A 201 -9.08 -37.59 11.22
CA GLU A 201 -10.17 -37.37 10.27
C GLU A 201 -11.51 -37.83 10.85
N LYS A 202 -11.52 -38.91 11.62
CA LYS A 202 -12.77 -39.43 12.15
C LYS A 202 -13.51 -38.39 12.98
N THR A 203 -12.77 -37.55 13.72
CA THR A 203 -13.38 -36.48 14.49
C THR A 203 -13.56 -35.21 13.67
N PHE A 204 -12.61 -34.90 12.80
CA PHE A 204 -12.70 -33.66 12.03
C PHE A 204 -13.91 -33.67 11.10
N ASP A 205 -14.21 -34.80 10.47
CA ASP A 205 -15.35 -34.86 9.56
C ASP A 205 -16.65 -34.58 10.30
N TYR A 206 -16.84 -35.22 11.47
CA TYR A 206 -18.05 -34.99 12.25
C TYR A 206 -18.15 -33.54 12.71
N VAL A 207 -17.04 -32.98 13.20
CA VAL A 207 -17.07 -31.59 13.67
C VAL A 207 -17.41 -30.64 12.52
N SER A 208 -16.79 -30.85 11.36
CA SER A 208 -17.07 -30.00 10.21
C SER A 208 -18.52 -30.12 9.77
N ASP A 209 -19.06 -31.34 9.78
CA ASP A 209 -20.45 -31.53 9.36
C ASP A 209 -21.42 -30.83 10.31
N HIS A 210 -21.15 -30.90 11.62
CA HIS A 210 -22.09 -30.33 12.58
C HIS A 210 -21.88 -28.84 12.82
N LEU A 211 -20.72 -28.29 12.45
CA LEU A 211 -20.43 -26.89 12.76
C LEU A 211 -21.38 -25.94 12.04
N ASP A 212 -21.64 -26.19 10.75
CA ASP A 212 -22.51 -25.30 10.00
C ASP A 212 -23.92 -25.31 10.58
N ALA A 213 -24.42 -26.49 10.92
CA ALA A 213 -25.76 -26.59 11.51
C ALA A 213 -25.83 -25.87 12.85
N ILE A 214 -24.81 -26.04 13.70
CA ILE A 214 -24.82 -25.38 15.00
C ILE A 214 -24.77 -23.87 14.85
N TYR A 215 -23.92 -23.37 13.95
CA TYR A 215 -23.83 -21.93 13.76
C TYR A 215 -25.13 -21.36 13.19
N ARG A 216 -25.74 -22.07 12.24
CA ARG A 216 -27.01 -21.62 11.67
C ARG A 216 -28.10 -21.59 12.74
N GLU A 217 -28.13 -22.60 13.61
CA GLU A 217 -29.10 -22.61 14.70
C GLU A 217 -28.85 -21.45 15.66
N LEU A 218 -27.59 -21.16 15.96
CA LEU A 218 -27.27 -20.04 16.84
C LEU A 218 -27.69 -18.71 16.24
N THR A 219 -27.50 -18.55 14.93
CA THR A 219 -27.77 -17.26 14.29
C THR A 219 -29.25 -17.00 14.14
N LYS A 220 -30.04 -18.03 13.84
CA LYS A 220 -31.45 -17.85 13.54
C LYS A 220 -32.21 -17.31 14.75
N ASN A 221 -33.27 -16.56 14.47
CA ASN A 221 -34.12 -16.03 15.54
C ASN A 221 -34.81 -17.17 16.26
N PRO A 222 -34.86 -17.16 17.60
CA PRO A 222 -35.52 -18.25 18.32
C PRO A 222 -37.00 -18.37 18.01
N ASN A 223 -37.69 -17.26 17.73
CA ASN A 223 -39.13 -17.31 17.54
C ASN A 223 -39.50 -18.01 16.23
N SER A 224 -39.04 -17.48 15.11
CA SER A 224 -39.36 -18.01 13.80
C SER A 224 -38.11 -18.60 13.15
N ASN A 225 -38.26 -19.76 12.54
CA ASN A 225 -37.15 -20.45 11.89
C ASN A 225 -37.44 -20.68 10.42
N VAL A 226 -36.38 -20.70 9.62
CA VAL A 226 -36.46 -20.94 8.18
C VAL A 226 -35.42 -21.99 7.80
N GLU A 227 -35.29 -22.25 6.51
CA GLU A 227 -34.27 -23.17 6.01
C GLU A 227 -33.17 -22.48 5.23
N LEU A 228 -33.37 -21.22 4.83
CA LEU A 228 -32.48 -20.54 3.90
C LEU A 228 -31.45 -19.66 4.59
N ALA A 229 -31.89 -18.69 5.39
CA ALA A 229 -31.01 -17.64 5.89
C ALA A 229 -30.50 -17.93 7.29
N GLY A 230 -29.39 -17.30 7.64
CA GLY A 230 -28.83 -17.37 8.98
C GLY A 230 -27.50 -18.07 9.09
N GLY A 231 -26.42 -17.29 9.16
CA GLY A 231 -25.09 -17.80 9.46
C GLY A 231 -24.46 -18.66 8.39
N ASN A 232 -23.14 -18.78 8.43
CA ASN A 232 -22.42 -19.69 7.53
C ASN A 232 -21.09 -20.06 8.17
N ALA A 233 -20.93 -21.33 8.53
CA ALA A 233 -19.71 -21.79 9.18
C ALA A 233 -19.12 -22.98 8.44
N SER A 234 -17.80 -23.09 8.48
CA SER A 234 -17.10 -24.20 7.83
C SER A 234 -15.70 -24.33 8.41
N LEU A 235 -15.09 -25.48 8.16
CA LEU A 235 -13.71 -25.75 8.55
C LEU A 235 -12.98 -26.36 7.35
N THR A 236 -11.78 -25.85 7.06
CA THR A 236 -10.99 -26.32 5.93
C THR A 236 -9.60 -26.68 6.41
N ILE A 237 -9.02 -27.69 5.78
CA ILE A 237 -7.65 -28.14 6.09
C ILE A 237 -6.71 -27.67 4.98
N GLU A 238 -5.59 -27.07 5.38
CA GLU A 238 -4.64 -26.56 4.40
C GLU A 238 -3.90 -27.69 3.69
N ASP A 239 -3.50 -28.71 4.43
CA ASP A 239 -2.76 -29.85 3.88
C ASP A 239 -3.60 -31.11 4.11
N GLU A 240 -4.08 -31.71 3.01
CA GLU A 240 -4.93 -32.88 3.12
C GLU A 240 -4.15 -34.14 3.46
N ASP A 241 -2.88 -34.22 3.05
CA ASP A 241 -2.08 -35.40 3.35
C ASP A 241 -1.73 -35.47 4.83
N GLU A 242 -1.39 -34.34 5.44
CA GLU A 242 -1.00 -34.27 6.85
C GLU A 242 -1.86 -33.21 7.52
N PRO A 243 -3.12 -33.53 7.83
CA PRO A 243 -3.99 -32.52 8.46
C PRO A 243 -3.52 -32.08 9.84
N PHE A 244 -2.70 -32.89 10.52
CA PHE A 244 -2.21 -32.55 11.85
C PHE A 244 -0.92 -31.76 11.83
N ASN A 245 -0.17 -31.79 10.73
CA ASN A 245 1.06 -31.01 10.61
C ASN A 245 0.83 -29.59 10.11
N ALA A 246 -0.38 -29.25 9.71
CA ALA A 246 -0.70 -27.92 9.21
C ALA A 246 -1.98 -27.43 9.87
N GLY A 247 -2.10 -26.10 9.96
CA GLY A 247 -3.25 -25.50 10.58
C GLY A 247 -4.51 -25.65 9.75
N ILE A 248 -5.63 -25.36 10.38
CA ILE A 248 -6.95 -25.43 9.76
C ILE A 248 -7.61 -24.05 9.83
N LYS A 249 -8.28 -23.67 8.76
CA LYS A 249 -8.96 -22.39 8.67
C LYS A 249 -10.43 -22.55 9.07
N TYR A 250 -10.90 -21.65 9.94
CA TYR A 250 -12.27 -21.67 10.43
C TYR A 250 -13.01 -20.48 9.83
N HIS A 251 -14.05 -20.77 9.07
CA HIS A 251 -14.86 -19.76 8.41
C HIS A 251 -16.15 -19.54 9.19
N ALA A 252 -16.39 -18.28 9.56
CA ALA A 252 -17.65 -17.86 10.19
C ALA A 252 -18.12 -16.58 9.53
N THR A 253 -19.37 -16.57 9.07
CA THR A 253 -19.93 -15.44 8.33
C THR A 253 -21.31 -15.15 8.88
N PRO A 254 -21.56 -13.94 9.38
CA PRO A 254 -22.90 -13.55 9.82
C PRO A 254 -23.85 -13.48 8.65
N PRO A 255 -25.16 -13.62 8.89
CA PRO A 255 -26.10 -13.76 7.76
C PRO A 255 -26.14 -12.56 6.82
N LEU A 256 -26.01 -11.35 7.34
CA LEU A 256 -26.17 -10.15 6.53
C LEU A 256 -24.88 -9.67 5.88
N LYS A 257 -23.74 -10.23 6.26
CA LYS A 257 -22.46 -9.81 5.72
C LYS A 257 -21.87 -10.91 4.83
N ARG A 258 -20.73 -10.60 4.22
CA ARG A 258 -20.04 -11.53 3.33
C ARG A 258 -18.72 -11.95 3.97
N PHE A 259 -18.14 -13.01 3.42
CA PHE A 259 -16.89 -13.54 3.95
C PHE A 259 -15.77 -12.54 3.72
N LYS A 260 -15.15 -12.08 4.80
CA LYS A 260 -14.00 -11.18 4.69
C LYS A 260 -12.73 -11.81 5.23
N ASP A 261 -12.71 -12.19 6.51
CA ASP A 261 -11.65 -12.98 7.11
C ASP A 261 -12.00 -13.24 8.57
N MET A 262 -11.20 -14.03 9.28
CA MET A 262 -11.56 -14.44 10.63
C MET A 262 -11.46 -13.27 11.61
N GLU A 263 -10.35 -12.53 11.61
CA GLU A 263 -10.15 -11.50 12.61
C GLU A 263 -10.81 -10.18 12.27
N TYR A 264 -11.42 -10.05 11.10
CA TYR A 264 -12.17 -8.83 10.79
C TYR A 264 -13.56 -8.82 11.39
N LEU A 265 -13.98 -9.92 12.01
CA LEU A 265 -15.31 -9.99 12.62
C LEU A 265 -15.37 -9.13 13.87
N SER A 266 -16.60 -8.79 14.26
CA SER A 266 -16.83 -8.00 15.45
C SER A 266 -16.54 -8.80 16.70
N GLY A 267 -16.52 -8.11 17.85
CA GLY A 267 -16.35 -8.80 19.11
C GLY A 267 -17.50 -9.75 19.41
N GLY A 268 -18.74 -9.26 19.24
CA GLY A 268 -19.89 -10.13 19.43
C GLY A 268 -19.96 -11.24 18.40
N GLU A 269 -19.68 -10.92 17.14
CA GLU A 269 -19.65 -11.95 16.10
C GLU A 269 -18.55 -12.97 16.38
N LYS A 270 -17.39 -12.51 16.85
CA LYS A 270 -16.31 -13.43 17.19
C LYS A 270 -16.70 -14.33 18.35
N THR A 271 -17.37 -13.79 19.36
CA THR A 271 -17.82 -14.61 20.49
C THR A 271 -18.83 -15.67 20.02
N VAL A 272 -19.77 -15.27 19.17
CA VAL A 272 -20.77 -16.22 18.67
C VAL A 272 -20.10 -17.31 17.85
N ALA A 273 -19.15 -16.93 16.99
CA ALA A 273 -18.43 -17.92 16.18
C ALA A 273 -17.63 -18.87 17.07
N ALA A 274 -16.99 -18.34 18.10
CA ALA A 274 -16.22 -19.18 19.01
C ALA A 274 -17.12 -20.15 19.76
N LEU A 275 -18.29 -19.69 20.21
CA LEU A 275 -19.22 -20.57 20.89
C LEU A 275 -19.71 -21.67 19.95
N ALA A 276 -20.02 -21.32 18.71
CA ALA A 276 -20.46 -22.32 17.74
C ALA A 276 -19.37 -23.35 17.49
N LEU A 277 -18.12 -22.89 17.34
CA LEU A 277 -17.00 -23.81 17.12
C LEU A 277 -16.80 -24.72 18.33
N LEU A 278 -16.92 -24.16 19.55
CA LEU A 278 -16.77 -24.96 20.74
C LEU A 278 -17.83 -26.05 20.83
N PHE A 279 -19.09 -25.68 20.55
CA PHE A 279 -20.17 -26.66 20.57
C PHE A 279 -19.96 -27.73 19.51
N ALA A 280 -19.53 -27.33 18.31
CA ALA A 280 -19.27 -28.30 17.25
C ALA A 280 -18.14 -29.25 17.65
N ILE A 281 -17.09 -28.73 18.27
CA ILE A 281 -15.98 -29.58 18.69
C ILE A 281 -16.43 -30.57 19.76
N ASN A 282 -17.20 -30.11 20.73
CA ASN A 282 -17.58 -30.99 21.83
C ASN A 282 -18.75 -31.91 21.45
N SER A 283 -19.39 -31.66 20.31
CA SER A 283 -20.50 -32.51 19.88
C SER A 283 -20.06 -33.96 19.64
N TYR A 284 -18.87 -34.14 19.07
CA TYR A 284 -18.42 -35.49 18.72
C TYR A 284 -18.31 -36.38 19.96
N GLN A 285 -17.74 -35.85 21.05
CA GLN A 285 -17.64 -36.56 22.32
C GLN A 285 -18.26 -35.68 23.38
N PRO A 286 -19.59 -35.77 23.56
CA PRO A 286 -20.28 -34.83 24.46
C PRO A 286 -19.77 -34.90 25.89
N SER A 287 -19.18 -33.80 26.36
CA SER A 287 -18.74 -33.72 27.74
C SER A 287 -19.96 -33.69 28.67
N PRO A 288 -19.81 -34.19 29.89
CA PRO A 288 -20.95 -34.18 30.82
C PRO A 288 -21.48 -32.78 31.13
N PHE A 289 -20.62 -31.76 31.09
CA PHE A 289 -21.07 -30.42 31.44
C PHE A 289 -20.21 -29.38 30.73
N PHE A 290 -20.88 -28.32 30.26
CA PHE A 290 -20.22 -27.12 29.76
C PHE A 290 -20.06 -26.11 30.89
N VAL A 291 -18.91 -25.47 30.94
CA VAL A 291 -18.62 -24.41 31.90
C VAL A 291 -18.28 -23.14 31.12
N LEU A 292 -19.09 -22.10 31.28
CA LEU A 292 -18.88 -20.83 30.61
C LEU A 292 -18.78 -19.73 31.65
N ASP A 293 -17.78 -18.87 31.51
CA ASP A 293 -17.52 -17.84 32.53
C ASP A 293 -18.22 -16.52 32.19
N GLN A 294 -17.82 -15.89 31.08
CA GLN A 294 -18.47 -14.65 30.64
C GLN A 294 -18.54 -14.60 29.13
N VAL A 295 -18.98 -15.70 28.50
CA VAL A 295 -19.02 -15.80 27.05
C VAL A 295 -19.89 -14.70 26.42
N ASP A 296 -20.76 -14.06 27.20
CA ASP A 296 -21.64 -13.01 26.70
C ASP A 296 -21.18 -11.62 27.11
N ALA A 297 -19.87 -11.38 27.15
CA ALA A 297 -19.36 -10.09 27.60
C ALA A 297 -19.66 -8.99 26.60
N ALA A 298 -19.38 -9.23 25.32
CA ALA A 298 -19.53 -8.22 24.27
C ALA A 298 -20.81 -8.39 23.46
N LEU A 299 -21.71 -9.27 23.87
CA LEU A 299 -22.92 -9.53 23.12
C LEU A 299 -23.97 -8.47 23.38
N ASP A 300 -24.86 -8.28 22.40
CA ASP A 300 -25.98 -7.36 22.52
C ASP A 300 -27.17 -8.09 23.15
N ILE A 301 -28.29 -7.37 23.30
CA ILE A 301 -29.47 -7.96 23.92
C ILE A 301 -30.02 -9.10 23.06
N THR A 302 -30.08 -8.90 21.74
CA THR A 302 -30.57 -9.96 20.87
C THR A 302 -29.63 -11.16 20.89
N ASN A 303 -28.31 -10.92 20.96
CA ASN A 303 -27.36 -12.02 20.96
C ASN A 303 -27.44 -12.82 22.25
N VAL A 304 -27.55 -12.15 23.40
CA VAL A 304 -27.67 -12.90 24.66
C VAL A 304 -29.00 -13.64 24.71
N GLN A 305 -30.05 -13.04 24.15
CA GLN A 305 -31.32 -13.75 24.07
C GLN A 305 -31.22 -15.01 23.22
N ARG A 306 -30.53 -14.92 22.08
CA ARG A 306 -30.33 -16.10 21.23
C ARG A 306 -29.50 -17.15 21.94
N ILE A 307 -28.46 -16.73 22.66
CA ILE A 307 -27.61 -17.68 23.38
C ILE A 307 -28.41 -18.40 24.46
N ALA A 308 -29.22 -17.64 25.21
CA ALA A 308 -30.04 -18.25 26.26
C ALA A 308 -31.06 -19.22 25.65
N ALA A 309 -31.66 -18.84 24.53
CA ALA A 309 -32.60 -19.74 23.86
C ALA A 309 -31.93 -21.03 23.41
N TYR A 310 -30.72 -20.92 22.84
CA TYR A 310 -30.00 -22.10 22.42
C TYR A 310 -29.66 -22.99 23.60
N ILE A 311 -29.22 -22.39 24.71
CA ILE A 311 -28.88 -23.18 25.88
C ILE A 311 -30.12 -23.90 26.43
N ARG A 312 -31.25 -23.20 26.49
CA ARG A 312 -32.48 -23.84 26.94
C ARG A 312 -32.89 -24.98 26.01
N ARG A 313 -32.77 -24.77 24.70
CA ARG A 313 -33.16 -25.81 23.75
C ARG A 313 -32.27 -27.04 23.84
N HIS A 314 -30.96 -26.85 24.02
CA HIS A 314 -30.01 -27.95 23.98
C HIS A 314 -29.69 -28.52 25.35
N ARG A 315 -30.31 -28.02 26.41
CA ARG A 315 -30.09 -28.58 27.74
C ARG A 315 -30.85 -29.89 27.90
N ASN A 316 -30.26 -30.79 28.68
CA ASN A 316 -30.86 -32.09 28.98
C ASN A 316 -30.11 -32.70 30.16
N PRO A 317 -30.70 -33.71 30.81
CA PRO A 317 -29.98 -34.35 31.93
C PRO A 317 -28.65 -34.97 31.53
N ASP A 318 -28.49 -35.36 30.26
CA ASP A 318 -27.24 -35.94 29.81
C ASP A 318 -26.15 -34.89 29.63
N LEU A 319 -26.51 -33.68 29.21
CA LEU A 319 -25.56 -32.61 28.95
C LEU A 319 -25.92 -31.41 29.83
N GLN A 320 -25.13 -31.17 30.87
CA GLN A 320 -25.38 -30.09 31.81
C GLN A 320 -24.70 -28.81 31.33
N PHE A 321 -25.29 -27.67 31.70
CA PHE A 321 -24.74 -26.36 31.36
C PHE A 321 -24.62 -25.54 32.64
N ILE A 322 -23.46 -24.94 32.85
CA ILE A 322 -23.27 -23.98 33.93
C ILE A 322 -22.59 -22.74 33.35
N VAL A 323 -23.21 -21.58 33.57
CA VAL A 323 -22.72 -20.31 33.04
C VAL A 323 -22.72 -19.28 34.16
N ILE A 324 -21.69 -18.44 34.17
CA ILE A 324 -21.63 -17.28 35.03
C ILE A 324 -22.02 -16.07 34.19
N SER A 325 -22.73 -15.13 34.80
CA SER A 325 -23.16 -13.94 34.07
C SER A 325 -23.47 -12.82 35.03
N LEU A 326 -23.41 -11.60 34.50
CA LEU A 326 -23.84 -10.41 35.22
C LEU A 326 -24.99 -9.70 34.53
N LYS A 327 -25.33 -10.07 33.30
CA LYS A 327 -26.48 -9.51 32.61
C LYS A 327 -27.75 -10.09 33.19
N ASN A 328 -28.72 -9.22 33.51
CA ASN A 328 -29.97 -9.67 34.10
C ASN A 328 -30.74 -10.59 33.15
N THR A 329 -30.74 -10.29 31.86
CA THR A 329 -31.49 -11.06 30.89
C THR A 329 -30.87 -12.42 30.59
N MET A 330 -29.66 -12.69 31.07
CA MET A 330 -28.98 -13.93 30.74
C MET A 330 -29.37 -15.08 31.66
N PHE A 331 -29.35 -14.85 32.98
CA PHE A 331 -29.65 -15.92 33.93
C PHE A 331 -31.14 -16.05 34.23
N GLU A 332 -31.99 -15.28 33.54
CA GLU A 332 -33.43 -15.49 33.67
C GLU A 332 -33.83 -16.86 33.14
N LYS A 333 -33.18 -17.31 32.07
CA LYS A 333 -33.51 -18.57 31.43
C LYS A 333 -32.92 -19.78 32.15
N SER A 334 -32.08 -19.56 33.16
CA SER A 334 -31.47 -20.67 33.87
C SER A 334 -32.48 -21.42 34.71
N ASP A 335 -32.22 -22.70 34.93
CA ASP A 335 -33.09 -23.53 35.76
C ASP A 335 -32.91 -23.24 37.25
N ALA A 336 -31.70 -22.84 37.65
CA ALA A 336 -31.42 -22.54 39.04
C ALA A 336 -30.45 -21.39 39.14
N LEU A 337 -30.55 -20.63 40.23
CA LEU A 337 -29.65 -19.53 40.55
C LEU A 337 -28.83 -19.92 41.76
N VAL A 338 -27.50 -19.87 41.62
CA VAL A 338 -26.60 -19.98 42.76
C VAL A 338 -25.87 -18.65 42.91
N GLY A 339 -26.07 -17.99 44.04
CA GLY A 339 -25.55 -16.66 44.27
C GLY A 339 -24.43 -16.67 45.28
N VAL A 340 -23.41 -15.85 45.03
CA VAL A 340 -22.27 -15.73 45.91
C VAL A 340 -22.16 -14.29 46.39
N TYR A 341 -22.02 -14.11 47.70
CA TYR A 341 -21.88 -12.79 48.28
C TYR A 341 -20.76 -12.79 49.31
N ARG A 342 -20.00 -11.70 49.34
CA ARG A 342 -18.84 -11.59 50.21
C ARG A 342 -19.26 -11.01 51.56
N GLN A 343 -19.03 -11.78 52.62
CA GLN A 343 -19.27 -11.31 53.98
C GLN A 343 -17.99 -10.68 54.52
N GLN A 344 -18.07 -9.39 54.86
CA GLN A 344 -16.90 -8.66 55.33
C GLN A 344 -16.54 -8.98 56.77
N GLN A 345 -17.54 -9.26 57.61
CA GLN A 345 -17.26 -9.55 59.02
C GLN A 345 -16.37 -10.78 59.15
N GLU A 346 -16.69 -11.85 58.42
CA GLU A 346 -15.85 -13.04 58.37
C GLU A 346 -14.86 -12.99 57.20
N ASN A 347 -15.02 -12.02 56.29
CA ASN A 347 -14.16 -11.88 55.12
C ASN A 347 -14.12 -13.17 54.30
N SER A 348 -15.31 -13.72 54.05
CA SER A 348 -15.44 -14.97 53.31
C SER A 348 -16.44 -14.77 52.18
N SER A 349 -16.71 -15.85 51.44
CA SER A 349 -17.64 -15.82 50.31
C SER A 349 -18.73 -16.85 50.58
N LYS A 350 -19.88 -16.37 51.06
CA LYS A 350 -21.01 -17.26 51.33
C LYS A 350 -21.82 -17.49 50.05
N ILE A 351 -22.50 -18.64 50.01
CA ILE A 351 -23.17 -19.12 48.81
C ILE A 351 -24.59 -19.53 49.18
N ILE A 352 -25.56 -19.09 48.37
CA ILE A 352 -26.96 -19.42 48.60
C ILE A 352 -27.62 -19.84 47.30
N THR A 353 -28.79 -20.46 47.43
CA THR A 353 -29.58 -20.95 46.29
C THR A 353 -30.99 -21.22 46.77
N LEU A 354 -31.99 -20.69 46.05
CA LEU A 354 -33.39 -20.91 46.41
C LEU A 354 -34.13 -21.75 45.37
N ASP A 355 -34.35 -21.22 44.16
CA ASP A 355 -35.04 -21.94 43.10
C ASP A 355 -35.23 -21.09 41.84
N LEU A 356 -35.45 -21.74 40.70
CA LEU A 356 -36.13 -21.12 39.56
C LEU A 356 -37.06 -22.08 38.82
N SER A 357 -37.20 -23.32 39.27
CA SER A 357 -37.99 -24.30 38.51
C SER A 357 -39.48 -24.02 38.63
N ASN A 358 -39.94 -23.68 39.83
CA ASN A 358 -41.37 -23.49 40.08
C ASN A 358 -41.86 -22.10 39.73
N TYR A 359 -40.99 -21.21 39.27
CA TYR A 359 -41.40 -19.87 38.87
C TYR A 359 -41.83 -19.86 37.42
N ALA A 360 -42.75 -18.94 37.09
CA ALA A 360 -43.27 -18.82 35.75
C ALA A 360 -42.21 -18.27 34.79
N GLY B 1 -6.91 22.05 24.94
CA GLY B 1 -6.20 20.99 24.25
C GLY B 1 -6.52 20.93 22.77
N PRO B 2 -5.93 19.97 22.06
CA PRO B 2 -6.23 19.82 20.63
C PRO B 2 -7.70 19.66 20.32
N TYR B 3 -8.45 18.91 21.13
CA TYR B 3 -9.90 18.85 21.05
C TYR B 3 -10.37 18.41 19.65
N ILE B 4 -10.14 17.13 19.38
CA ILE B 4 -10.67 16.50 18.16
C ILE B 4 -12.12 16.94 17.94
N LYS B 5 -12.41 17.39 16.74
CA LYS B 5 -13.69 18.03 16.43
C LYS B 5 -14.44 17.41 15.27
N ARG B 6 -13.75 16.99 14.21
CA ARG B 6 -14.42 16.37 13.07
C ARG B 6 -13.63 15.17 12.58
N VAL B 7 -14.36 14.17 12.08
CA VAL B 7 -13.76 12.98 11.49
C VAL B 7 -14.42 12.72 10.14
N ILE B 8 -13.60 12.57 9.10
CA ILE B 8 -14.09 12.30 7.76
C ILE B 8 -13.49 10.97 7.32
N ILE B 9 -14.34 10.01 6.97
CA ILE B 9 -13.91 8.66 6.61
C ILE B 9 -14.45 8.33 5.22
N LYS B 10 -13.59 7.78 4.36
CA LYS B 10 -13.99 7.45 3.00
C LYS B 10 -13.30 6.16 2.59
N GLY B 11 -14.07 5.06 2.55
CA GLY B 11 -13.54 3.80 2.10
C GLY B 11 -12.73 3.02 3.12
N PHE B 12 -12.66 3.50 4.37
CA PHE B 12 -11.86 2.83 5.40
C PHE B 12 -12.69 1.71 6.02
N LYS B 13 -12.83 0.64 5.24
CA LYS B 13 -13.24 -0.71 5.63
C LYS B 13 -14.66 -0.80 6.15
N THR B 14 -15.32 0.34 6.37
CA THR B 14 -16.75 0.29 6.67
C THR B 14 -17.49 1.48 6.07
N TYR B 15 -16.79 2.37 5.37
CA TYR B 15 -17.31 3.68 5.00
C TYR B 15 -17.03 3.97 3.54
N ARG B 16 -17.42 3.01 2.67
CA ARG B 16 -17.28 3.16 1.23
C ARG B 16 -17.62 4.57 0.75
N ASN B 17 -18.73 5.12 1.22
CA ASN B 17 -19.09 6.50 0.95
C ASN B 17 -18.56 7.41 2.06
N GLU B 18 -18.28 8.65 1.69
CA GLU B 18 -17.72 9.61 2.66
C GLU B 18 -18.71 9.86 3.79
N THR B 19 -18.20 9.80 5.02
CA THR B 19 -18.98 10.03 6.22
C THR B 19 -18.28 11.08 7.06
N ILE B 20 -19.04 12.08 7.50
CA ILE B 20 -18.51 13.19 8.29
C ILE B 20 -19.22 13.17 9.64
N ILE B 21 -18.43 13.14 10.72
CA ILE B 21 -18.93 13.18 12.08
C ILE B 21 -18.38 14.43 12.74
N ASP B 22 -19.27 15.27 13.26
CA ASP B 22 -18.90 16.54 13.87
C ASP B 22 -19.67 16.71 15.17
N ASN B 23 -19.44 17.86 15.83
CA ASN B 23 -20.08 18.20 17.10
C ASN B 23 -19.77 17.13 18.16
N PHE B 24 -18.49 17.05 18.50
CA PHE B 24 -17.98 15.99 19.35
C PHE B 24 -18.06 16.30 20.84
N SER B 25 -18.63 17.44 21.23
CA SER B 25 -18.88 17.74 22.64
C SER B 25 -17.62 17.63 23.48
N PRO B 26 -16.73 18.63 23.44
CA PRO B 26 -15.43 18.53 24.12
C PRO B 26 -15.45 17.95 25.53
N HIS B 27 -16.58 18.08 26.23
CA HIS B 27 -16.69 17.51 27.57
C HIS B 27 -16.77 15.99 27.51
N GLN B 28 -17.81 15.46 26.88
CA GLN B 28 -17.99 14.02 26.80
C GLN B 28 -18.97 13.69 25.68
N ASN B 29 -18.76 12.55 25.04
CA ASN B 29 -19.65 12.06 24.00
C ASN B 29 -19.59 10.55 23.97
N VAL B 30 -20.74 9.92 23.73
CA VAL B 30 -20.88 8.47 23.78
C VAL B 30 -21.39 7.97 22.43
N ILE B 31 -20.73 6.94 21.89
CA ILE B 31 -21.10 6.33 20.63
C ILE B 31 -21.64 4.93 20.90
N ILE B 32 -22.79 4.61 20.31
CA ILE B 32 -23.50 3.36 20.56
C ILE B 32 -23.89 2.72 19.25
N GLY B 33 -24.28 1.45 19.34
CA GLY B 33 -24.68 0.68 18.17
C GLY B 33 -25.00 -0.76 18.53
N SER B 34 -24.83 -1.68 17.58
CA SER B 34 -25.10 -3.09 17.79
C SER B 34 -23.90 -3.90 17.33
N ASN B 35 -23.97 -5.21 17.52
CA ASN B 35 -22.90 -6.09 17.07
C ASN B 35 -22.85 -6.11 15.55
N GLY B 36 -21.65 -5.92 15.01
CA GLY B 36 -21.48 -5.84 13.57
C GLY B 36 -21.78 -4.48 12.97
N SER B 37 -22.18 -3.50 13.79
CA SER B 37 -22.53 -2.19 13.26
C SER B 37 -21.32 -1.46 12.72
N GLY B 38 -20.24 -1.40 13.51
CA GLY B 38 -19.02 -0.76 13.06
C GLY B 38 -18.58 0.42 13.89
N LYS B 39 -19.05 0.52 15.14
CA LYS B 39 -18.59 1.59 16.01
C LYS B 39 -17.16 1.41 16.46
N SER B 40 -16.64 0.18 16.43
CA SER B 40 -15.22 -0.03 16.71
C SER B 40 -14.35 0.39 15.54
N ASN B 41 -14.89 0.38 14.32
CA ASN B 41 -14.10 0.81 13.18
C ASN B 41 -13.86 2.31 13.18
N PHE B 42 -14.74 3.09 13.82
CA PHE B 42 -14.49 4.51 14.00
C PHE B 42 -13.26 4.75 14.87
N PHE B 43 -13.16 4.03 15.99
CA PHE B 43 -11.97 4.10 16.81
C PHE B 43 -10.75 3.56 16.08
N ALA B 44 -10.94 2.52 15.26
CA ALA B 44 -9.83 2.02 14.46
C ALA B 44 -9.32 3.08 13.49
N ALA B 45 -10.22 3.83 12.87
CA ALA B 45 -9.80 4.92 11.98
C ALA B 45 -9.05 6.00 12.76
N ILE B 46 -9.56 6.37 13.94
CA ILE B 46 -8.87 7.38 14.74
C ILE B 46 -7.46 6.90 15.09
N ARG B 47 -7.32 5.63 15.48
CA ARG B 47 -6.00 5.08 15.76
C ARG B 47 -5.13 5.09 14.51
N PHE B 48 -5.71 4.76 13.35
CA PHE B 48 -4.94 4.64 12.12
C PHE B 48 -4.42 6.00 11.68
N VAL B 49 -5.14 7.08 12.00
CA VAL B 49 -4.65 8.42 11.69
C VAL B 49 -3.50 8.79 12.64
N LEU B 50 -3.79 8.85 13.93
CA LEU B 50 -2.85 9.42 14.89
C LEU B 50 -1.80 8.39 15.32
N SER B 51 -2.23 7.32 15.99
CA SER B 51 -1.30 6.32 16.47
C SER B 51 -0.62 5.61 15.30
N ASP B 52 0.61 5.15 15.54
CA ASP B 52 1.39 4.46 14.53
C ASP B 52 1.32 2.93 14.70
N ASP B 53 0.20 2.42 15.20
CA ASP B 53 0.02 0.98 15.27
C ASP B 53 0.04 0.35 13.89
N TYR B 54 -0.51 1.05 12.90
CA TYR B 54 -0.44 0.62 11.50
C TYR B 54 0.79 1.21 10.80
N SER B 55 1.96 1.02 11.41
CA SER B 55 3.18 1.59 10.86
C SER B 55 3.61 0.86 9.59
N ASN B 56 3.92 -0.43 9.73
CA ASN B 56 4.33 -1.25 8.60
C ASN B 56 3.16 -2.13 8.18
N LEU B 57 2.68 -1.91 6.95
CA LEU B 57 1.50 -2.59 6.43
C LEU B 57 1.91 -3.52 5.31
N LYS B 58 1.59 -4.80 5.45
CA LYS B 58 1.82 -5.76 4.38
C LYS B 58 0.70 -5.67 3.35
N ARG B 59 0.80 -6.47 2.29
CA ARG B 59 -0.23 -6.46 1.26
C ARG B 59 -1.57 -6.90 1.82
N GLU B 60 -1.57 -7.96 2.65
CA GLU B 60 -2.81 -8.44 3.24
C GLU B 60 -3.42 -7.41 4.18
N GLU B 61 -2.58 -6.78 5.00
CA GLU B 61 -3.08 -5.74 5.91
C GLU B 61 -3.61 -4.54 5.14
N ARG B 62 -2.92 -4.15 4.07
CA ARG B 62 -3.40 -3.06 3.24
C ARG B 62 -4.74 -3.40 2.60
N GLN B 63 -4.89 -4.62 2.10
CA GLN B 63 -6.17 -5.04 1.52
C GLN B 63 -7.27 -5.03 2.58
N GLY B 64 -6.95 -5.47 3.80
CA GLY B 64 -7.94 -5.44 4.87
C GLY B 64 -8.34 -4.04 5.27
N LEU B 65 -7.41 -3.09 5.23
CA LEU B 65 -7.74 -1.71 5.59
C LEU B 65 -8.73 -1.09 4.61
N ILE B 66 -8.57 -1.36 3.31
CA ILE B 66 -9.47 -0.82 2.31
C ILE B 66 -10.81 -1.55 2.36
N HIS B 67 -11.86 -0.85 1.97
CA HIS B 67 -13.22 -1.41 2.00
C HIS B 67 -13.33 -2.58 1.04
N GLN B 68 -13.75 -3.74 1.55
CA GLN B 68 -13.95 -4.94 0.75
C GLN B 68 -15.43 -5.23 0.62
N GLY B 69 -15.88 -5.49 -0.60
CA GLY B 69 -17.27 -5.78 -0.85
C GLY B 69 -18.03 -4.58 -1.40
N SER B 70 -18.20 -4.55 -2.71
CA SER B 70 -18.80 -3.41 -3.40
C SER B 70 -19.11 -3.85 -4.83
N GLY B 71 -19.44 -2.87 -5.68
CA GLY B 71 -19.59 -3.12 -7.10
C GLY B 71 -18.28 -2.83 -7.80
N GLY B 72 -18.20 -1.67 -8.47
CA GLY B 72 -16.91 -1.22 -8.98
C GLY B 72 -15.92 -1.06 -7.84
N SER B 73 -14.68 -1.46 -8.09
CA SER B 73 -13.67 -1.53 -7.03
C SER B 73 -13.42 -0.15 -6.43
N VAL B 74 -13.36 -0.09 -5.11
CA VAL B 74 -13.00 1.11 -4.37
C VAL B 74 -11.64 0.90 -3.73
N MET B 75 -10.75 1.87 -3.89
CA MET B 75 -9.39 1.77 -3.37
C MET B 75 -9.05 3.07 -2.65
N SER B 76 -7.85 3.11 -2.08
CA SER B 76 -7.31 4.32 -1.44
C SER B 76 -8.22 4.81 -0.32
N ALA B 77 -8.34 3.99 0.72
CA ALA B 77 -9.08 4.40 1.90
C ALA B 77 -8.45 5.65 2.50
N SER B 78 -9.26 6.70 2.66
CA SER B 78 -8.78 8.00 3.08
C SER B 78 -9.55 8.47 4.29
N VAL B 79 -8.82 8.84 5.34
CA VAL B 79 -9.45 9.27 6.60
C VAL B 79 -8.72 10.50 7.13
N GLU B 80 -9.50 11.48 7.57
CA GLU B 80 -9.01 12.77 8.03
C GLU B 80 -9.61 13.11 9.38
N ILE B 81 -8.81 13.76 10.22
CA ILE B 81 -9.25 14.25 11.52
C ILE B 81 -8.96 15.75 11.61
N VAL B 82 -9.96 16.53 12.00
CA VAL B 82 -9.86 17.96 12.15
C VAL B 82 -9.98 18.30 13.63
N PHE B 83 -8.93 18.92 14.18
CA PHE B 83 -8.90 19.32 15.58
C PHE B 83 -9.47 20.72 15.74
N HIS B 84 -9.38 21.26 16.96
CA HIS B 84 -9.74 22.65 17.22
C HIS B 84 -8.94 23.11 18.43
N ASP B 85 -7.84 23.82 18.18
CA ASP B 85 -6.99 24.32 19.25
C ASP B 85 -7.00 25.84 19.28
N PRO B 86 -7.71 26.48 20.22
CA PRO B 86 -7.62 27.94 20.34
C PRO B 86 -6.21 28.44 20.59
N ASP B 87 -5.41 27.68 21.33
CA ASP B 87 -4.01 28.00 21.55
C ASP B 87 -3.19 27.43 20.38
N HIS B 88 -1.87 27.43 20.54
CA HIS B 88 -1.00 26.89 19.50
C HIS B 88 -0.17 25.73 20.04
N SER B 89 -0.82 24.81 20.76
CA SER B 89 -0.10 23.66 21.30
C SER B 89 0.47 22.79 20.19
N MET B 90 -0.25 22.65 19.07
CA MET B 90 0.24 21.90 17.93
C MET B 90 1.22 22.76 17.15
N ILE B 91 2.50 22.40 17.18
CA ILE B 91 3.54 23.18 16.52
C ILE B 91 3.56 22.79 15.04
N LEU B 92 3.18 23.75 14.18
CA LEU B 92 3.18 23.50 12.75
C LEU B 92 4.60 23.47 12.22
N PRO B 93 4.82 22.86 11.05
CA PRO B 93 6.16 22.87 10.44
C PRO B 93 6.58 24.26 9.98
N SER B 94 7.77 24.34 9.37
CA SER B 94 8.33 25.63 8.98
C SER B 94 7.38 26.40 8.06
N GLY B 95 7.10 25.85 6.88
CA GLY B 95 6.15 26.47 5.98
C GLY B 95 4.99 25.56 5.63
N VAL B 96 3.80 25.89 6.12
CA VAL B 96 2.62 25.07 5.87
C VAL B 96 1.42 25.97 5.58
N LEU B 97 1.54 27.25 5.95
CA LEU B 97 0.43 28.21 5.85
C LEU B 97 -0.77 27.72 6.66
N SER B 98 -0.59 27.71 7.99
CA SER B 98 -1.60 27.20 8.89
C SER B 98 -2.92 27.96 8.72
N ARG B 99 -4.03 27.21 8.75
CA ARG B 99 -5.34 27.79 8.55
C ARG B 99 -5.70 28.75 9.68
N GLY B 100 -6.48 29.77 9.34
CA GLY B 100 -6.94 30.76 10.29
C GLY B 100 -8.19 30.39 11.05
N ASP B 101 -8.70 29.18 10.87
CA ASP B 101 -9.92 28.72 11.54
C ASP B 101 -9.63 28.04 12.87
N ASP B 102 -8.39 28.14 13.36
CA ASP B 102 -7.99 27.51 14.62
C ASP B 102 -8.24 26.01 14.60
N GLU B 103 -7.85 25.36 13.51
CA GLU B 103 -8.03 23.92 13.35
C GLU B 103 -6.85 23.35 12.58
N VAL B 104 -6.45 22.12 12.94
CA VAL B 104 -5.37 21.41 12.29
C VAL B 104 -5.91 20.05 11.84
N THR B 105 -5.67 19.72 10.57
CA THR B 105 -6.20 18.50 9.97
C THR B 105 -5.07 17.54 9.63
N ILE B 106 -5.26 16.27 9.99
CA ILE B 106 -4.31 15.20 9.66
C ILE B 106 -5.05 14.23 8.75
N ARG B 107 -4.50 13.95 7.58
CA ARG B 107 -5.13 13.05 6.63
C ARG B 107 -4.19 11.90 6.30
N ARG B 108 -4.76 10.70 6.17
CA ARG B 108 -4.00 9.52 5.79
C ARG B 108 -4.76 8.75 4.73
N THR B 109 -4.07 8.41 3.64
CA THR B 109 -4.64 7.64 2.55
C THR B 109 -3.79 6.39 2.38
N VAL B 110 -4.44 5.23 2.31
CA VAL B 110 -3.76 3.95 2.18
C VAL B 110 -4.33 3.21 0.97
N GLY B 111 -3.44 2.63 0.17
CA GLY B 111 -3.85 1.84 -0.97
C GLY B 111 -3.05 0.55 -1.06
N LEU B 112 -3.13 -0.13 -2.21
CA LEU B 112 -2.38 -1.36 -2.39
C LEU B 112 -0.88 -1.08 -2.47
N LYS B 113 -0.50 0.06 -3.06
CA LYS B 113 0.90 0.44 -3.21
C LYS B 113 1.17 1.85 -2.72
N LYS B 114 0.12 2.63 -2.45
CA LYS B 114 0.25 4.02 -2.06
C LYS B 114 -0.09 4.19 -0.59
N ASP B 115 0.75 4.95 0.13
CA ASP B 115 0.53 5.28 1.54
C ASP B 115 0.97 6.73 1.75
N ASP B 116 0.01 7.65 1.67
CA ASP B 116 0.30 9.07 1.79
C ASP B 116 -0.23 9.62 3.10
N TYR B 117 0.67 10.13 3.93
CA TYR B 117 0.35 10.69 5.23
C TYR B 117 0.66 12.18 5.19
N GLN B 118 -0.39 13.01 5.24
CA GLN B 118 -0.21 14.42 5.00
C GLN B 118 -0.93 15.28 6.04
N LEU B 119 -0.46 16.52 6.17
CA LEU B 119 -1.09 17.53 6.98
C LEU B 119 -2.15 18.24 6.11
N ASN B 120 -2.62 19.41 6.54
CA ASN B 120 -3.70 20.08 5.82
C ASN B 120 -3.34 20.40 4.38
N ASP B 121 -2.06 20.45 4.04
CA ASP B 121 -1.65 20.65 2.64
C ASP B 121 -0.19 20.24 2.51
N ARG B 122 0.28 20.26 1.25
CA ARG B 122 1.69 20.15 0.87
C ARG B 122 2.24 18.73 1.00
N ASN B 123 1.45 17.80 1.54
CA ASN B 123 1.86 16.37 1.69
C ASN B 123 3.37 16.34 1.93
N VAL B 124 3.80 16.74 3.13
CA VAL B 124 5.23 16.92 3.34
C VAL B 124 5.97 15.60 3.53
N THR B 125 5.72 14.87 4.62
CA THR B 125 6.45 13.66 4.98
C THR B 125 5.60 12.85 5.95
N LYS B 126 6.17 11.74 6.42
CA LYS B 126 5.58 10.97 7.51
C LYS B 126 6.15 11.40 8.85
N GLY B 127 7.45 11.69 8.90
CA GLY B 127 8.09 11.99 10.17
C GLY B 127 7.74 13.35 10.74
N ASP B 128 7.36 14.30 9.89
CA ASP B 128 7.01 15.63 10.37
C ASP B 128 5.79 15.57 11.27
N ILE B 129 4.77 14.82 10.87
CA ILE B 129 3.53 14.78 11.65
C ILE B 129 3.75 14.03 12.96
N VAL B 130 4.50 12.94 12.94
CA VAL B 130 4.77 12.23 14.19
C VAL B 130 5.61 13.11 15.12
N ARG B 131 6.54 13.89 14.56
CA ARG B 131 7.33 14.80 15.39
C ARG B 131 6.46 15.87 16.03
N MET B 132 5.54 16.47 15.26
CA MET B 132 4.68 17.50 15.83
C MET B 132 3.66 16.92 16.80
N LEU B 133 3.30 15.65 16.62
CA LEU B 133 2.39 15.00 17.57
C LEU B 133 3.09 14.70 18.89
N GLU B 134 4.31 14.15 18.83
CA GLU B 134 5.05 13.91 20.05
C GLU B 134 5.44 15.22 20.75
N THR B 135 5.61 16.30 19.98
CA THR B 135 5.86 17.60 20.58
C THR B 135 4.66 18.06 21.40
N ALA B 136 3.45 17.83 20.90
CA ALA B 136 2.25 18.23 21.62
C ALA B 136 1.93 17.33 22.80
N GLY B 137 2.59 16.19 22.93
CA GLY B 137 2.39 15.31 24.05
C GLY B 137 1.57 14.05 23.77
N PHE B 138 1.62 13.53 22.55
CA PHE B 138 0.87 12.33 22.21
C PHE B 138 1.81 11.13 22.11
N SER B 139 1.45 10.06 22.80
CA SER B 139 2.17 8.79 22.70
C SER B 139 1.79 8.09 21.41
N MET B 140 2.72 7.32 20.88
CA MET B 140 2.54 6.69 19.56
C MET B 140 2.48 5.17 19.63
N ASN B 141 3.48 4.53 20.24
CA ASN B 141 3.61 3.08 20.19
C ASN B 141 2.40 2.38 20.82
N ASN B 142 2.22 2.55 22.12
CA ASN B 142 1.08 1.98 22.84
C ASN B 142 0.47 3.07 23.71
N PRO B 143 -0.27 4.00 23.10
CA PRO B 143 -0.84 5.10 23.90
C PRO B 143 -1.81 4.60 24.94
N TYR B 144 -1.80 5.25 26.10
CA TYR B 144 -2.78 4.95 27.14
C TYR B 144 -4.14 5.56 26.83
N ASN B 145 -4.22 6.50 25.88
CA ASN B 145 -5.49 7.06 25.44
C ASN B 145 -6.29 6.07 24.60
N ILE B 146 -5.66 5.02 24.10
CA ILE B 146 -6.27 4.08 23.18
C ILE B 146 -6.61 2.80 23.93
N VAL B 147 -7.89 2.45 23.94
CA VAL B 147 -8.35 1.22 24.58
C VAL B 147 -9.11 0.38 23.56
N PRO B 148 -8.47 -0.57 22.90
CA PRO B 148 -9.21 -1.50 22.04
C PRO B 148 -10.14 -2.39 22.85
N GLN B 149 -11.00 -3.10 22.14
CA GLN B 149 -11.97 -3.97 22.80
C GLN B 149 -11.25 -5.10 23.53
N GLY B 150 -11.59 -5.29 24.81
CA GLY B 150 -10.97 -6.33 25.60
C GLY B 150 -9.50 -6.15 25.87
N LYS B 151 -9.08 -4.93 26.22
CA LYS B 151 -7.69 -4.64 26.51
C LYS B 151 -7.45 -4.05 27.89
N ILE B 152 -8.51 -3.75 28.65
CA ILE B 152 -8.34 -3.22 30.00
C ILE B 152 -7.67 -4.25 30.90
N VAL B 153 -8.08 -5.52 30.80
CA VAL B 153 -7.50 -6.56 31.64
C VAL B 153 -6.01 -6.73 31.32
N ALA B 154 -5.65 -6.66 30.04
CA ALA B 154 -4.25 -6.79 29.65
C ALA B 154 -3.39 -5.66 30.19
N LEU B 155 -3.96 -4.48 30.42
CA LEU B 155 -3.19 -3.38 31.00
C LEU B 155 -2.73 -3.72 32.42
N THR B 156 -3.62 -4.30 33.22
CA THR B 156 -3.24 -4.73 34.57
C THR B 156 -2.39 -6.00 34.54
N ASN B 157 -2.60 -6.87 33.55
CA ASN B 157 -1.82 -8.10 33.44
C ASN B 157 -0.36 -7.84 33.13
N ALA B 158 0.00 -6.63 32.72
CA ALA B 158 1.40 -6.32 32.43
C ALA B 158 2.24 -6.39 33.69
N LYS B 159 3.47 -6.86 33.55
CA LYS B 159 4.37 -7.04 34.68
C LYS B 159 4.99 -5.71 35.07
N ASP B 160 5.97 -5.75 35.98
CA ASP B 160 6.59 -4.52 36.47
C ASP B 160 7.32 -3.78 35.36
N LYS B 161 8.06 -4.50 34.51
CA LYS B 161 8.88 -3.88 33.48
C LYS B 161 8.02 -3.13 32.46
N GLU B 162 6.94 -3.77 32.00
CA GLU B 162 6.07 -3.14 31.00
C GLU B 162 5.34 -1.93 31.57
N ARG B 163 4.91 -2.02 32.83
CA ARG B 163 4.24 -0.88 33.44
C ARG B 163 5.19 0.28 33.67
N LEU B 164 6.44 -0.01 34.05
CA LEU B 164 7.44 1.06 34.13
C LEU B 164 7.71 1.66 32.77
N GLN B 165 7.75 0.83 31.72
CA GLN B 165 7.93 1.34 30.37
C GLN B 165 6.80 2.27 29.97
N LEU B 166 5.55 1.89 30.30
CA LEU B 166 4.42 2.76 30.00
C LEU B 166 4.49 4.07 30.78
N LEU B 167 4.84 4.00 32.07
CA LEU B 167 4.95 5.20 32.89
C LEU B 167 6.08 6.11 32.43
N GLU B 168 7.12 5.55 31.80
CA GLU B 168 8.14 6.37 31.16
C GLU B 168 7.65 6.93 29.82
N ASP B 169 6.82 6.16 29.11
CA ASP B 169 6.30 6.61 27.82
C ASP B 169 5.39 7.81 27.98
N VAL B 170 4.55 7.83 29.02
CA VAL B 170 3.60 8.92 29.18
C VAL B 170 4.32 10.25 29.39
N VAL B 171 5.42 10.24 30.14
CA VAL B 171 6.19 11.46 30.35
C VAL B 171 7.20 11.72 29.24
N GLY B 172 7.23 10.89 28.21
CA GLY B 172 8.17 11.07 27.12
C GLY B 172 9.58 10.65 27.43
N ALA B 173 9.79 9.91 28.52
CA ALA B 173 11.15 9.52 28.92
C ALA B 173 11.79 8.60 27.90
N LYS B 174 11.03 7.64 27.35
CA LYS B 174 11.62 6.65 26.46
C LYS B 174 12.04 7.26 25.12
N SER B 175 11.16 8.05 24.51
CA SER B 175 11.51 8.70 23.25
C SER B 175 12.68 9.67 23.45
N PHE B 176 12.65 10.44 24.53
CA PHE B 176 13.75 11.34 24.83
C PHE B 176 15.05 10.58 25.01
N GLU B 177 15.00 9.44 25.69
CA GLU B 177 16.21 8.67 25.95
C GLU B 177 16.78 8.05 24.67
N VAL B 178 15.90 7.52 23.80
CA VAL B 178 16.41 6.90 22.58
C VAL B 178 16.96 7.96 21.63
N LYS B 179 16.29 9.11 21.54
CA LYS B 179 16.82 10.21 20.73
C LYS B 179 18.14 10.71 21.30
N LEU B 180 18.24 10.77 22.64
CA LEU B 180 19.47 11.21 23.27
C LEU B 180 20.62 10.24 23.01
N LYS B 181 20.35 8.94 23.05
CA LYS B 181 21.42 7.99 22.79
C LYS B 181 21.84 8.00 21.32
N ALA B 182 20.88 8.22 20.41
CA ALA B 182 21.26 8.41 19.01
C ALA B 182 22.12 9.66 18.84
N SER B 183 21.76 10.75 19.54
CA SER B 183 22.55 11.97 19.47
C SER B 183 23.95 11.75 20.02
N LEU B 184 24.07 11.01 21.11
CA LEU B 184 25.39 10.71 21.68
C LEU B 184 26.20 9.83 20.74
N LYS B 185 25.55 8.89 20.04
CA LYS B 185 26.27 8.11 19.03
C LYS B 185 26.80 9.01 17.92
N LYS B 186 25.99 9.95 17.46
CA LYS B 186 26.45 10.90 16.44
C LYS B 186 27.60 11.75 16.98
N MET B 187 27.52 12.14 18.26
CA MET B 187 28.59 12.93 18.87
C MET B 187 29.89 12.12 18.97
N GLU B 188 29.80 10.84 19.30
CA GLU B 188 30.99 10.00 19.30
C GLU B 188 31.58 9.89 17.91
N GLU B 189 30.72 9.76 16.89
CA GLU B 189 31.21 9.71 15.52
C GLU B 189 31.94 11.00 15.14
N THR B 190 31.34 12.15 15.46
CA THR B 190 31.98 13.41 15.07
C THR B 190 33.23 13.68 15.89
N GLU B 191 33.31 13.18 17.13
CA GLU B 191 34.54 13.31 17.90
C GLU B 191 35.63 12.41 17.34
N GLN B 192 35.25 11.21 16.88
CA GLN B 192 36.22 10.33 16.24
C GLN B 192 36.76 10.93 14.96
N LYS B 193 35.93 11.70 14.25
CA LYS B 193 36.46 12.42 13.08
C LYS B 193 37.28 13.64 13.51
N LYS B 194 36.91 14.29 14.61
CA LYS B 194 37.62 15.48 15.04
C LYS B 194 39.03 15.18 15.52
N ILE B 195 39.23 14.00 16.13
CA ILE B 195 40.59 13.61 16.50
C ILE B 195 41.47 13.38 15.28
N GLN B 196 40.86 13.17 14.10
CA GLN B 196 41.57 13.16 12.83
C GLN B 196 41.75 14.57 12.28
N ILE B 197 40.75 15.43 12.52
CA ILE B 197 40.88 16.85 12.16
C ILE B 197 42.10 17.46 12.83
N ASN B 198 42.33 17.13 14.10
CA ASN B 198 43.45 17.70 14.83
C ASN B 198 44.78 17.29 14.21
N LYS B 199 44.93 16.02 13.84
CA LYS B 199 46.19 15.58 13.27
C LYS B 199 46.37 16.11 11.85
N GLU B 200 45.28 16.26 11.08
CA GLU B 200 45.39 16.91 9.78
C GLU B 200 45.83 18.36 9.94
N MET B 201 45.31 19.05 10.95
CA MET B 201 45.75 20.43 11.19
C MET B 201 47.20 20.50 11.62
N GLY B 202 47.66 19.55 12.44
CA GLY B 202 49.06 19.51 12.79
C GLY B 202 49.95 19.27 11.59
N GLU B 203 49.54 18.37 10.70
CA GLU B 203 50.28 18.16 9.45
C GLU B 203 50.29 19.43 8.60
N LEU B 204 49.17 20.14 8.55
CA LEU B 204 49.12 21.40 7.81
C LEU B 204 50.06 22.43 8.41
N ASN B 205 50.14 22.49 9.75
CA ASN B 205 51.06 23.42 10.40
C ASN B 205 52.50 23.07 10.07
N SER B 206 52.85 21.77 10.09
CA SER B 206 54.20 21.36 9.71
C SER B 206 54.50 21.71 8.26
N LYS B 207 53.52 21.51 7.37
CA LYS B 207 53.71 21.83 5.96
C LYS B 207 53.88 23.33 5.76
N LEU B 208 53.16 24.15 6.54
CA LEU B 208 53.36 25.59 6.48
C LEU B 208 54.72 26.00 7.04
N SER B 209 55.24 25.26 8.03
CA SER B 209 56.62 25.50 8.46
C SER B 209 57.60 25.19 7.35
N GLU B 210 57.36 24.12 6.60
CA GLU B 210 58.17 23.83 5.42
C GLU B 210 58.06 24.94 4.38
N MET B 211 56.86 25.48 4.21
CA MET B 211 56.69 26.63 3.31
C MET B 211 57.47 27.83 3.80
N GLU B 212 57.52 28.05 5.12
CA GLU B 212 58.30 29.17 5.66
C GLU B 212 59.79 28.97 5.42
N GLN B 213 60.30 27.75 5.57
CA GLN B 213 61.71 27.52 5.29
C GLN B 213 62.00 27.65 3.80
N GLU B 214 61.06 27.27 2.94
CA GLU B 214 61.20 27.54 1.52
C GLU B 214 61.22 29.04 1.24
N ARG B 215 60.40 29.80 1.98
CA ARG B 215 60.38 31.24 1.84
C ARG B 215 61.73 31.86 2.20
N LYS B 216 62.32 31.41 3.31
CA LYS B 216 63.62 31.94 3.68
C LYS B 216 64.71 31.51 2.70
N GLU B 217 64.61 30.29 2.15
CA GLU B 217 65.56 29.86 1.13
C GLU B 217 65.47 30.73 -0.12
N LEU B 218 64.24 31.04 -0.57
CA LEU B 218 64.11 31.86 -1.76
C LEU B 218 64.49 33.31 -1.47
N GLU B 219 64.31 33.78 -0.23
CA GLU B 219 64.82 35.08 0.14
C GLU B 219 66.34 35.11 0.05
N LYS B 220 67.01 34.06 0.53
CA LYS B 220 68.45 33.96 0.39
C LYS B 220 68.86 33.94 -1.07
N TYR B 221 68.12 33.21 -1.91
CA TYR B 221 68.41 33.19 -3.34
C TYR B 221 68.26 34.57 -3.97
N ASN B 222 67.19 35.29 -3.61
CA ASN B 222 66.96 36.62 -4.17
C ASN B 222 67.98 37.63 -3.67
N GLU B 223 68.53 37.39 -2.47
CA GLU B 223 69.59 38.29 -1.93
C GLU B 223 70.88 37.98 -2.71
N LEU B 224 71.16 36.70 -2.97
CA LEU B 224 72.34 36.33 -3.79
C LEU B 224 72.16 36.91 -5.19
N GLU B 225 70.92 36.85 -5.72
CA GLU B 225 70.65 37.41 -7.07
C GLU B 225 70.88 38.93 -7.04
N ARG B 226 70.47 39.59 -5.97
CA ARG B 226 70.69 41.06 -5.84
C ARG B 226 72.19 41.34 -5.81
N ASN B 227 72.96 40.51 -5.10
CA ASN B 227 74.43 40.70 -5.03
C ASN B 227 75.02 40.52 -6.43
N ARG B 228 74.53 39.54 -7.18
CA ARG B 228 75.02 39.31 -8.57
C ARG B 228 74.70 40.52 -9.44
N LYS B 229 73.50 41.10 -9.27
CA LYS B 229 73.10 42.28 -10.08
C LYS B 229 73.96 43.49 -9.69
N ARG B 230 55.91 29.98 -5.15
CA ARG B 230 56.94 30.99 -4.91
C ARG B 230 57.32 30.96 -3.43
N ALA B 231 57.43 32.14 -2.83
CA ALA B 231 57.74 32.29 -1.42
C ALA B 231 56.79 33.18 -0.66
N PHE B 232 56.52 34.40 -1.17
CA PHE B 232 55.84 35.41 -0.37
C PHE B 232 54.32 35.30 -0.49
N GLU B 233 53.81 35.46 -1.72
CA GLU B 233 52.36 35.58 -1.92
C GLU B 233 51.64 34.30 -1.50
N ASN B 234 52.15 33.15 -1.92
CA ASN B 234 51.52 31.89 -1.55
C ASN B 234 51.52 31.70 -0.04
N PHE B 235 52.65 31.99 0.61
CA PHE B 235 52.75 31.83 2.05
C PHE B 235 51.74 32.72 2.76
N LYS B 236 51.62 33.98 2.36
CA LYS B 236 50.71 34.88 3.07
C LYS B 236 49.25 34.50 2.82
N LYS B 237 48.88 34.20 1.56
CA LYS B 237 47.48 33.93 1.27
C LYS B 237 47.06 32.56 1.76
N PHE B 238 48.01 31.67 2.06
CA PHE B 238 47.66 30.40 2.71
C PHE B 238 47.70 30.50 4.23
N ASN B 239 48.58 31.35 4.77
CA ASN B 239 48.64 31.53 6.21
C ASN B 239 47.38 32.23 6.72
N GLU B 240 46.83 33.16 5.94
CA GLU B 240 45.59 33.82 6.37
C GLU B 240 44.46 32.82 6.54
N ARG B 241 44.25 31.95 5.54
CA ARG B 241 43.19 30.96 5.65
C ARG B 241 43.52 29.87 6.66
N ARG B 242 44.81 29.58 6.89
CA ARG B 242 45.17 28.65 7.95
C ARG B 242 44.80 29.21 9.32
N LYS B 243 45.04 30.50 9.54
CA LYS B 243 44.58 31.14 10.77
C LYS B 243 43.07 31.12 10.89
N ASP B 244 42.36 31.35 9.77
CA ASP B 244 40.90 31.31 9.83
C ASP B 244 40.40 29.92 10.23
N LEU B 245 40.98 28.87 9.63
CA LEU B 245 40.57 27.51 9.96
C LEU B 245 40.96 27.14 11.39
N ALA B 246 42.10 27.65 11.87
CA ALA B 246 42.49 27.42 13.26
C ALA B 246 41.51 28.09 14.20
N GLU B 247 41.05 29.29 13.86
CA GLU B 247 40.04 29.98 14.66
C GLU B 247 38.76 29.16 14.72
N ARG B 248 38.33 28.63 13.56
CA ARG B 248 37.14 27.80 13.52
C ARG B 248 37.30 26.55 14.39
N ALA B 249 38.46 25.89 14.30
CA ALA B 249 38.71 24.70 15.11
C ALA B 249 38.71 25.04 16.60
N SER B 250 39.25 26.22 16.95
CA SER B 250 39.23 26.65 18.34
C SER B 250 37.81 26.82 18.86
N GLU B 251 36.94 27.43 18.05
CA GLU B 251 35.55 27.56 18.48
C GLU B 251 34.83 26.22 18.50
N LEU B 252 35.29 25.25 17.69
CA LEU B 252 34.64 23.95 17.67
C LEU B 252 34.68 23.25 19.03
N ASP B 253 35.85 23.28 19.69
CA ASP B 253 35.98 22.62 20.99
C ASP B 253 35.14 23.32 22.06
N GLU B 254 35.09 24.65 22.04
CA GLU B 254 34.24 25.38 22.99
C GLU B 254 32.78 25.05 22.78
N SER B 255 32.34 24.96 21.52
CA SER B 255 30.97 24.57 21.24
C SER B 255 30.69 23.16 21.72
N LYS B 256 31.64 22.24 21.53
CA LYS B 256 31.45 20.87 22.01
C LYS B 256 31.33 20.83 23.52
N ASP B 257 32.17 21.60 24.23
CA ASP B 257 32.08 21.64 25.69
C ASP B 257 30.74 22.20 26.14
N SER B 258 30.25 23.25 25.47
CA SER B 258 28.95 23.81 25.80
C SER B 258 27.85 22.78 25.57
N ILE B 259 27.94 22.01 24.48
CA ILE B 259 26.95 20.98 24.21
C ILE B 259 26.98 19.90 25.29
N GLN B 260 28.17 19.52 25.74
CA GLN B 260 28.27 18.51 26.80
C GLN B 260 27.66 19.02 28.10
N ASP B 261 27.92 20.29 28.44
CA ASP B 261 27.31 20.86 29.63
C ASP B 261 25.79 20.90 29.52
N LEU B 262 25.28 21.24 28.33
CA LEU B 262 23.84 21.23 28.11
C LEU B 262 23.28 19.81 28.26
N ILE B 263 24.02 18.82 27.78
CA ILE B 263 23.58 17.43 27.92
C ILE B 263 23.47 17.04 29.39
N VAL B 264 24.47 17.43 30.18
CA VAL B 264 24.43 17.11 31.62
C VAL B 264 23.24 17.81 32.28
N LYS B 265 23.03 19.08 31.96
CA LYS B 265 21.91 19.82 32.55
C LYS B 265 20.58 19.20 32.18
N LEU B 266 20.42 18.81 30.91
CA LEU B 266 19.16 18.20 30.48
C LEU B 266 18.96 16.83 31.11
N LYS B 267 20.03 16.06 31.31
CA LYS B 267 19.89 14.78 32.02
C LYS B 267 19.42 14.99 33.45
N GLN B 268 19.99 15.99 34.14
CA GLN B 268 19.55 16.27 35.50
C GLN B 268 18.09 16.70 35.54
N GLN B 269 17.69 17.58 34.60
CA GLN B 269 16.31 18.01 34.54
C GLN B 269 15.37 16.85 34.24
N LYS B 270 15.79 15.95 33.35
CA LYS B 270 14.99 14.78 33.03
C LYS B 270 14.79 13.89 34.25
N VAL B 271 15.86 13.66 35.01
CA VAL B 271 15.73 12.83 36.21
C VAL B 271 14.76 13.47 37.20
N ASN B 272 14.92 14.77 37.43
CA ASN B 272 14.03 15.45 38.38
C ASN B 272 12.58 15.41 37.91
N ALA B 273 12.35 15.65 36.63
CA ALA B 273 10.98 15.65 36.09
C ALA B 273 10.36 14.25 36.19
N VAL B 274 11.13 13.21 35.88
CA VAL B 274 10.60 11.85 35.98
C VAL B 274 10.24 11.53 37.43
N ASP B 275 11.09 11.90 38.38
CA ASP B 275 10.78 11.65 39.78
C ASP B 275 9.50 12.37 40.21
N SER B 276 9.39 13.65 39.85
CA SER B 276 8.20 14.41 40.23
C SER B 276 6.94 13.84 39.61
N THR B 277 7.01 13.48 38.32
CA THR B 277 5.84 12.92 37.65
C THR B 277 5.44 11.58 38.24
N PHE B 278 6.42 10.75 38.61
CA PHE B 278 6.09 9.46 39.23
C PHE B 278 5.43 9.65 40.58
N GLN B 279 5.92 10.61 41.38
CA GLN B 279 5.28 10.88 42.67
C GLN B 279 3.85 11.37 42.47
N LYS B 280 3.64 12.27 41.50
CA LYS B 280 2.30 12.76 41.23
C LYS B 280 1.38 11.64 40.75
N VAL B 281 1.90 10.73 39.91
CA VAL B 281 1.11 9.61 39.43
C VAL B 281 0.69 8.72 40.59
N SER B 282 1.63 8.43 41.50
CA SER B 282 1.28 7.59 42.65
C SER B 282 0.22 8.25 43.52
N GLU B 283 0.38 9.55 43.81
CA GLU B 283 -0.61 10.23 44.63
C GLU B 283 -1.98 10.24 43.97
N ASN B 284 -2.02 10.53 42.67
CA ASN B 284 -3.30 10.55 41.97
C ASN B 284 -3.93 9.16 41.91
N PHE B 285 -3.11 8.12 41.75
CA PHE B 285 -3.63 6.75 41.76
C PHE B 285 -4.27 6.43 43.10
N GLU B 286 -3.59 6.78 44.19
CA GLU B 286 -4.16 6.54 45.51
C GLU B 286 -5.48 7.28 45.69
N ALA B 287 -5.51 8.55 45.28
CA ALA B 287 -6.72 9.35 45.44
C ALA B 287 -7.87 8.80 44.62
N VAL B 288 -7.61 8.43 43.37
CA VAL B 288 -8.66 7.92 42.49
C VAL B 288 -9.18 6.59 42.99
N PHE B 289 -8.28 5.70 43.44
CA PHE B 289 -8.73 4.41 43.94
C PHE B 289 -9.55 4.58 45.22
N GLU B 290 -9.16 5.51 46.10
CA GLU B 290 -9.95 5.75 47.29
C GLU B 290 -11.33 6.31 46.93
N ARG B 291 -11.39 7.20 45.95
CA ARG B 291 -12.68 7.77 45.56
C ARG B 291 -13.58 6.74 44.91
N LEU B 292 -13.01 5.85 44.08
CA LEU B 292 -13.82 4.93 43.30
C LEU B 292 -14.50 3.89 44.20
N VAL B 293 -13.73 3.27 45.09
CA VAL B 293 -14.24 2.28 46.02
C VAL B 293 -13.99 2.77 47.45
N PRO B 294 -15.01 3.32 48.11
CA PRO B 294 -14.79 3.87 49.46
C PRO B 294 -14.75 2.80 50.53
N ARG B 295 -14.01 1.71 50.28
CA ARG B 295 -13.83 0.66 51.27
C ARG B 295 -12.42 0.08 51.30
N GLY B 296 -11.49 0.60 50.50
CA GLY B 296 -10.15 0.07 50.46
C GLY B 296 -9.17 1.12 49.98
N THR B 297 -7.88 0.80 50.12
CA THR B 297 -6.81 1.70 49.72
C THR B 297 -5.85 0.97 48.80
N ALA B 298 -5.30 1.71 47.84
CA ALA B 298 -4.31 1.19 46.91
C ALA B 298 -3.13 2.13 46.83
N LYS B 299 -1.93 1.56 46.78
CA LYS B 299 -0.70 2.33 46.67
C LYS B 299 0.06 1.88 45.43
N LEU B 300 0.57 2.84 44.67
CA LEU B 300 1.35 2.56 43.47
C LEU B 300 2.82 2.57 43.87
N ILE B 301 3.35 1.40 44.18
CA ILE B 301 4.70 1.29 44.73
C ILE B 301 5.71 1.43 43.60
N ILE B 302 6.69 2.30 43.79
CA ILE B 302 7.75 2.53 42.81
C ILE B 302 9.02 1.86 43.33
N HIS B 303 9.56 0.93 42.55
CA HIS B 303 10.77 0.22 42.94
C HIS B 303 12.01 0.96 42.44
N ARG B 304 12.96 1.17 43.35
CA ARG B 304 14.18 1.89 43.03
C ARG B 304 15.42 1.05 43.36
N TYR B 305 14.81 2.96 37.71
CA TYR B 305 13.83 2.27 38.54
C TYR B 305 13.69 0.82 38.12
N THR B 306 13.49 -0.07 39.10
CA THR B 306 13.31 -1.48 38.79
C THR B 306 11.96 -1.74 38.14
N GLY B 307 10.90 -1.18 38.70
CA GLY B 307 9.57 -1.38 38.17
C GLY B 307 8.54 -0.66 39.03
N VAL B 308 7.28 -0.79 38.62
CA VAL B 308 6.16 -0.19 39.32
C VAL B 308 5.14 -1.29 39.61
N SER B 309 4.77 -1.44 40.88
CA SER B 309 3.88 -2.48 41.34
C SER B 309 2.64 -1.89 42.00
N ILE B 310 1.63 -2.73 42.21
CA ILE B 310 0.34 -2.31 42.75
C ILE B 310 0.03 -3.17 43.96
N SER B 311 -0.58 -2.57 44.99
CA SER B 311 -0.89 -3.22 46.25
C SER B 311 -2.35 -2.99 46.64
N VAL B 312 -3.26 -3.27 45.70
CA VAL B 312 -4.68 -3.02 45.93
C VAL B 312 -5.21 -3.89 47.05
N SER B 313 -6.23 -3.39 47.74
CA SER B 313 -7.01 -4.15 48.73
C SER B 313 -8.45 -3.69 48.59
N PHE B 314 -9.23 -4.41 47.79
CA PHE B 314 -10.59 -3.97 47.48
C PHE B 314 -11.49 -4.04 48.70
N ASN B 315 -11.23 -4.99 49.60
CA ASN B 315 -11.99 -5.10 50.84
C ASN B 315 -11.43 -4.07 51.84
N SER B 316 -11.79 -4.25 53.11
CA SER B 316 -11.39 -3.30 54.15
C SER B 316 -9.89 -3.03 54.13
N LYS B 317 -9.52 -1.78 54.37
CA LYS B 317 -8.14 -1.32 54.24
C LYS B 317 -7.31 -1.86 55.40
N GLN B 318 -6.91 -3.13 55.29
CA GLN B 318 -6.12 -3.77 56.33
C GLN B 318 -5.00 -4.63 55.74
N ASN B 319 -4.57 -4.32 54.51
CA ASN B 319 -3.44 -4.98 53.86
C ASN B 319 -3.65 -6.48 53.76
N GLU B 320 -4.67 -6.86 52.98
CA GLU B 320 -4.89 -8.27 52.67
C GLU B 320 -3.82 -8.76 51.70
N GLN B 321 -3.41 -10.01 51.87
CA GLN B 321 -2.39 -10.61 51.01
C GLN B 321 -3.01 -10.97 49.67
N LEU B 322 -3.22 -9.95 48.85
CA LEU B 322 -3.86 -10.08 47.55
C LEU B 322 -2.83 -9.84 46.45
N HIS B 323 -2.70 -10.80 45.55
CA HIS B 323 -1.82 -10.65 44.41
C HIS B 323 -2.54 -9.92 43.28
N VAL B 324 -1.74 -9.38 42.35
CA VAL B 324 -2.32 -8.71 41.19
C VAL B 324 -3.02 -9.71 40.27
N GLU B 325 -2.49 -10.93 40.15
CA GLU B 325 -3.10 -11.92 39.26
C GLU B 325 -4.38 -12.49 39.84
N GLN B 326 -4.49 -12.54 41.17
CA GLN B 326 -5.69 -13.08 41.81
C GLN B 326 -6.90 -12.16 41.67
N LEU B 327 -6.71 -10.94 41.19
CA LEU B 327 -7.82 -10.00 41.06
C LEU B 327 -8.80 -10.48 39.99
N SER B 328 -10.06 -10.09 40.17
CA SER B 328 -11.11 -10.45 39.24
C SER B 328 -11.07 -9.55 38.00
N GLY B 329 -11.87 -9.90 36.99
CA GLY B 329 -11.96 -9.08 35.81
C GLY B 329 -12.49 -7.68 36.10
N GLY B 330 -13.53 -7.59 36.93
CA GLY B 330 -14.04 -6.29 37.32
C GLY B 330 -13.04 -5.52 38.16
N GLN B 331 -12.36 -6.20 39.08
CA GLN B 331 -11.35 -5.54 39.91
C GLN B 331 -10.17 -5.07 39.06
N LYS B 332 -9.73 -5.90 38.11
CA LYS B 332 -8.67 -5.48 37.20
C LYS B 332 -9.10 -4.28 36.37
N THR B 333 -10.36 -4.27 35.92
CA THR B 333 -10.88 -3.13 35.17
C THR B 333 -10.87 -1.87 36.03
N VAL B 334 -11.28 -1.99 37.30
CA VAL B 334 -11.28 -0.83 38.19
C VAL B 334 -9.86 -0.32 38.40
N CYS B 335 -8.90 -1.23 38.59
CA CYS B 335 -7.52 -0.82 38.80
C CYS B 335 -6.97 -0.10 37.56
N ALA B 336 -7.22 -0.65 36.37
CA ALA B 336 -6.73 -0.02 35.14
C ALA B 336 -7.39 1.34 34.92
N ILE B 337 -8.68 1.45 35.21
CA ILE B 337 -9.37 2.73 35.08
C ILE B 337 -8.77 3.75 36.04
N ALA B 338 -8.51 3.33 37.28
CA ALA B 338 -7.90 4.24 38.25
C ALA B 338 -6.53 4.70 37.77
N LEU B 339 -5.72 3.79 37.23
CA LEU B 339 -4.39 4.16 36.74
C LEU B 339 -4.50 5.15 35.58
N ILE B 340 -5.39 4.87 34.63
CA ILE B 340 -5.55 5.75 33.46
C ILE B 340 -6.02 7.13 33.90
N LEU B 341 -6.99 7.20 34.81
CA LEU B 341 -7.51 8.49 35.24
C LEU B 341 -6.50 9.24 36.11
N ALA B 342 -5.67 8.53 36.87
CA ALA B 342 -4.59 9.20 37.58
C ALA B 342 -3.59 9.82 36.62
N ILE B 343 -3.21 9.08 35.58
CA ILE B 343 -2.33 9.64 34.56
C ILE B 343 -2.98 10.84 33.89
N GLN B 344 -4.29 10.76 33.65
CA GLN B 344 -5.02 11.90 33.08
C GLN B 344 -4.94 13.11 34.01
N MET B 345 -5.11 12.90 35.31
CA MET B 345 -5.01 14.00 36.26
C MET B 345 -3.60 14.59 36.28
N VAL B 346 -2.58 13.76 36.04
CA VAL B 346 -1.22 14.27 35.92
C VAL B 346 -1.07 15.11 34.66
N ASP B 347 -1.28 14.49 33.50
CA ASP B 347 -1.24 15.21 32.23
C ASP B 347 -2.52 14.95 31.44
N PRO B 348 -3.38 15.96 31.28
CA PRO B 348 -4.68 15.73 30.65
C PRO B 348 -4.62 15.67 29.13
N ALA B 349 -4.32 14.50 28.57
CA ALA B 349 -4.37 14.32 27.13
C ALA B 349 -5.78 14.61 26.62
N SER B 350 -5.86 15.24 25.44
CA SER B 350 -7.13 15.76 24.97
C SER B 350 -8.16 14.67 24.71
N PHE B 351 -7.80 13.66 23.92
CA PHE B 351 -8.78 12.67 23.49
C PHE B 351 -8.51 11.33 24.16
N TYR B 352 -9.57 10.70 24.64
CA TYR B 352 -9.51 9.38 25.23
C TYR B 352 -10.49 8.47 24.50
N LEU B 353 -10.06 7.28 24.14
CA LEU B 353 -10.85 6.34 23.36
C LEU B 353 -11.10 5.10 24.21
N PHE B 354 -12.37 4.85 24.56
CA PHE B 354 -12.74 3.70 25.37
C PHE B 354 -13.70 2.83 24.57
N ASP B 355 -13.31 1.57 24.36
CA ASP B 355 -14.14 0.60 23.66
C ASP B 355 -14.53 -0.51 24.63
N GLN B 356 -15.83 -0.64 24.89
CA GLN B 356 -16.34 -1.58 25.89
C GLN B 356 -15.63 -1.38 27.22
N ILE B 357 -15.66 -0.13 27.70
CA ILE B 357 -14.91 0.23 28.89
C ILE B 357 -15.50 -0.44 30.13
N ASP B 358 -16.82 -0.61 30.16
CA ASP B 358 -17.52 -1.21 31.30
C ASP B 358 -18.03 -2.60 30.94
N ALA B 359 -17.27 -3.34 30.13
CA ALA B 359 -17.69 -4.68 29.73
C ALA B 359 -17.72 -5.62 30.92
N ALA B 360 -16.85 -5.42 31.91
CA ALA B 360 -16.78 -6.29 33.08
C ALA B 360 -16.93 -5.40 34.33
N LEU B 361 -18.18 -5.10 34.69
CA LEU B 361 -18.48 -4.24 35.83
C LEU B 361 -19.93 -4.47 36.24
N ASP B 362 -20.21 -4.17 37.50
CA ASP B 362 -21.57 -4.24 38.03
C ASP B 362 -22.19 -2.84 38.02
N LYS B 363 -23.44 -2.75 38.46
CA LYS B 363 -24.16 -1.48 38.40
C LYS B 363 -23.49 -0.43 39.28
N GLN B 364 -23.09 -0.80 40.50
CA GLN B 364 -22.46 0.17 41.39
C GLN B 364 -21.12 0.63 40.84
N TYR B 365 -20.30 -0.30 40.35
CA TYR B 365 -19.02 0.08 39.77
C TYR B 365 -19.21 0.92 38.51
N ARG B 366 -20.18 0.57 37.67
CA ARG B 366 -20.44 1.34 36.46
C ARG B 366 -20.87 2.76 36.79
N THR B 367 -21.76 2.93 37.77
CA THR B 367 -22.22 4.28 38.10
C THR B 367 -21.11 5.09 38.79
N ALA B 368 -20.26 4.44 39.59
CA ALA B 368 -19.13 5.15 40.17
C ALA B 368 -18.15 5.61 39.10
N VAL B 369 -17.87 4.73 38.12
CA VAL B 369 -16.99 5.11 37.02
C VAL B 369 -17.61 6.23 36.20
N ALA B 370 -18.93 6.19 36.00
CA ALA B 370 -19.60 7.24 35.26
C ALA B 370 -19.51 8.58 35.99
N THR B 371 -19.71 8.58 37.30
CA THR B 371 -19.60 9.82 38.06
C THR B 371 -18.18 10.36 38.03
N LEU B 372 -17.18 9.49 38.17
CA LEU B 372 -15.79 9.94 38.11
C LEU B 372 -15.44 10.48 36.73
N LEU B 373 -15.95 9.83 35.68
CA LEU B 373 -15.72 10.33 34.32
C LEU B 373 -16.38 11.68 34.10
N LYS B 374 -17.58 11.87 34.65
CA LYS B 374 -18.22 13.18 34.59
C LYS B 374 -17.36 14.23 35.29
N GLU B 375 -16.82 13.90 36.46
CA GLU B 375 -15.98 14.84 37.20
C GLU B 375 -14.73 15.19 36.41
N LEU B 376 -14.10 14.19 35.77
CA LEU B 376 -12.85 14.41 35.06
C LEU B 376 -13.04 14.93 33.64
N SER B 377 -14.27 14.95 33.11
CA SER B 377 -14.49 15.42 31.75
C SER B 377 -14.30 16.92 31.59
N LYS B 378 -14.23 17.67 32.69
CA LYS B 378 -14.04 19.12 32.60
C LYS B 378 -12.66 19.50 32.09
N ASN B 379 -11.72 18.55 32.01
CA ASN B 379 -10.37 18.84 31.56
C ASN B 379 -9.94 18.03 30.35
N ALA B 380 -10.73 17.07 29.89
CA ALA B 380 -10.35 16.24 28.75
C ALA B 380 -11.61 15.75 28.06
N GLN B 381 -11.43 15.24 26.84
CA GLN B 381 -12.52 14.74 26.02
C GLN B 381 -12.49 13.22 25.98
N PHE B 382 -13.65 12.61 26.19
CA PHE B 382 -13.78 11.16 26.24
C PHE B 382 -14.77 10.70 25.17
N ILE B 383 -14.41 9.65 24.44
CA ILE B 383 -15.30 8.99 23.49
C ILE B 383 -15.38 7.52 23.89
N CYS B 384 -16.55 7.08 24.32
CA CYS B 384 -16.72 5.77 24.92
C CYS B 384 -17.82 4.99 24.21
N THR B 385 -17.63 3.67 24.12
CA THR B 385 -18.59 2.77 23.49
C THR B 385 -19.06 1.78 24.54
N THR B 386 -20.31 1.92 24.99
CA THR B 386 -20.87 1.04 26.02
C THR B 386 -22.28 0.62 25.62
N PHE B 387 -22.70 -0.52 26.16
CA PHE B 387 -24.01 -1.08 25.94
C PHE B 387 -24.97 -0.85 27.11
N ARG B 388 -24.58 -0.03 28.09
CA ARG B 388 -25.38 0.22 29.27
C ARG B 388 -25.76 1.70 29.36
N THR B 389 -26.90 1.97 29.98
CA THR B 389 -27.39 3.32 30.19
C THR B 389 -26.92 3.93 31.50
N ASP B 390 -25.79 3.46 32.04
CA ASP B 390 -25.35 3.94 33.34
C ASP B 390 -24.81 5.37 33.27
N MET B 391 -24.14 5.71 32.17
CA MET B 391 -23.66 7.08 31.98
C MET B 391 -24.42 7.80 30.87
N LEU B 392 -25.49 7.20 30.34
CA LEU B 392 -26.27 7.89 29.33
C LEU B 392 -26.94 9.13 29.90
N GLN B 393 -27.42 9.06 31.14
CA GLN B 393 -28.11 10.18 31.76
C GLN B 393 -27.16 11.31 32.15
N VAL B 394 -25.85 11.11 32.08
CA VAL B 394 -24.90 12.13 32.49
C VAL B 394 -24.06 12.65 31.33
N ALA B 395 -23.96 11.93 30.22
CA ALA B 395 -23.16 12.39 29.10
C ALA B 395 -23.83 13.59 28.42
N ASP B 396 -23.16 14.11 27.38
CA ASP B 396 -23.61 15.33 26.72
C ASP B 396 -24.15 15.07 25.32
N LYS B 397 -23.40 14.40 24.46
CA LYS B 397 -23.84 14.10 23.10
C LYS B 397 -23.71 12.61 22.82
N PHE B 398 -24.58 12.11 21.95
CA PHE B 398 -24.66 10.69 21.65
C PHE B 398 -24.69 10.47 20.15
N PHE B 399 -23.88 9.54 19.69
CA PHE B 399 -23.86 9.10 18.30
C PHE B 399 -24.36 7.67 18.22
N ARG B 400 -25.08 7.36 17.15
CA ARG B 400 -25.62 6.04 16.91
C ARG B 400 -25.14 5.54 15.56
N VAL B 401 -24.63 4.31 15.54
CA VAL B 401 -24.11 3.69 14.33
C VAL B 401 -25.01 2.52 13.97
N LYS B 402 -25.45 2.47 12.71
CA LYS B 402 -26.28 1.39 12.21
C LYS B 402 -25.70 0.86 10.90
N TYR B 403 -25.90 -0.43 10.68
CA TYR B 403 -25.44 -1.12 9.46
C TYR B 403 -26.69 -1.59 8.72
N GLU B 404 -27.19 -0.74 7.83
CA GLU B 404 -28.43 -1.08 7.07
C GLU B 404 -28.10 -1.56 5.65
N ASN B 405 -27.76 -0.65 4.73
CA ASN B 405 -27.56 -1.06 3.31
C ASN B 405 -26.13 -1.55 3.04
N LYS B 406 -25.62 -2.52 3.81
CA LYS B 406 -24.26 -3.08 3.53
C LYS B 406 -23.19 -2.00 3.69
N ILE B 407 -23.57 -0.76 4.06
CA ILE B 407 -22.58 0.32 4.32
C ILE B 407 -22.94 0.97 5.66
N SER B 408 -21.99 1.63 6.32
CA SER B 408 -22.24 2.16 7.68
C SER B 408 -22.96 3.51 7.66
N THR B 409 -23.82 3.76 8.65
CA THR B 409 -24.54 5.02 8.80
C THR B 409 -24.33 5.51 10.22
N VAL B 410 -23.96 6.78 10.36
CA VAL B 410 -23.71 7.40 11.66
C VAL B 410 -24.63 8.61 11.81
N ILE B 411 -25.35 8.68 12.93
CA ILE B 411 -26.29 9.76 13.18
C ILE B 411 -26.02 10.31 14.57
N GLU B 412 -26.35 11.58 14.78
CA GLU B 412 -26.34 12.18 16.10
C GLU B 412 -27.74 12.10 16.69
N VAL B 413 -27.87 11.42 17.83
CA VAL B 413 -29.15 11.13 18.44
C VAL B 413 -29.26 11.90 19.75
N ASN B 414 -30.43 11.78 20.38
CA ASN B 414 -30.72 12.48 21.62
C ASN B 414 -30.67 11.52 22.80
N ARG B 415 -30.98 12.05 23.98
CA ARG B 415 -31.00 11.23 25.19
C ARG B 415 -32.06 10.13 25.10
N GLU B 416 -33.30 10.52 24.79
CA GLU B 416 -34.40 9.55 24.80
C GLU B 416 -34.22 8.49 23.73
N GLU B 417 -33.73 8.89 22.55
CA GLU B 417 -33.54 7.92 21.47
C GLU B 417 -32.48 6.88 21.84
N ALA B 418 -31.35 7.34 22.39
CA ALA B 418 -30.30 6.42 22.79
C ALA B 418 -30.77 5.49 23.91
N ILE B 419 -31.48 6.06 24.89
CA ILE B 419 -31.97 5.24 26.01
C ILE B 419 -32.96 4.19 25.50
N GLY B 420 -33.88 4.59 24.62
CA GLY B 420 -34.84 3.64 24.08
C GLY B 420 -34.17 2.56 23.25
N PHE B 421 -33.15 2.93 22.48
CA PHE B 421 -32.45 1.93 21.68
C PHE B 421 -31.71 0.92 22.57
N ILE B 422 -31.04 1.40 23.62
CA ILE B 422 -30.30 0.49 24.47
C ILE B 422 -31.23 -0.40 25.28
N ARG B 423 -32.29 0.18 25.83
CA ARG B 423 -33.28 -0.58 26.59
C ARG B 423 -34.07 -1.52 25.67
N THR C 1 9.85 21.57 28.54
CA THR C 1 8.76 20.68 28.92
C THR C 1 9.14 19.22 28.70
N LEU C 2 10.44 18.93 28.81
CA LEU C 2 11.05 17.60 28.71
C LEU C 2 10.98 17.04 27.29
N ARG C 3 10.33 17.73 26.35
CA ARG C 3 10.25 17.28 24.97
C ARG C 3 10.90 18.25 24.00
N THR C 4 10.64 19.55 24.15
CA THR C 4 11.28 20.54 23.28
C THR C 4 12.77 20.68 23.60
N SER C 5 13.16 20.43 24.85
CA SER C 5 14.58 20.48 25.20
C SER C 5 15.36 19.41 24.45
N GLY C 6 14.80 18.20 24.36
CA GLY C 6 15.44 17.16 23.58
C GLY C 6 15.52 17.52 22.10
N GLU C 7 14.48 18.14 21.57
CA GLU C 7 14.49 18.54 20.17
C GLU C 7 15.56 19.58 19.89
N LEU C 8 15.69 20.58 20.77
CA LEU C 8 16.73 21.59 20.56
C LEU C 8 18.12 20.99 20.76
N LEU C 9 18.27 20.05 21.69
CA LEU C 9 19.56 19.35 21.82
C LEU C 9 19.90 18.59 20.54
N GLN C 10 18.93 17.90 19.97
CA GLN C 10 19.16 17.17 18.72
C GLN C 10 19.54 18.11 17.60
N GLY C 11 18.85 19.25 17.49
CA GLY C 11 19.18 20.22 16.47
C GLY C 11 20.58 20.79 16.63
N ILE C 12 20.97 21.07 17.89
CA ILE C 12 22.30 21.60 18.16
C ILE C 12 23.37 20.57 17.77
N VAL C 13 23.15 19.30 18.13
CA VAL C 13 24.11 18.26 17.78
C VAL C 13 24.19 18.10 16.26
N ARG C 14 23.04 18.16 15.57
CA ARG C 14 23.06 18.03 14.12
C ARG C 14 23.80 19.18 13.45
N VAL C 15 23.59 20.41 13.91
CA VAL C 15 24.30 21.54 13.30
C VAL C 15 25.79 21.47 13.62
N TYR C 16 26.15 21.00 14.82
CA TYR C 16 27.56 20.78 15.15
C TYR C 16 28.18 19.75 14.21
N SER C 17 27.48 18.64 13.97
CA SER C 17 28.00 17.61 13.08
C SER C 17 28.10 18.13 11.64
N LYS C 18 27.13 18.95 11.22
CA LYS C 18 27.17 19.52 9.87
C LYS C 18 28.37 20.45 9.71
N GLN C 19 28.64 21.29 10.71
CA GLN C 19 29.82 22.14 10.65
C GLN C 19 31.10 21.29 10.64
N ALA C 20 31.14 20.24 11.46
CA ALA C 20 32.30 19.37 11.49
C ALA C 20 32.55 18.69 10.15
N THR C 21 31.48 18.20 9.50
CA THR C 21 31.65 17.52 8.22
C THR C 21 31.92 18.48 7.08
N PHE C 22 31.49 19.75 7.19
CA PHE C 22 31.95 20.74 6.23
C PHE C 22 33.42 21.11 6.43
N LEU C 23 33.93 21.07 7.66
CA LEU C 23 35.34 21.36 7.89
C LEU C 23 36.26 20.31 7.27
N LEU C 24 35.83 19.05 7.21
CA LEU C 24 36.59 18.02 6.51
C LEU C 24 36.87 18.42 5.07
N THR C 25 35.86 18.92 4.37
CA THR C 25 36.06 19.29 2.97
C THR C 25 37.06 20.44 2.85
N ASP C 26 36.96 21.44 3.73
CA ASP C 26 37.91 22.54 3.68
C ASP C 26 39.33 22.03 3.88
N ILE C 27 39.51 21.11 4.82
CA ILE C 27 40.84 20.54 5.05
C ILE C 27 41.32 19.79 3.81
N LYS C 28 40.43 19.02 3.17
CA LYS C 28 40.85 18.22 2.02
C LYS C 28 41.23 19.10 0.83
N ASP C 29 40.44 20.14 0.55
CA ASP C 29 40.82 21.05 -0.53
C ASP C 29 42.07 21.84 -0.18
N THR C 30 42.29 22.17 1.09
CA THR C 30 43.54 22.80 1.47
C THR C 30 44.73 21.90 1.18
N LEU C 31 44.63 20.62 1.55
CA LEU C 31 45.69 19.67 1.28
C LEU C 31 45.90 19.48 -0.22
N THR C 32 44.81 19.42 -0.99
CA THR C 32 44.92 19.29 -2.44
C THR C 32 45.61 20.49 -3.05
N LYS C 33 45.27 21.70 -2.57
CA LYS C 33 45.92 22.90 -3.07
C LYS C 33 47.40 22.92 -2.73
N ILE C 34 47.76 22.44 -1.54
CA ILE C 34 49.19 22.29 -1.21
C ILE C 34 49.86 21.33 -2.16
N SER C 35 49.21 20.20 -2.44
CA SER C 35 49.82 19.17 -3.28
C SER C 35 49.99 19.64 -4.72
N MET C 36 49.04 20.43 -5.21
CA MET C 36 49.08 20.88 -6.60
C MET C 36 50.30 21.76 -6.87
N LEU C 37 50.60 22.67 -5.95
CA LEU C 37 51.75 23.55 -6.12
C LEU C 37 52.89 23.16 -5.17
N VAL C 38 -36.26 -12.44 57.74
CA VAL C 38 -37.49 -12.88 57.10
C VAL C 38 -37.18 -13.79 55.91
N ILE C 39 -38.17 -14.55 55.48
CA ILE C 39 -38.01 -15.46 54.35
C ILE C 39 -38.01 -14.65 53.06
N PHE C 40 -37.11 -15.00 52.15
CA PHE C 40 -37.03 -14.30 50.86
C PHE C 40 -38.31 -14.50 50.05
N THR C 41 -38.96 -15.66 50.20
CA THR C 41 -40.23 -15.88 49.50
C THR C 41 -41.29 -14.90 49.98
N ASP C 42 -41.31 -14.61 51.28
CA ASP C 42 -42.24 -13.62 51.81
C ASP C 42 -41.94 -12.23 51.24
N VAL C 43 -40.65 -11.90 51.08
CA VAL C 43 -40.28 -10.62 50.48
C VAL C 43 -40.76 -10.54 49.04
N LEU C 44 -40.57 -11.61 48.28
CA LEU C 44 -41.04 -11.63 46.90
C LEU C 44 -42.55 -11.52 46.81
N LYS C 45 -43.27 -12.20 47.71
CA LYS C 45 -44.73 -12.14 47.69
C LYS C 45 -45.23 -10.72 47.95
N SER C 46 -44.62 -10.02 48.90
CA SER C 46 -45.01 -8.65 49.20
C SER C 46 -44.32 -7.65 48.29
N ILE C 47 -45.76 -15.07 40.26
CA ILE C 47 -44.62 -14.27 39.85
C ILE C 47 -43.72 -15.06 38.92
N THR C 48 -43.26 -14.40 37.85
CA THR C 48 -42.38 -15.05 36.89
C THR C 48 -40.94 -15.01 37.37
N LYS C 49 -40.04 -15.56 36.55
CA LYS C 49 -38.63 -15.64 36.94
C LYS C 49 -37.98 -14.26 36.97
N ARG C 50 -38.51 -13.30 36.21
CA ARG C 50 -37.84 -12.02 36.03
C ARG C 50 -37.70 -11.28 37.36
N GLU C 51 -38.82 -10.92 37.98
CA GLU C 51 -38.76 -10.15 39.21
C GLU C 51 -38.17 -10.95 40.36
N ALA C 52 -38.41 -12.27 40.39
CA ALA C 52 -37.81 -13.10 41.44
C ALA C 52 -36.29 -13.06 41.36
N SER C 53 -35.74 -13.23 40.15
CA SER C 53 -34.29 -13.18 39.98
C SER C 53 -33.75 -11.78 40.23
N ARG C 54 -34.50 -10.74 39.84
CA ARG C 54 -34.06 -9.38 40.13
C ARG C 54 -33.98 -9.13 41.63
N GLY C 55 -34.98 -9.57 42.38
CA GLY C 55 -34.93 -9.44 43.83
C GLY C 55 -33.82 -10.28 44.44
N PHE C 56 -33.56 -11.45 43.87
CA PHE C 56 -32.46 -12.30 44.36
C PHE C 56 -31.12 -11.58 44.18
N PHE C 57 -30.90 -10.99 43.01
CA PHE C 57 -29.66 -10.25 42.78
C PHE C 57 -29.58 -9.03 43.69
N ASP C 58 -30.71 -8.35 43.91
CA ASP C 58 -30.70 -7.18 44.78
C ASP C 58 -30.35 -7.56 46.21
N ILE C 59 -30.94 -8.65 46.73
CA ILE C 59 -30.63 -9.06 48.10
C ILE C 59 -29.20 -9.57 48.19
N LEU C 60 -28.69 -10.22 47.14
CA LEU C 60 -27.29 -10.62 47.14
C LEU C 60 -26.35 -9.42 47.19
N SER C 61 -26.66 -8.37 46.42
CA SER C 61 -25.85 -7.16 46.45
C SER C 61 -25.93 -6.48 47.81
N LEU C 62 -27.11 -6.44 48.41
CA LEU C 62 -27.26 -5.86 49.74
C LEU C 62 -26.45 -6.63 50.78
N ALA C 63 -26.46 -7.97 50.69
CA ALA C 63 -25.64 -8.77 51.59
C ALA C 63 -24.15 -8.51 51.36
N THR C 64 -23.74 -8.37 50.11
CA THR C 64 -22.34 -8.07 49.82
C THR C 64 -21.93 -6.73 50.40
N GLU C 65 -22.82 -5.73 50.32
CA GLU C 65 -22.53 -4.44 50.92
C GLU C 65 -22.38 -4.53 52.43
N GLY C 66 -23.08 -5.46 53.08
CA GLY C 66 -22.96 -5.67 54.51
C GLY C 66 -24.02 -5.01 55.35
N CYS C 67 -25.05 -4.41 54.74
CA CYS C 67 -26.12 -3.81 55.52
C CYS C 67 -26.90 -4.85 56.31
N ILE C 68 -27.21 -5.99 55.68
CA ILE C 68 -28.01 -7.03 56.30
C ILE C 68 -27.36 -8.38 56.04
N GLY C 69 -27.77 -9.37 56.85
CA GLY C 69 -27.20 -10.70 56.74
C GLY C 69 -28.14 -11.72 56.12
N LEU C 70 -27.58 -12.74 55.49
CA LEU C 70 -28.34 -13.78 54.82
C LEU C 70 -27.92 -15.15 55.33
N SER C 71 -28.91 -16.02 55.54
CA SER C 71 -28.67 -17.35 56.07
C SER C 71 -29.44 -18.39 55.26
N GLN C 72 -28.89 -19.60 55.19
CA GLN C 72 -29.56 -20.72 54.55
C GLN C 72 -29.30 -21.97 55.37
N THR C 73 -30.33 -22.78 55.56
CA THR C 73 -30.24 -23.99 56.37
C THR C 73 -30.05 -25.26 55.57
N GLU C 74 -30.69 -25.36 54.40
CA GLU C 74 -30.63 -26.56 53.57
C GLU C 74 -29.97 -26.23 52.23
N ALA C 75 -29.80 -27.26 51.41
CA ALA C 75 -29.18 -27.06 50.09
C ALA C 75 -30.04 -26.16 49.21
N PHE C 76 -31.36 -26.37 49.23
CA PHE C 76 -32.28 -25.57 48.45
C PHE C 76 -33.35 -24.92 49.32
N GLY C 77 -33.10 -24.82 50.63
CA GLY C 77 -34.08 -24.28 51.55
C GLY C 77 -34.27 -22.78 51.37
N ASN C 78 -35.31 -22.28 52.03
CA ASN C 78 -35.64 -20.86 51.96
C ASN C 78 -34.55 -20.01 52.63
N ILE C 79 -34.31 -18.84 52.07
CA ILE C 79 -33.28 -17.93 52.55
C ILE C 79 -33.88 -17.05 53.63
N LYS C 80 -33.13 -16.86 54.72
CA LYS C 80 -33.55 -16.02 55.83
C LYS C 80 -32.76 -14.72 55.80
N ILE C 81 -33.47 -13.60 55.91
CA ILE C 81 -32.88 -12.28 55.87
C ILE C 81 -32.93 -11.70 57.28
N ASP C 82 -31.77 -11.29 57.80
CA ASP C 82 -31.67 -10.69 59.12
C ASP C 82 -31.23 -9.24 58.99
N ALA C 83 -31.99 -8.33 59.58
CA ALA C 83 -31.69 -6.92 59.51
C ALA C 83 -31.07 -6.43 60.83
N THR D 221 53.04 67.14 -9.10
CA THR D 221 51.71 67.69 -8.88
C THR D 221 50.72 67.13 -9.91
N THR D 222 49.43 67.14 -9.54
CA THR D 222 48.40 66.64 -10.45
C THR D 222 48.31 67.49 -11.70
N ASN D 223 48.37 68.82 -11.55
CA ASN D 223 48.32 69.70 -12.72
C ASN D 223 49.53 69.49 -13.62
N CYS D 224 50.72 69.35 -13.02
CA CYS D 224 51.92 69.10 -13.82
C CYS D 224 51.83 67.78 -14.56
N LEU D 225 51.34 66.73 -13.90
CA LEU D 225 51.19 65.44 -14.55
C LEU D 225 50.19 65.51 -15.69
N THR D 226 49.06 66.21 -15.48
CA THR D 226 48.08 66.38 -16.54
C THR D 226 48.64 67.13 -17.73
N LYS D 227 49.40 68.20 -17.46
CA LYS D 227 50.01 68.97 -18.54
C LYS D 227 51.02 68.12 -19.30
N LEU D 228 51.83 67.33 -18.59
CA LEU D 228 52.79 66.45 -19.25
C LEU D 228 52.08 65.41 -20.12
N GLN D 229 51.00 64.83 -19.61
CA GLN D 229 50.25 63.86 -20.39
C GLN D 229 49.64 64.50 -21.64
N MET D 230 49.10 65.71 -21.49
CA MET D 230 48.53 66.41 -22.64
C MET D 230 49.61 66.71 -23.68
N THR D 231 50.79 67.15 -23.23
CA THR D 231 51.88 67.43 -24.16
C THR D 231 52.33 66.18 -24.87
N ILE D 232 52.42 65.05 -24.14
CA ILE D 232 52.82 63.79 -24.75
C ILE D 232 51.79 63.35 -25.79
N LYS D 233 50.51 63.48 -25.47
CA LYS D 233 49.46 63.12 -26.42
C LYS D 233 49.51 64.00 -27.66
N ASN D 234 49.72 65.31 -27.47
CA ASN D 234 49.80 66.22 -28.61
C ASN D 234 51.01 65.93 -29.48
N ILE D 235 52.15 65.61 -28.87
CA ILE D 235 53.35 65.29 -29.64
C ILE D 235 53.14 64.05 -30.49
N THR D 236 52.53 63.02 -29.91
CA THR D 236 52.27 61.77 -30.63
C THR D 236 51.15 61.96 -31.65
N LEU D 250 63.92 60.37 -19.88
CA LEU D 250 64.59 59.58 -18.85
C LEU D 250 64.29 60.13 -17.45
N LEU D 251 64.47 61.44 -17.30
CA LEU D 251 64.20 62.08 -16.03
C LEU D 251 62.73 62.00 -15.65
N ARG D 252 61.83 62.16 -16.64
CA ARG D 252 60.40 62.06 -16.36
C ARG D 252 60.02 60.66 -15.90
N LEU D 253 60.58 59.64 -16.55
CA LEU D 253 60.30 58.26 -16.14
C LEU D 253 60.79 57.99 -14.72
N LEU D 254 61.99 58.48 -14.40
CA LEU D 254 62.53 58.30 -13.05
C LEU D 254 61.65 59.01 -12.02
N ASP D 255 61.21 60.23 -12.32
CA ASP D 255 60.32 60.95 -11.40
C ASP D 255 59.01 60.22 -11.22
N VAL D 256 58.45 59.67 -12.30
CA VAL D 256 57.20 58.93 -12.21
C VAL D 256 57.38 57.68 -11.36
N MET D 257 58.49 56.97 -11.54
CA MET D 257 58.77 55.78 -10.73
C MET D 257 58.93 56.15 -9.26
N VAL D 258 59.62 57.26 -8.99
CA VAL D 258 59.80 57.69 -7.60
C VAL D 258 58.45 58.04 -6.97
N CYS D 259 57.60 58.75 -7.72
CA CYS D 259 56.28 59.09 -7.21
C CYS D 259 55.44 57.85 -6.96
N ASN D 260 55.50 56.86 -7.87
CA ASN D 260 54.76 55.63 -7.67
C ASN D 260 55.28 54.82 -6.49
N ILE D 261 56.59 54.91 -6.22
CA ILE D 261 57.17 54.20 -5.09
C ILE D 261 56.57 54.71 -3.77
N LYS D 262 56.45 56.02 -3.64
CA LYS D 262 55.89 56.62 -2.43
C LYS D 262 54.38 56.83 -2.58
N ARG D 278 45.59 58.46 -5.79
CA ARG D 278 45.17 58.92 -7.10
C ARG D 278 46.36 59.47 -7.90
N TYR D 279 47.24 60.19 -7.20
CA TYR D 279 48.41 60.75 -7.86
C TYR D 279 49.35 59.65 -8.35
N ILE D 280 49.51 58.58 -7.57
CA ILE D 280 50.39 57.48 -7.96
C ILE D 280 49.85 56.81 -9.22
N ALA D 281 48.55 56.58 -9.27
CA ALA D 281 47.95 55.96 -10.45
C ALA D 281 48.10 56.85 -11.68
N LEU D 282 47.91 58.16 -11.52
CA LEU D 282 48.09 59.08 -12.64
C LEU D 282 49.52 59.08 -13.13
N LEU D 283 50.49 59.08 -12.21
CA LEU D 283 51.89 59.02 -12.60
C LEU D 283 52.23 57.72 -13.32
N SER D 284 51.70 56.59 -12.82
CA SER D 284 51.93 55.31 -13.49
C SER D 284 51.34 55.30 -14.89
N THR D 285 50.13 55.84 -15.04
CA THR D 285 49.52 55.91 -16.36
C THR D 285 50.32 56.80 -17.31
N ILE D 286 50.82 57.93 -16.81
CA ILE D 286 51.63 58.82 -17.64
C ILE D 286 52.92 58.12 -18.06
N VAL D 287 53.56 57.40 -17.13
CA VAL D 287 54.78 56.68 -17.46
C VAL D 287 54.52 55.61 -18.49
N LEU D 288 53.41 54.87 -18.34
CA LEU D 288 53.07 53.84 -19.31
C LEU D 288 52.79 54.43 -20.69
N PHE D 289 52.09 55.56 -20.73
CA PHE D 289 51.82 56.22 -22.01
C PHE D 289 53.10 56.72 -22.67
N ASN D 290 54.01 57.29 -21.88
CA ASN D 290 55.27 57.76 -22.42
C ASN D 290 56.11 56.61 -22.96
N ILE D 291 56.17 55.51 -22.22
CA ILE D 291 56.95 54.35 -22.64
C ILE D 291 56.24 53.62 -23.78
N GLU D 304 64.08 47.89 -16.48
CA GLU D 304 62.93 47.04 -16.12
C GLU D 304 62.29 47.56 -14.82
N SER D 305 62.99 48.44 -14.10
CA SER D 305 62.47 48.99 -12.83
C SER D 305 61.21 49.83 -13.09
N TYR D 306 61.27 50.72 -14.09
CA TYR D 306 60.10 51.57 -14.43
C TYR D 306 58.86 50.69 -14.60
N ILE D 307 59.04 49.45 -15.08
CA ILE D 307 57.90 48.52 -15.30
C ILE D 307 57.63 47.76 -13.99
N MET D 308 58.70 47.34 -13.31
CA MET D 308 58.54 46.55 -12.05
C MET D 308 57.83 47.40 -10.99
N GLU D 309 58.10 48.72 -10.98
CA GLU D 309 57.42 49.60 -10.02
C GLU D 309 55.95 49.81 -10.36
N PRO D 310 55.59 50.12 -11.61
CA PRO D 310 54.16 50.21 -11.94
C PRO D 310 53.42 48.90 -11.74
N VAL D 311 54.07 47.76 -12.00
CA VAL D 311 53.42 46.47 -11.77
C VAL D 311 53.15 46.27 -10.29
N ASN D 312 54.12 46.61 -9.44
CA ASN D 312 53.93 46.49 -8.00
C ASN D 312 52.83 47.43 -7.50
N PHE D 313 52.79 48.66 -8.04
CA PHE D 313 51.74 49.60 -7.65
C PHE D 313 50.37 49.09 -8.05
N LEU D 314 50.25 48.55 -9.27
CA LEU D 314 48.98 47.98 -9.70
C LEU D 314 48.60 46.77 -8.86
N SER D 315 49.58 45.96 -8.46
CA SER D 315 49.31 44.82 -7.60
C SER D 315 48.77 45.26 -6.25
N ASP D 316 49.39 46.29 -5.67
CA ASP D 316 48.91 46.81 -4.39
C ASP D 316 47.50 47.38 -4.53
N LEU D 317 47.24 48.11 -5.61
CA LEU D 317 45.90 48.67 -5.82
C LEU D 317 44.86 47.57 -5.98
N ILE D 318 45.20 46.52 -6.72
CA ILE D 318 44.25 45.41 -6.93
C ILE D 318 44.01 44.67 -5.62
N GLU D 319 45.06 44.46 -4.83
CA GLU D 319 44.90 43.79 -3.55
C GLU D 319 44.02 44.62 -2.61
N SER D 320 44.22 45.94 -2.59
CA SER D 320 43.38 46.80 -1.77
C SER D 320 41.93 46.78 -2.24
N LEU D 321 41.72 46.83 -3.56
CA LEU D 321 40.35 46.84 -4.09
C LEU D 321 39.66 45.50 -3.82
N LYS D 322 40.37 44.39 -3.99
CA LYS D 322 39.79 43.07 -3.80
C LYS D 322 39.53 42.79 -2.32
N ASP D 336 36.58 55.69 -12.82
CA ASP D 336 37.07 55.91 -14.18
C ASP D 336 38.52 56.33 -14.17
N THR D 337 38.95 56.94 -13.06
CA THR D 337 40.34 57.35 -12.92
C THR D 337 41.27 56.16 -12.71
N PHE D 338 40.71 54.97 -12.52
CA PHE D 338 41.55 53.79 -12.29
C PHE D 338 41.84 53.06 -13.60
N GLN D 339 40.95 53.21 -14.59
CA GLN D 339 40.95 52.29 -15.74
C GLN D 339 41.93 52.67 -16.84
N GLU D 340 42.45 53.91 -16.85
CA GLU D 340 43.32 54.31 -17.96
C GLU D 340 44.64 53.54 -17.93
N ALA D 341 45.18 53.29 -16.74
CA ALA D 341 46.42 52.52 -16.65
C ALA D 341 46.21 51.10 -17.17
N LEU D 342 45.12 50.45 -16.78
CA LEU D 342 44.83 49.11 -17.24
C LEU D 342 44.44 49.07 -18.71
N GLU D 343 44.02 50.20 -19.27
CA GLU D 343 43.72 50.27 -20.70
C GLU D 343 44.96 50.48 -21.54
N LEU D 344 45.90 51.30 -21.06
CA LEU D 344 47.15 51.54 -21.79
C LEU D 344 48.20 50.48 -21.56
N LEU D 345 48.05 49.64 -20.53
CA LEU D 345 49.01 48.55 -20.33
C LEU D 345 49.04 47.56 -21.48
N PRO D 346 47.90 47.02 -21.96
CA PRO D 346 47.99 46.05 -23.08
C PRO D 346 48.59 46.63 -24.35
N LYS D 347 48.40 47.92 -24.61
CA LYS D 347 49.01 48.52 -25.79
C LYS D 347 50.53 48.47 -25.70
N TYR D 348 51.09 48.84 -24.56
CA TYR D 348 52.54 48.74 -24.36
C TYR D 348 53.01 47.29 -24.40
N ILE D 349 52.22 46.38 -23.85
CA ILE D 349 52.59 44.96 -23.86
C ILE D 349 52.67 44.44 -25.29
N ARG D 350 51.67 44.78 -26.11
CA ARG D 350 51.65 44.34 -27.50
C ARG D 350 52.75 45.00 -28.32
N ASN D 351 53.03 46.28 -28.07
CA ASN D 351 54.02 47.02 -28.84
C ASN D 351 55.45 46.70 -28.39
N GLY D 352 55.74 46.90 -27.10
CA GLY D 352 57.07 46.71 -26.58
C GLY D 352 57.33 45.32 -26.07
N PRO D 353 58.26 44.61 -26.70
CA PRO D 353 58.64 43.26 -26.25
C PRO D 353 59.83 43.23 -25.30
N PHE D 354 60.31 44.37 -24.82
CA PHE D 354 61.51 44.42 -24.00
C PHE D 354 61.32 43.83 -22.61
N LEU D 355 60.09 43.51 -22.21
CA LEU D 355 59.85 42.96 -20.89
C LEU D 355 60.52 41.60 -20.75
N ASP D 356 61.22 41.41 -19.63
CA ASP D 356 61.90 40.15 -19.37
C ASP D 356 60.93 39.12 -18.79
N ASP D 357 61.40 37.88 -18.69
CA ASP D 357 60.56 36.79 -18.23
C ASP D 357 60.13 36.93 -16.78
N ASN D 358 60.87 37.69 -15.97
CA ASN D 358 60.53 37.82 -14.56
C ASN D 358 59.29 38.67 -14.35
N VAL D 359 59.17 39.79 -15.07
CA VAL D 359 58.05 40.70 -14.86
C VAL D 359 56.76 40.12 -15.46
N THR D 360 56.88 39.27 -16.47
CA THR D 360 55.69 38.73 -17.12
C THR D 360 54.93 37.80 -16.18
N ALA D 361 55.64 37.05 -15.33
CA ALA D 361 55.00 36.08 -14.47
C ALA D 361 54.05 36.76 -13.48
N LYS D 362 54.49 37.86 -12.87
CA LYS D 362 53.66 38.56 -11.89
C LYS D 362 52.37 39.08 -12.54
N LEU D 363 52.50 39.71 -13.70
CA LEU D 363 51.33 40.22 -14.40
C LEU D 363 50.38 39.09 -14.80
N VAL D 364 50.94 37.99 -15.32
CA VAL D 364 50.12 36.86 -15.72
C VAL D 364 49.33 36.33 -14.53
N TYR D 365 50.01 36.16 -13.40
CA TYR D 365 49.37 35.56 -12.24
C TYR D 365 48.31 36.48 -11.64
N ILE D 366 48.62 37.77 -11.50
CA ILE D 366 47.64 38.69 -10.92
C ILE D 366 46.43 38.83 -11.83
N PHE D 367 46.65 38.84 -13.14
CA PHE D 367 45.53 38.98 -14.06
C PHE D 367 44.70 37.71 -14.16
N SER D 368 45.33 36.54 -14.03
CA SER D 368 44.56 35.30 -13.95
C SER D 368 43.73 35.26 -12.68
N ASP D 369 44.29 35.72 -11.57
CA ASP D 369 43.52 35.80 -10.32
C ASP D 369 42.35 36.77 -10.46
N LEU D 370 42.60 37.92 -11.10
CA LEU D 370 41.57 38.95 -11.21
C LEU D 370 40.46 38.55 -12.19
N LEU D 371 40.80 37.78 -13.22
CA LEU D 371 39.80 37.36 -14.20
C LEU D 371 38.72 36.49 -13.56
N MET D 372 39.11 35.58 -12.69
CA MET D 372 38.16 34.67 -12.08
C MET D 372 37.30 35.40 -11.04
N ASN D 373 37.92 35.94 -10.01
CA ASN D 373 37.20 36.68 -8.97
C ASN D 373 38.03 37.84 -8.46
N SER D 386 29.03 46.13 -13.22
CA SER D 386 29.27 46.85 -14.48
C SER D 386 30.76 47.10 -14.69
N PHE D 387 31.37 47.83 -13.75
CA PHE D 387 32.80 48.10 -13.85
C PHE D 387 33.63 46.84 -13.68
N TRP D 388 33.15 45.88 -12.89
CA TRP D 388 33.90 44.63 -12.71
C TRP D 388 33.97 43.84 -14.01
N ASP D 389 32.89 43.85 -14.80
CA ASP D 389 32.93 43.19 -16.10
C ASP D 389 33.95 43.85 -17.02
N ASN D 390 34.02 45.18 -17.01
CA ASN D 390 35.01 45.88 -17.82
C ASN D 390 36.43 45.54 -17.36
N VAL D 391 36.63 45.44 -16.05
CA VAL D 391 37.95 45.07 -15.52
C VAL D 391 38.32 43.65 -15.97
N LYS D 392 37.35 42.73 -15.92
CA LYS D 392 37.62 41.36 -16.38
C LYS D 392 37.95 41.33 -17.87
N ARG D 393 37.22 42.13 -18.66
CA ARG D 393 37.50 42.20 -20.09
C ARG D 393 38.89 42.76 -20.36
N ILE D 394 39.29 43.78 -19.59
CA ILE D 394 40.63 44.34 -19.73
C ILE D 394 41.69 43.31 -19.38
N SER D 395 41.46 42.55 -18.31
CA SER D 395 42.40 41.50 -17.91
C SER D 395 42.51 40.43 -19.00
N SER D 396 41.38 40.05 -19.59
CA SER D 396 41.41 39.07 -20.67
C SER D 396 42.19 39.59 -21.88
N ASP D 397 41.98 40.87 -22.22
CA ASP D 397 42.71 41.45 -23.34
C ASP D 397 44.21 41.48 -23.05
N ILE D 398 44.59 41.82 -21.82
CA ILE D 398 46.00 41.83 -21.47
C ILE D 398 46.58 40.42 -21.54
N LEU D 399 45.83 39.42 -21.07
CA LEU D 399 46.33 38.05 -21.12
C LEU D 399 46.52 37.57 -22.55
N VAL D 400 45.56 37.86 -23.44
CA VAL D 400 45.72 37.42 -24.82
C VAL D 400 46.83 38.19 -25.52
N SER D 401 47.02 39.46 -25.17
CA SER D 401 48.15 40.21 -25.72
C SER D 401 49.48 39.63 -25.27
N LEU D 402 49.57 39.24 -23.99
CA LEU D 402 50.79 38.60 -23.49
C LEU D 402 51.02 37.26 -24.18
N PHE D 403 49.97 36.50 -24.42
CA PHE D 403 50.09 35.24 -25.16
C PHE D 403 50.62 35.49 -26.56
N GLY D 404 50.07 36.49 -27.26
CA GLY D 404 50.49 36.76 -28.62
C GLY D 404 51.91 37.28 -28.72
N SER D 405 52.30 38.15 -27.77
CA SER D 405 53.61 38.79 -27.86
C SER D 405 54.75 37.80 -27.68
N PHE D 406 54.63 36.91 -26.72
CA PHE D 406 55.71 35.97 -26.37
C PHE D 406 55.35 34.58 -26.90
N ASP D 407 56.26 34.00 -27.68
CA ASP D 407 56.06 32.68 -28.25
C ASP D 407 56.70 31.57 -27.42
N GLN D 408 57.32 31.90 -26.29
CA GLN D 408 57.95 30.92 -25.42
C GLN D 408 57.29 30.82 -24.05
N GLN D 409 56.12 31.44 -23.87
CA GLN D 409 55.41 31.42 -22.60
C GLN D 409 53.99 30.87 -22.75
N ARG D 410 53.73 30.07 -23.79
CA ARG D 410 52.39 29.56 -24.02
C ARG D 410 51.96 28.61 -22.91
N GLY D 411 52.79 27.63 -22.60
CA GLY D 411 52.47 26.69 -21.54
C GLY D 411 52.31 27.36 -20.19
N PHE D 412 53.11 28.39 -19.94
CA PHE D 412 53.06 29.08 -18.67
C PHE D 412 51.69 29.71 -18.44
N ILE D 413 51.22 30.51 -19.40
CA ILE D 413 49.91 31.14 -19.27
C ILE D 413 48.79 30.10 -19.31
N ILE D 414 48.97 29.03 -20.10
CA ILE D 414 47.94 28.00 -20.18
C ILE D 414 47.76 27.33 -18.81
N GLU D 415 48.86 26.95 -18.18
CA GLU D 415 48.78 26.33 -16.85
C GLU D 415 48.25 27.31 -15.82
N GLU D 416 48.65 28.59 -15.91
CA GLU D 416 48.14 29.57 -14.96
C GLU D 416 46.63 29.73 -15.08
N LEU D 417 46.11 29.75 -16.31
CA LEU D 417 44.66 29.87 -16.48
C LEU D 417 43.95 28.60 -16.05
N LEU D 418 44.56 27.43 -16.28
CA LEU D 418 43.92 26.17 -15.91
C LEU D 418 43.93 25.93 -14.40
N SER D 419 44.90 26.49 -13.68
CA SER D 419 44.99 26.24 -12.25
C SER D 419 43.83 26.87 -11.49
N HIS D 420 43.19 27.89 -12.05
CA HIS D 420 42.04 28.53 -11.42
C HIS D 420 40.72 28.03 -12.01
N ILE D 421 40.67 26.75 -12.39
CA ILE D 421 39.46 26.19 -12.98
C ILE D 421 38.35 26.02 -11.94
N GLU D 422 38.69 26.00 -10.64
CA GLU D 422 37.70 25.81 -9.60
C GLU D 422 36.84 27.04 -9.36
N LYS D 423 37.17 28.18 -9.97
CA LYS D 423 36.43 29.42 -9.76
C LYS D 423 35.30 29.61 -10.75
N LEU D 424 35.03 28.61 -11.60
CA LEU D 424 33.93 28.69 -12.53
C LEU D 424 32.60 28.75 -11.77
N PRO D 425 31.62 29.50 -12.27
CA PRO D 425 30.34 29.61 -11.55
C PRO D 425 29.52 28.34 -11.72
N THR D 426 28.97 27.86 -10.60
CA THR D 426 28.17 26.64 -10.62
C THR D 426 26.90 26.83 -11.46
N LYS D 427 26.25 27.98 -11.32
CA LYS D 427 25.03 28.29 -12.05
C LYS D 427 25.31 29.33 -13.13
N ARG D 428 24.57 29.22 -14.23
CA ARG D 428 24.76 30.13 -15.36
C ARG D 428 23.97 31.41 -15.19
N ILE D 429 24.18 32.10 -14.07
CA ILE D 429 23.53 33.39 -13.86
C ILE D 429 24.16 34.43 -14.78
N GLN D 430 23.31 35.27 -15.39
CA GLN D 430 23.77 36.21 -16.40
C GLN D 430 24.65 37.32 -15.82
N LYS D 431 24.71 37.45 -14.49
CA LYS D 431 25.43 38.56 -13.89
C LYS D 431 26.93 38.48 -14.17
N LYS D 432 27.54 37.34 -13.84
CA LYS D 432 28.97 37.15 -14.06
C LYS D 432 29.22 36.33 -15.33
N LEU D 433 28.82 36.92 -16.45
CA LEU D 433 29.04 36.29 -17.75
C LEU D 433 29.36 37.37 -18.78
N ARG D 434 30.08 36.98 -19.82
CA ARG D 434 30.40 37.86 -20.92
C ARG D 434 29.34 37.72 -22.02
N LYS D 435 29.61 38.31 -23.18
CA LYS D 435 28.70 38.25 -24.32
C LYS D 435 29.49 37.83 -25.56
N VAL D 436 28.75 37.66 -26.66
CA VAL D 436 29.33 37.27 -27.95
C VAL D 436 30.15 35.98 -27.83
N GLN D 439 23.89 38.97 -30.03
CA GLN D 439 23.35 37.68 -30.43
C GLN D 439 22.59 37.02 -29.30
N ASN D 440 22.53 37.70 -28.16
CA ASN D 440 21.93 37.17 -26.93
C ASN D 440 22.57 35.85 -26.52
N ILE D 441 23.89 35.75 -26.71
CA ILE D 441 24.65 34.57 -26.33
C ILE D 441 25.62 34.98 -25.24
N TYR D 442 25.52 34.33 -24.08
CA TYR D 442 26.33 34.66 -22.91
C TYR D 442 27.44 33.64 -22.75
N ILE D 443 28.68 34.11 -22.66
CA ILE D 443 29.86 33.26 -22.62
C ILE D 443 30.55 33.48 -21.29
N THR D 444 30.91 32.39 -20.61
CA THR D 444 31.68 32.52 -19.38
C THR D 444 33.09 33.02 -19.70
N ASP D 445 33.63 33.82 -18.78
CA ASP D 445 34.85 34.57 -19.08
C ASP D 445 36.06 33.66 -19.30
N PHE D 446 36.14 32.54 -18.57
CA PHE D 446 37.31 31.68 -18.67
C PHE D 446 37.49 31.16 -20.09
N THR D 447 36.45 30.54 -20.65
CA THR D 447 36.58 30.02 -22.01
C THR D 447 36.56 31.13 -23.04
N PHE D 448 35.94 32.28 -22.71
CA PHE D 448 36.01 33.43 -23.59
C PHE D 448 37.44 33.87 -23.80
N THR D 449 38.23 33.89 -22.72
CA THR D 449 39.65 34.19 -22.86
C THR D 449 40.40 33.02 -23.51
N LEU D 450 40.07 31.79 -23.12
CA LEU D 450 40.84 30.62 -23.57
C LEU D 450 40.71 30.40 -25.07
N MET D 451 39.51 30.56 -25.63
CA MET D 451 39.31 30.33 -27.05
C MET D 451 40.11 31.34 -27.88
N SER D 452 40.04 32.61 -27.50
CA SER D 452 40.83 33.63 -28.20
C SER D 452 42.32 33.37 -28.03
N MET D 453 42.74 32.95 -26.85
CA MET D 453 44.15 32.65 -26.61
C MET D 453 44.62 31.53 -27.51
N LEU D 454 43.82 30.46 -27.63
CA LEU D 454 44.22 29.32 -28.45
C LEU D 454 44.19 29.68 -29.94
N GLU D 455 43.21 30.47 -30.38
CA GLU D 455 43.15 30.87 -31.78
C GLU D 455 44.16 31.95 -32.13
N ASN D 456 44.79 32.57 -31.14
CA ASN D 456 45.83 33.57 -31.40
C ASN D 456 47.15 32.98 -31.91
N ILE D 457 47.22 31.71 -32.28
CA ILE D 457 48.47 31.17 -32.84
C ILE D 457 48.79 31.84 -34.16
N ASN D 458 47.76 32.18 -34.94
CA ASN D 458 47.79 33.04 -36.12
C ASN D 458 49.07 32.92 -36.96
N CYS D 459 49.37 31.72 -37.42
CA CYS D 459 50.53 31.51 -38.28
C CYS D 459 50.41 32.23 -39.61
N TYR D 460 49.19 32.64 -40.00
CA TYR D 460 49.03 33.41 -41.23
C TYR D 460 49.85 34.68 -41.23
N SER D 461 50.08 35.27 -40.07
CA SER D 461 50.93 36.46 -39.99
C SER D 461 52.35 36.14 -40.46
N PHE D 462 52.85 34.96 -40.11
CA PHE D 462 54.14 34.52 -40.64
C PHE D 462 54.12 34.44 -42.16
N CYS D 463 52.99 34.06 -42.74
CA CYS D 463 52.85 34.05 -44.20
C CYS D 463 53.04 35.46 -44.76
N ASN D 464 52.63 36.48 -43.99
CA ASN D 464 52.90 37.86 -44.41
C ASN D 464 54.39 38.16 -44.40
N GLN D 465 55.12 37.60 -43.44
CA GLN D 465 56.56 37.85 -43.35
C GLN D 465 57.29 37.27 -44.56
N MET D 466 56.90 36.07 -44.99
CA MET D 466 57.55 35.44 -46.14
C MET D 466 56.99 35.99 -47.45
N ASN D 473 58.78 28.25 -54.18
CA ASN D 473 59.51 27.43 -53.22
C ASN D 473 58.78 27.41 -51.87
N ILE D 474 57.77 26.57 -51.76
CA ILE D 474 56.96 26.46 -50.54
C ILE D 474 57.52 25.27 -49.74
N ASP D 475 58.52 25.56 -48.89
CA ASP D 475 59.14 24.51 -48.09
C ASP D 475 59.16 24.87 -46.62
N LEU D 476 59.42 26.14 -46.30
CA LEU D 476 59.51 26.59 -44.92
C LEU D 476 58.15 26.79 -44.28
N LEU D 477 57.19 27.33 -45.03
CA LEU D 477 55.86 27.55 -44.48
C LEU D 477 55.17 26.24 -44.12
N LYS D 478 55.42 25.18 -44.90
CA LYS D 478 54.86 23.88 -44.57
C LYS D 478 55.36 23.39 -43.22
N ASN D 479 56.67 23.50 -42.99
CA ASN D 479 57.24 23.07 -41.71
C ASN D 479 56.72 23.93 -40.57
N GLU D 480 56.62 25.25 -40.78
CA GLU D 480 56.11 26.13 -39.74
C GLU D 480 54.66 25.80 -39.39
N TYR D 481 53.84 25.56 -40.41
CA TYR D 481 52.44 25.18 -40.17
C TYR D 481 52.35 23.85 -39.45
N LYS D 482 53.20 22.88 -39.83
CA LYS D 482 53.21 21.60 -39.15
C LYS D 482 53.55 21.76 -37.67
N LYS D 483 54.59 22.56 -37.38
CA LYS D 483 54.97 22.78 -35.99
C LYS D 483 53.85 23.47 -35.21
N GLN D 484 53.23 24.49 -35.81
CA GLN D 484 52.15 25.21 -35.12
C GLN D 484 50.97 24.30 -34.86
N GLU D 485 50.57 23.48 -35.84
CA GLU D 485 49.43 22.61 -35.66
C GLU D 485 49.73 21.51 -34.65
N GLU D 486 50.96 20.99 -34.64
CA GLU D 486 51.34 20.00 -33.63
C GLU D 486 51.32 20.60 -32.24
N PHE D 487 51.81 21.84 -32.09
CA PHE D 487 51.79 22.51 -30.79
C PHE D 487 50.35 22.73 -30.32
N LEU D 488 49.48 23.19 -31.22
CA LEU D 488 48.08 23.40 -30.85
C LEU D 488 47.41 22.09 -30.47
N PHE D 489 47.68 21.02 -31.22
CA PHE D 489 47.13 19.72 -30.93
C PHE D 489 47.57 19.21 -29.56
N ASN D 490 48.87 19.34 -29.25
CA ASN D 490 49.36 18.91 -27.96
C ASN D 490 48.73 19.71 -26.82
N ILE D 491 48.64 21.03 -26.98
CA ILE D 491 48.11 21.85 -25.88
C ILE D 491 46.61 21.62 -25.69
N VAL D 492 45.87 21.39 -26.79
CA VAL D 492 44.44 21.14 -26.63
C VAL D 492 44.21 19.77 -25.98
N GLU D 493 45.03 18.77 -26.33
CA GLU D 493 44.93 17.50 -25.62
C GLU D 493 45.30 17.65 -24.15
N HIS D 494 46.31 18.48 -23.85
CA HIS D 494 46.67 18.71 -22.45
C HIS D 494 45.51 19.35 -21.68
N ILE D 495 44.86 20.35 -22.28
CA ILE D 495 43.75 21.03 -21.62
C ILE D 495 42.60 20.05 -21.39
N ASN D 496 42.25 19.27 -22.42
CA ASN D 496 41.17 18.30 -22.27
C ASN D 496 41.52 17.26 -21.21
N ASP D 497 42.75 16.78 -21.21
CA ASP D 497 43.16 15.75 -20.25
C ASP D 497 43.07 16.27 -18.83
N THR D 498 43.57 17.49 -18.59
CA THR D 498 43.53 18.02 -17.22
C THR D 498 42.09 18.32 -16.79
N ILE D 499 41.25 18.80 -17.72
CA ILE D 499 39.85 19.05 -17.37
C ILE D 499 39.16 17.75 -16.98
N LEU D 500 39.32 16.70 -17.80
CA LEU D 500 38.70 15.42 -17.50
C LEU D 500 39.24 14.81 -16.21
N GLU D 501 40.55 14.96 -15.96
CA GLU D 501 41.12 14.42 -14.73
C GLU D 501 40.56 15.11 -13.50
N ARG D 502 40.55 16.45 -13.50
CA ARG D 502 40.02 17.18 -12.36
C ARG D 502 38.52 16.98 -12.20
N PHE D 503 37.81 16.66 -13.28
CA PHE D 503 36.40 16.30 -13.12
C PHE D 503 36.23 14.90 -12.56
N PHE D 504 37.10 13.96 -12.97
CA PHE D 504 37.02 12.59 -12.48
C PHE D 504 37.40 12.51 -11.01
N LYS D 505 38.24 13.43 -10.53
CA LYS D 505 38.67 13.38 -9.13
C LYS D 505 37.48 13.50 -8.18
N ASN D 506 36.60 14.48 -8.42
CA ASN D 506 35.40 14.70 -7.60
C ASN D 506 34.22 14.91 -8.53
N PRO D 507 33.72 13.84 -9.15
CA PRO D 507 32.63 14.02 -10.14
C PRO D 507 31.36 14.64 -9.57
N SER D 508 31.02 14.32 -8.32
CA SER D 508 29.77 14.80 -7.75
C SER D 508 29.80 16.32 -7.53
N ALA D 509 30.87 16.82 -6.91
CA ALA D 509 30.93 18.24 -6.57
C ALA D 509 31.46 19.07 -7.73
N LEU D 510 32.42 18.54 -8.48
CA LEU D 510 33.10 19.29 -9.54
C LEU D 510 32.49 19.03 -10.92
N ARG D 511 31.19 18.73 -10.98
CA ARG D 511 30.55 18.54 -12.28
C ARG D 511 30.51 19.84 -13.08
N TYR D 512 30.18 20.96 -12.41
CA TYR D 512 30.06 22.24 -13.12
C TYR D 512 31.34 22.59 -13.86
N VAL D 513 32.50 22.21 -13.29
CA VAL D 513 33.79 22.49 -13.92
C VAL D 513 33.79 22.05 -15.38
N ILE D 514 33.15 20.93 -15.68
CA ILE D 514 32.98 20.53 -17.07
C ILE D 514 31.58 20.86 -17.57
N ASP D 515 30.58 20.88 -16.68
CA ASP D 515 29.19 21.02 -17.11
C ASP D 515 28.98 22.33 -17.84
N ASN D 516 29.58 23.41 -17.35
CA ASN D 516 29.55 24.67 -18.09
C ASN D 516 30.31 24.52 -19.41
N PHE D 517 31.56 24.04 -19.34
CA PHE D 517 32.45 24.10 -20.49
C PHE D 517 31.83 23.47 -21.72
N VAL D 518 31.51 22.18 -21.65
CA VAL D 518 30.90 21.50 -22.78
C VAL D 518 29.64 22.23 -23.22
N GLN D 519 28.80 22.62 -22.26
CA GLN D 519 27.58 23.34 -22.60
C GLN D 519 27.90 24.60 -23.39
N ASP D 520 28.88 25.37 -22.92
CA ASP D 520 29.24 26.58 -23.64
C ASP D 520 29.89 26.22 -24.98
N LEU D 521 30.62 25.11 -25.04
CA LEU D 521 31.16 24.65 -26.31
C LEU D 521 30.05 24.36 -27.30
N LEU D 522 28.86 24.02 -26.81
CA LEU D 522 27.72 23.81 -27.69
C LEU D 522 27.14 25.14 -28.17
N LEU D 523 27.20 26.17 -27.32
CA LEU D 523 26.60 27.45 -27.68
C LEU D 523 27.46 28.25 -28.64
N LEU D 524 28.74 27.90 -28.77
CA LEU D 524 29.68 28.68 -29.57
C LEU D 524 30.07 27.98 -30.87
N ILE D 525 29.59 26.75 -31.09
CA ILE D 525 29.98 26.00 -32.27
C ILE D 525 29.31 26.52 -33.54
N SER D 526 28.17 27.18 -33.43
CA SER D 526 27.42 27.65 -34.59
C SER D 526 27.91 29.00 -35.10
N SER D 527 28.90 29.61 -34.45
CA SER D 527 29.41 30.91 -34.87
C SER D 527 30.67 30.74 -35.70
N PRO D 528 30.67 31.19 -36.96
CA PRO D 528 31.90 31.09 -37.77
C PRO D 528 33.07 31.85 -37.18
N GLN D 529 32.78 32.82 -36.30
CA GLN D 529 33.81 33.65 -35.70
C GLN D 529 34.70 32.89 -34.71
N TRP D 530 34.34 31.65 -34.36
CA TRP D 530 35.11 30.84 -33.42
C TRP D 530 35.39 29.48 -34.05
N PRO D 531 36.34 29.42 -34.99
CA PRO D 531 36.61 28.14 -35.65
C PRO D 531 37.31 27.14 -34.74
N VAL D 532 38.25 27.60 -33.91
CA VAL D 532 39.02 26.70 -33.06
C VAL D 532 38.12 25.92 -32.11
N THR D 533 36.92 26.45 -31.81
CA THR D 533 35.97 25.73 -30.99
C THR D 533 35.70 24.33 -31.53
N GLU D 534 35.64 24.19 -32.87
CA GLU D 534 35.43 22.88 -33.46
C GLU D 534 36.50 21.89 -33.03
N LYS D 535 37.75 22.33 -32.96
CA LYS D 535 38.80 21.46 -32.44
C LYS D 535 38.59 21.16 -30.97
N ILE D 536 38.19 22.15 -30.18
CA ILE D 536 38.10 21.97 -28.73
C ILE D 536 37.10 20.87 -28.40
N LEU D 537 35.94 20.86 -29.06
CA LEU D 537 35.00 19.78 -28.88
C LEU D 537 35.56 18.46 -29.39
N SER D 538 36.23 18.49 -30.55
CA SER D 538 36.62 17.25 -31.22
C SER D 538 37.48 16.37 -30.32
N SER D 539 38.67 16.86 -29.96
CA SER D 539 39.53 16.10 -29.07
C SER D 539 38.85 15.82 -27.73
N LEU D 540 37.89 16.65 -27.35
CA LEU D 540 37.11 16.38 -26.15
C LEU D 540 36.17 15.19 -26.36
N LEU D 541 35.47 15.19 -27.49
CA LEU D 541 34.44 14.17 -27.73
C LEU D 541 35.05 12.77 -27.70
N LYS D 542 36.18 12.59 -28.38
CA LYS D 542 36.86 11.30 -28.36
C LYS D 542 37.15 10.85 -26.93
N ARG D 543 37.56 11.79 -26.07
CA ARG D 543 37.81 11.45 -24.67
C ARG D 543 36.55 10.89 -24.02
N LEU D 544 35.41 11.52 -24.27
CA LEU D 544 34.15 10.97 -23.77
C LEU D 544 33.88 9.60 -24.37
N LEU D 545 34.19 9.43 -25.66
CA LEU D 545 34.06 8.11 -26.28
C LEU D 545 35.02 7.10 -25.65
N SER D 546 36.12 7.57 -25.06
CA SER D 546 37.02 6.68 -24.34
C SER D 546 36.55 6.37 -22.93
N VAL D 547 35.52 7.07 -22.43
CA VAL D 547 35.02 6.80 -21.09
C VAL D 547 34.44 5.40 -21.00
N TYR D 548 33.66 5.01 -22.00
CA TYR D 548 33.02 3.69 -22.03
C TYR D 548 33.89 2.63 -22.69
N SER D 549 35.09 2.98 -23.13
CA SER D 549 36.00 1.99 -23.67
C SER D 549 36.48 1.06 -22.56
N PRO D 550 36.80 -0.20 -22.88
CA PRO D 550 37.31 -1.11 -21.87
C PRO D 550 38.62 -0.62 -21.27
N SER D 551 38.93 -1.13 -20.08
CA SER D 551 40.09 -0.75 -19.28
C SER D 551 40.02 0.71 -18.83
N MET D 552 38.84 1.31 -18.83
CA MET D 552 38.62 2.67 -18.36
C MET D 552 37.37 2.71 -17.47
N GLN D 553 37.31 1.78 -16.52
CA GLN D 553 36.16 1.67 -15.65
C GLN D 553 36.09 2.85 -14.70
N VAL D 554 34.88 3.39 -14.52
CA VAL D 554 34.62 4.52 -13.65
C VAL D 554 33.33 4.24 -12.87
N SER D 555 32.96 5.18 -12.01
CA SER D 555 31.76 5.03 -11.20
C SER D 555 30.51 5.29 -12.02
N ALA D 556 29.35 4.96 -11.43
CA ALA D 556 28.09 5.12 -12.14
C ALA D 556 27.79 6.58 -12.42
N ASN D 557 28.07 7.46 -11.46
CA ASN D 557 27.81 8.89 -11.66
C ASN D 557 28.65 9.45 -12.80
N ILE D 558 29.91 9.03 -12.89
CA ILE D 558 30.77 9.47 -13.99
C ILE D 558 30.20 9.00 -15.32
N GLU D 559 29.75 7.74 -15.38
CA GLU D 559 29.16 7.23 -16.62
C GLU D 559 27.92 8.02 -17.02
N THR D 560 27.04 8.32 -16.06
CA THR D 560 25.83 9.05 -16.39
C THR D 560 26.15 10.46 -16.85
N ILE D 561 27.07 11.15 -16.18
CA ILE D 561 27.41 12.51 -16.58
C ILE D 561 28.04 12.53 -17.96
N CYS D 562 28.96 11.59 -18.22
CA CYS D 562 29.60 11.52 -19.52
C CYS D 562 28.59 11.20 -20.62
N LEU D 563 27.63 10.32 -20.33
CA LEU D 563 26.61 10.00 -21.33
C LEU D 563 25.72 11.20 -21.62
N GLN D 564 25.36 11.96 -20.58
CA GLN D 564 24.58 13.18 -20.83
C GLN D 564 25.37 14.17 -21.68
N LEU D 565 26.65 14.36 -21.36
CA LEU D 565 27.46 15.31 -22.13
C LEU D 565 27.62 14.86 -23.58
N ILE D 566 27.89 13.58 -23.79
CA ILE D 566 28.06 13.09 -25.16
C ILE D 566 26.74 13.11 -25.91
N GLY D 567 25.61 12.92 -25.21
CA GLY D 567 24.32 13.05 -25.87
C GLY D 567 24.05 14.48 -26.31
N ASN D 568 24.37 15.46 -25.45
CA ASN D 568 24.22 16.85 -25.85
C ASN D 568 25.12 17.19 -27.04
N ILE D 569 26.37 16.71 -27.01
CA ILE D 569 27.29 16.97 -28.11
C ILE D 569 26.78 16.34 -29.41
N GLY D 570 26.30 15.10 -29.33
CA GLY D 570 25.77 14.45 -30.50
C GLY D 570 24.54 15.14 -31.05
N SER D 571 23.65 15.59 -30.17
CA SER D 571 22.47 16.33 -30.61
C SER D 571 22.88 17.61 -31.33
N THR D 572 23.85 18.34 -30.78
CA THR D 572 24.29 19.58 -31.41
C THR D 572 24.92 19.32 -32.77
N ILE D 573 25.81 18.32 -32.86
CA ILE D 573 26.48 18.07 -34.12
C ILE D 573 25.50 17.54 -35.16
N PHE D 574 24.51 16.73 -34.74
CA PHE D 574 23.51 16.24 -35.68
C PHE D 574 22.61 17.36 -36.16
N ASP D 575 22.27 18.31 -35.27
CA ASP D 575 21.51 19.49 -35.69
C ASP D 575 22.30 20.32 -36.69
N ILE D 576 23.60 20.47 -36.47
CA ILE D 576 24.45 21.19 -37.42
C ILE D 576 24.47 20.46 -38.76
N LYS D 577 24.61 19.14 -38.72
CA LYS D 577 24.69 18.36 -39.96
C LYS D 577 23.39 18.42 -40.75
N CYS D 578 22.24 18.35 -40.07
CA CYS D 578 20.96 18.35 -40.75
C CYS D 578 20.72 19.66 -41.50
N SER D 579 21.03 20.79 -40.86
CA SER D 579 20.81 22.11 -41.45
C SER D 579 22.03 22.46 -42.31
N THR D 580 22.04 21.93 -43.52
CA THR D 580 23.14 22.15 -44.46
C THR D 580 22.56 22.35 -45.85
N ARG D 581 23.45 22.37 -46.85
CA ARG D 581 23.07 22.54 -48.24
C ARG D 581 22.59 21.21 -48.81
N ASP D 582 22.47 21.13 -50.14
CA ASP D 582 22.10 19.87 -50.77
C ASP D 582 23.27 18.89 -50.78
N HIS D 583 24.48 19.37 -51.03
CA HIS D 583 25.68 18.54 -51.12
C HIS D 583 26.67 18.99 -50.05
N GLU D 584 26.98 18.09 -49.12
CA GLU D 584 27.90 18.37 -48.02
C GLU D 584 28.76 17.15 -47.69
N ASP D 585 29.06 16.33 -48.69
CA ASP D 585 29.74 15.06 -48.47
C ASP D 585 31.04 15.21 -47.70
N ASN D 586 32.02 15.90 -48.29
CA ASN D 586 33.31 16.16 -47.66
C ASN D 586 33.86 14.95 -46.92
N ASN D 587 33.79 13.78 -47.53
CA ASN D 587 34.16 12.51 -46.89
C ASN D 587 35.56 12.06 -47.26
N LEU D 588 36.49 13.01 -47.40
CA LEU D 588 37.90 12.82 -47.74
C LEU D 588 38.08 12.47 -49.22
N ILE D 589 37.02 12.17 -49.95
CA ILE D 589 37.12 11.85 -51.37
C ILE D 589 37.09 13.12 -52.20
N THR D 597 32.67 18.06 -55.59
CA THR D 597 32.32 19.23 -54.81
C THR D 597 33.56 20.02 -54.41
N LEU D 598 34.73 19.44 -54.70
CA LEU D 598 35.98 20.11 -54.38
C LEU D 598 36.17 21.45 -55.07
N PRO D 599 35.90 21.62 -56.37
CA PRO D 599 36.22 22.91 -57.00
C PRO D 599 35.44 24.10 -56.45
N HIS D 600 34.21 23.91 -55.95
CA HIS D 600 33.34 25.04 -55.68
C HIS D 600 33.16 25.36 -54.20
N PHE D 601 33.74 24.58 -53.29
CA PHE D 601 33.67 24.96 -51.88
C PHE D 601 34.84 25.82 -51.44
N PHE D 602 35.87 25.96 -52.26
CA PHE D 602 36.84 27.03 -52.05
C PHE D 602 36.15 28.39 -52.13
N LYS D 603 35.17 28.51 -53.02
CA LYS D 603 34.37 29.74 -53.09
C LYS D 603 33.60 29.96 -51.79
N SER D 604 33.06 28.89 -51.20
CA SER D 604 32.39 29.02 -49.92
C SER D 604 33.35 29.46 -48.82
N PHE D 605 34.56 28.88 -48.81
CA PHE D 605 35.58 29.31 -47.85
C PHE D 605 35.89 30.79 -48.01
N GLU D 606 36.10 31.24 -49.24
CA GLU D 606 36.43 32.64 -49.49
C GLU D 606 35.28 33.55 -49.07
N GLU D 607 34.04 33.17 -49.38
CA GLU D 607 32.89 33.98 -48.99
C GLU D 607 32.78 34.08 -47.48
N CYS D 608 32.98 32.97 -46.77
CA CYS D 608 32.90 32.98 -45.32
C CYS D 608 33.99 33.88 -44.73
N ILE D 609 35.22 33.76 -45.24
CA ILE D 609 36.32 34.58 -44.74
C ILE D 609 36.04 36.06 -45.00
N ALA D 610 35.57 36.39 -46.20
CA ALA D 610 35.29 37.78 -46.53
C ALA D 610 34.19 38.36 -45.66
N TYR D 611 33.11 37.60 -45.46
CA TYR D 611 32.02 38.09 -44.62
C TYR D 611 32.50 38.27 -43.17
N ASN D 612 33.30 37.33 -42.67
CA ASN D 612 33.80 37.43 -41.30
C ASN D 612 34.66 38.67 -41.13
N GLU D 613 35.61 38.88 -42.06
CA GLU D 613 36.48 40.06 -41.95
C GLU D 613 35.71 41.34 -42.22
N THR D 614 34.56 41.25 -42.90
CA THR D 614 33.78 42.45 -43.19
C THR D 614 32.98 42.91 -41.99
N ILE D 615 32.20 42.01 -41.38
CA ILE D 615 31.24 42.45 -40.36
C ILE D 615 31.95 42.68 -39.02
N LYS D 616 32.53 41.63 -38.44
CA LYS D 616 33.03 41.64 -37.08
C LYS D 616 34.40 40.97 -37.02
N CYS D 617 35.31 41.44 -37.88
CA CYS D 617 36.55 40.75 -38.22
C CYS D 617 37.21 40.04 -37.05
N ARG D 618 37.54 40.76 -35.98
CA ARG D 618 38.24 40.20 -34.83
C ARG D 618 39.51 39.47 -35.28
N ARG D 619 40.45 40.27 -35.76
CA ARG D 619 41.57 39.85 -36.60
C ARG D 619 42.22 38.53 -36.18
N SER D 620 42.21 38.23 -34.89
CA SER D 620 42.72 36.93 -34.44
C SER D 620 41.89 35.78 -35.01
N ALA D 621 40.55 35.94 -35.02
CA ALA D 621 39.68 34.89 -35.52
C ALA D 621 39.90 34.63 -37.00
N THR D 622 39.95 35.69 -37.80
CA THR D 622 40.18 35.52 -39.23
C THR D 622 41.60 35.04 -39.53
N ARG D 623 42.56 35.44 -38.69
CA ARG D 623 43.92 34.92 -38.85
C ARG D 623 43.98 33.42 -38.61
N PHE D 624 43.26 32.94 -37.59
CA PHE D 624 43.22 31.50 -37.35
C PHE D 624 42.43 30.79 -38.45
N LEU D 625 41.38 31.43 -38.97
CA LEU D 625 40.63 30.84 -40.07
C LEU D 625 41.49 30.71 -41.32
N TRP D 626 42.37 31.67 -41.57
CA TRP D 626 43.32 31.57 -42.68
C TRP D 626 44.24 30.35 -42.49
N ASN D 627 44.72 30.13 -41.26
CA ASN D 627 45.53 28.95 -40.98
C ASN D 627 44.73 27.67 -41.21
N LEU D 628 43.46 27.66 -40.82
CA LEU D 628 42.64 26.46 -40.94
C LEU D 628 42.51 26.01 -42.38
N ARG D 629 42.63 26.93 -43.34
CA ARG D 629 42.51 26.57 -44.75
C ARG D 629 43.78 25.89 -45.28
N LEU D 630 44.90 26.03 -44.57
CA LEU D 630 46.15 25.44 -45.05
C LEU D 630 46.05 23.92 -45.14
N GLY D 631 45.45 23.29 -44.14
CA GLY D 631 45.28 21.84 -44.19
C GLY D 631 44.42 21.39 -45.35
N THR D 632 43.39 22.16 -45.69
CA THR D 632 42.52 21.79 -46.80
C THR D 632 43.21 21.99 -48.14
N ILE D 633 43.89 23.13 -48.32
CA ILE D 633 44.51 23.40 -49.62
C ILE D 633 45.71 22.50 -49.86
N LEU D 634 46.49 22.19 -48.83
CA LEU D 634 47.66 21.33 -48.99
C LEU D 634 47.25 19.87 -49.07
N ILE D 647 44.72 18.61 -56.55
CA ILE D 647 44.92 18.43 -57.98
C ILE D 647 45.44 19.73 -58.61
N ILE D 648 45.27 19.86 -59.92
CA ILE D 648 45.70 21.07 -60.61
C ILE D 648 44.90 22.27 -60.14
N THR D 649 43.58 22.12 -60.01
CA THR D 649 42.75 23.22 -59.54
C THR D 649 43.09 23.61 -58.10
N VAL D 650 43.32 22.61 -57.24
CA VAL D 650 43.68 22.89 -55.86
C VAL D 650 45.01 23.63 -55.78
N ASP D 651 45.99 23.18 -56.58
CA ASP D 651 47.29 23.84 -56.60
C ASP D 651 47.17 25.27 -57.11
N ASN D 652 46.36 25.49 -58.15
CA ASN D 652 46.17 26.85 -58.67
C ASN D 652 45.50 27.74 -57.63
N GLU D 653 44.50 27.22 -56.92
CA GLU D 653 43.85 28.00 -55.88
C GLU D 653 44.80 28.33 -54.75
N LEU D 654 45.65 27.37 -54.35
CA LEU D 654 46.64 27.62 -53.32
C LEU D 654 47.64 28.68 -53.75
N LYS D 655 48.08 28.61 -55.01
CA LYS D 655 49.00 29.62 -55.51
C LYS D 655 48.35 31.00 -55.54
N LYS D 656 47.08 31.07 -55.95
CA LYS D 656 46.37 32.35 -55.96
C LYS D 656 46.22 32.90 -54.55
N ILE D 657 45.91 32.04 -53.58
CA ILE D 657 45.78 32.48 -52.19
C ILE D 657 47.13 33.00 -51.67
N LEU D 658 48.20 32.29 -51.99
CA LEU D 658 49.53 32.73 -51.55
C LEU D 658 49.89 34.08 -52.18
N GLU D 659 49.57 34.25 -53.47
CA GLU D 659 49.85 35.52 -54.13
C GLU D 659 49.03 36.66 -53.52
N GLN D 660 47.77 36.40 -53.21
CA GLN D 660 46.94 37.41 -52.58
C GLN D 660 47.46 37.78 -51.20
N ILE D 661 47.90 36.79 -50.43
CA ILE D 661 48.46 37.07 -49.10
C ILE D 661 49.74 37.87 -49.22
N LYS D 662 50.61 37.49 -50.16
CA LYS D 662 51.87 38.19 -50.36
C LYS D 662 51.65 39.56 -51.00
N SER D 678 22.19 34.50 -41.87
CA SER D 678 21.31 33.41 -42.28
C SER D 678 21.99 32.50 -43.29
N THR D 679 22.26 33.02 -44.48
CA THR D 679 22.93 32.24 -45.51
C THR D 679 24.35 31.88 -45.08
N ILE D 680 25.05 32.82 -44.43
CA ILE D 680 26.40 32.55 -43.97
C ILE D 680 26.40 31.48 -42.88
N LYS D 681 25.37 31.45 -42.03
CA LYS D 681 25.28 30.42 -41.01
C LYS D 681 25.18 29.03 -41.62
N LEU D 682 24.36 28.89 -42.66
CA LEU D 682 24.25 27.60 -43.36
C LEU D 682 25.55 27.27 -44.10
N ASP D 683 26.20 28.29 -44.68
CA ASP D 683 27.44 28.05 -45.42
C ASP D 683 28.55 27.57 -44.49
N TYR D 684 28.62 28.13 -43.28
CA TYR D 684 29.69 27.77 -42.35
C TYR D 684 29.63 26.30 -41.96
N PHE D 685 28.43 25.71 -41.95
CA PHE D 685 28.32 24.29 -41.60
C PHE D 685 28.85 23.38 -42.69
N SER D 686 28.94 23.86 -43.93
CA SER D 686 29.43 23.03 -45.02
C SER D 686 30.91 22.70 -44.84
N ILE D 687 31.71 23.68 -44.40
CA ILE D 687 33.15 23.48 -44.28
C ILE D 687 33.54 22.59 -43.11
N LEU D 688 32.64 22.35 -42.16
CA LEU D 688 32.95 21.52 -41.00
C LEU D 688 32.77 20.03 -41.27
N HIS D 689 32.22 19.66 -42.43
CA HIS D 689 32.02 18.25 -42.75
C HIS D 689 33.35 17.53 -42.95
N ALA D 690 34.33 18.21 -43.57
CA ALA D 690 35.63 17.60 -43.80
C ALA D 690 36.41 17.42 -42.49
N PHE D 691 35.99 18.06 -41.41
CA PHE D 691 36.67 17.96 -40.14
C PHE D 691 36.22 16.72 -39.38
N GLU D 692 36.88 16.48 -38.23
CA GLU D 692 36.60 15.28 -37.44
C GLU D 692 35.30 15.39 -36.64
N LEU D 693 34.90 16.61 -36.27
CA LEU D 693 33.76 16.77 -35.37
C LEU D 693 32.48 16.23 -35.99
N LEU D 694 32.23 16.54 -37.27
CA LEU D 694 31.01 16.06 -37.92
C LEU D 694 31.11 14.58 -38.28
N ASN D 695 32.31 14.09 -38.62
CA ASN D 695 32.47 12.68 -38.93
C ASN D 695 32.41 11.81 -37.68
N LEU D 696 32.52 12.41 -36.49
CA LEU D 696 32.47 11.65 -35.24
C LEU D 696 31.06 11.35 -34.78
N TYR D 697 30.03 11.64 -35.59
CA TYR D 697 28.66 11.42 -35.16
C TYR D 697 28.33 9.93 -35.13
N ASP D 698 28.82 9.17 -36.10
CA ASP D 698 28.52 7.74 -36.16
C ASP D 698 29.01 6.98 -34.93
N PRO D 699 30.24 7.16 -34.43
CA PRO D 699 30.61 6.49 -33.18
C PRO D 699 29.72 6.84 -32.01
N TYR D 700 29.21 8.08 -31.96
CA TYR D 700 28.27 8.44 -30.90
C TYR D 700 27.00 7.62 -30.98
N LEU D 701 26.45 7.45 -32.19
CA LEU D 701 25.26 6.63 -32.36
C LEU D 701 25.53 5.18 -32.01
N LYS D 702 26.69 4.65 -32.42
CA LYS D 702 27.04 3.27 -32.08
C LYS D 702 27.13 3.10 -30.57
N LEU D 703 27.74 4.07 -29.88
CA LEU D 703 27.83 4.01 -28.42
C LEU D 703 26.45 4.07 -27.78
N ILE D 704 25.56 4.90 -28.31
CA ILE D 704 24.20 4.99 -27.76
C ILE D 704 23.48 3.66 -27.90
N LEU D 705 23.54 3.06 -29.10
CA LEU D 705 22.90 1.77 -29.31
C LEU D 705 23.50 0.68 -28.42
N SER D 706 24.83 0.70 -28.26
CA SER D 706 25.46 -0.28 -27.38
C SER D 706 25.02 -0.11 -25.94
N LEU D 707 24.91 1.14 -25.47
CA LEU D 707 24.53 1.39 -24.09
C LEU D 707 23.06 1.16 -23.83
N LEU D 708 22.22 1.16 -24.88
CA LEU D 708 20.81 0.87 -24.68
C LEU D 708 20.59 -0.50 -24.06
N ALA D 709 21.47 -1.46 -24.36
CA ALA D 709 21.28 -2.85 -23.97
C ALA D 709 21.89 -3.19 -22.62
N LYS D 710 22.54 -2.24 -21.95
CA LYS D 710 23.18 -2.55 -20.68
C LYS D 710 22.14 -2.60 -19.55
N ASP D 711 22.56 -3.20 -18.43
CA ASP D 711 21.67 -3.44 -17.31
C ASP D 711 21.48 -2.22 -16.41
N LYS D 712 22.30 -1.18 -16.56
CA LYS D 712 22.18 -0.01 -15.70
C LYS D 712 20.91 0.76 -16.05
N ILE D 713 20.04 0.95 -15.04
CA ILE D 713 18.77 1.63 -15.28
C ILE D 713 18.98 3.10 -15.59
N LYS D 714 19.86 3.78 -14.85
CA LYS D 714 20.14 5.18 -15.11
C LYS D 714 20.76 5.37 -16.48
N LEU D 715 21.67 4.47 -16.87
CA LEU D 715 22.27 4.55 -18.20
C LEU D 715 21.23 4.38 -19.29
N ARG D 716 20.31 3.42 -19.12
CA ARG D 716 19.26 3.21 -20.11
C ARG D 716 18.36 4.44 -20.22
N SER D 717 17.95 5.00 -19.08
CA SER D 717 17.09 6.17 -19.10
C SER D 717 17.78 7.36 -19.77
N THR D 718 19.05 7.59 -19.44
CA THR D 718 19.76 8.71 -20.03
C THR D 718 19.98 8.50 -21.53
N ALA D 719 20.25 7.27 -21.95
CA ALA D 719 20.41 7.00 -23.37
C ALA D 719 19.10 7.21 -24.13
N ILE D 720 17.98 6.79 -23.55
CA ILE D 720 16.69 7.02 -24.20
C ILE D 720 16.39 8.52 -24.26
N LYS D 721 16.74 9.26 -23.21
CA LYS D 721 16.57 10.71 -23.23
C LYS D 721 17.41 11.35 -24.32
N CYS D 722 18.65 10.87 -24.49
CA CYS D 722 19.50 11.38 -25.54
C CYS D 722 18.92 11.07 -26.92
N LEU D 723 18.37 9.87 -27.09
CA LEU D 723 17.72 9.53 -28.36
C LEU D 723 16.51 10.43 -28.60
N SER D 724 15.76 10.75 -27.54
CA SER D 724 14.61 11.62 -27.67
C SER D 724 15.02 13.02 -28.09
N MET D 725 16.05 13.58 -27.45
CA MET D 725 16.51 14.91 -27.82
C MET D 725 17.19 14.91 -29.18
N LEU D 726 17.70 13.76 -29.64
CA LEU D 726 18.23 13.68 -30.99
C LEU D 726 17.11 13.65 -32.03
N ALA D 727 16.04 12.89 -31.75
CA ALA D 727 14.90 12.82 -32.65
C ALA D 727 14.04 14.08 -32.61
N SER D 728 14.20 14.93 -31.59
CA SER D 728 13.49 16.20 -31.58
C SER D 728 13.90 17.07 -32.77
N LYS D 729 15.19 17.06 -33.11
CA LYS D 729 15.66 17.87 -34.24
C LYS D 729 15.21 17.26 -35.57
N ASP D 730 15.35 15.96 -35.73
CA ASP D 730 15.00 15.27 -36.96
C ASP D 730 13.92 14.23 -36.67
N LYS D 731 12.77 14.37 -37.33
CA LYS D 731 11.63 13.50 -37.08
C LYS D 731 11.63 12.23 -37.93
N VAL D 732 12.57 12.10 -38.86
CA VAL D 732 12.63 10.92 -39.73
C VAL D 732 13.76 9.99 -39.29
N ILE D 733 14.21 10.10 -38.04
CA ILE D 733 15.26 9.22 -37.53
C ILE D 733 14.77 7.83 -37.19
N LEU D 734 13.45 7.62 -37.20
CA LEU D 734 12.86 6.33 -36.85
C LEU D 734 12.75 5.37 -38.03
N SER D 735 13.24 5.77 -39.21
CA SER D 735 13.14 4.92 -40.38
C SER D 735 13.93 3.62 -40.20
N ASN D 736 15.13 3.71 -39.61
CA ASN D 736 15.95 2.53 -39.42
C ASN D 736 15.32 1.59 -38.40
N PRO D 737 15.45 0.27 -38.59
CA PRO D 737 14.80 -0.68 -37.69
C PRO D 737 15.49 -0.87 -36.36
N MET D 738 16.74 -0.41 -36.21
CA MET D 738 17.45 -0.61 -34.94
C MET D 738 16.90 0.25 -33.82
N VAL D 739 16.06 1.24 -34.11
CA VAL D 739 15.44 2.04 -33.05
C VAL D 739 14.05 1.46 -32.77
N LYS D 740 13.38 0.97 -33.82
CA LYS D 740 12.09 0.32 -33.63
C LYS D 740 12.22 -0.94 -32.78
N GLU D 741 13.28 -1.70 -33.02
CA GLU D 741 13.55 -2.88 -32.20
C GLU D 741 13.67 -2.49 -30.73
N THR D 742 14.52 -1.51 -30.44
CA THR D 742 14.73 -1.09 -29.05
C THR D 742 13.44 -0.58 -28.43
N ILE D 743 12.66 0.20 -29.19
CA ILE D 743 11.48 0.83 -28.57
C ILE D 743 10.42 -0.21 -28.26
N HIS D 744 10.15 -1.16 -29.17
CA HIS D 744 9.07 -2.08 -28.82
C HIS D 744 9.56 -3.19 -27.90
N ARG D 745 10.88 -3.37 -27.77
CA ARG D 745 11.35 -4.24 -26.69
C ARG D 745 11.28 -3.56 -25.33
N ARG D 746 11.60 -2.26 -25.25
CA ARG D 746 11.59 -1.55 -23.99
C ARG D 746 10.19 -1.20 -23.52
N LEU D 747 9.23 -1.05 -24.44
CA LEU D 747 7.87 -0.73 -24.05
C LEU D 747 7.25 -1.87 -23.24
N ASN D 748 7.50 -3.12 -23.65
CA ASN D 748 6.88 -4.25 -22.97
C ASN D 748 7.50 -4.48 -21.60
N ASP D 749 8.83 -4.43 -21.49
CA ASP D 749 9.53 -4.70 -20.24
C ASP D 749 10.54 -3.60 -19.98
N SER D 750 10.35 -2.87 -18.88
CA SER D 750 11.26 -1.82 -18.45
C SER D 750 10.85 -1.40 -17.04
N SER D 751 11.55 -0.41 -16.51
CA SER D 751 11.22 0.17 -15.22
C SER D 751 10.43 1.47 -15.43
N ALA D 752 10.14 2.16 -14.33
CA ALA D 752 9.33 3.37 -14.42
C ALA D 752 10.03 4.46 -15.21
N SER D 753 11.29 4.74 -14.87
CA SER D 753 12.03 5.80 -15.57
C SER D 753 12.26 5.43 -17.03
N VAL D 754 12.62 4.17 -17.30
CA VAL D 754 12.86 3.76 -18.68
C VAL D 754 11.56 3.84 -19.49
N LYS D 755 10.46 3.38 -18.92
CA LYS D 755 9.18 3.47 -19.62
C LYS D 755 8.79 4.91 -19.89
N ASP D 756 8.98 5.79 -18.90
CA ASP D 756 8.66 7.19 -19.10
C ASP D 756 9.52 7.80 -20.20
N ALA D 757 10.81 7.47 -20.21
CA ALA D 757 11.70 8.01 -21.24
C ALA D 757 11.31 7.52 -22.63
N ILE D 758 11.01 6.23 -22.76
CA ILE D 758 10.63 5.70 -24.07
C ILE D 758 9.28 6.27 -24.51
N LEU D 759 8.36 6.50 -23.57
CA LEU D 759 7.08 7.11 -23.92
C LEU D 759 7.27 8.55 -24.36
N ASP D 760 8.17 9.30 -23.70
CA ASP D 760 8.47 10.65 -24.16
C ASP D 760 9.10 10.64 -25.55
N LEU D 761 10.00 9.69 -25.79
CA LEU D 761 10.62 9.57 -27.11
C LEU D 761 9.58 9.32 -28.19
N VAL D 762 8.63 8.41 -27.92
CA VAL D 762 7.64 8.09 -28.94
C VAL D 762 6.60 9.21 -29.06
N SER D 763 6.36 9.97 -27.99
CA SER D 763 5.37 11.04 -28.03
C SER D 763 5.89 12.28 -28.75
N ILE D 764 7.16 12.63 -28.54
CA ILE D 764 7.72 13.81 -29.20
C ILE D 764 7.74 13.62 -30.71
N ASN D 765 8.02 12.39 -31.16
CA ASN D 765 7.99 12.11 -32.59
C ASN D 765 6.59 12.31 -33.14
N SER D 766 6.53 12.73 -34.41
CA SER D 766 5.25 13.12 -35.00
C SER D 766 4.29 11.94 -35.07
N SER D 767 4.77 10.76 -35.47
CA SER D 767 3.94 9.59 -35.65
C SER D 767 4.21 8.58 -34.54
N TYR D 768 3.15 8.22 -33.81
CA TYR D 768 3.26 7.22 -32.75
C TYR D 768 2.02 6.32 -32.70
N PHE D 769 1.22 6.29 -33.76
CA PHE D 769 0.11 5.36 -33.84
C PHE D 769 0.57 3.94 -34.10
N GLU D 770 1.78 3.77 -34.65
CA GLU D 770 2.29 2.43 -34.94
C GLU D 770 2.52 1.62 -33.67
N PHE D 771 2.70 2.28 -32.53
CA PHE D 771 2.96 1.61 -31.26
C PHE D 771 1.89 1.92 -30.22
N TYR D 772 0.69 2.32 -30.66
CA TYR D 772 -0.35 2.70 -29.70
C TYR D 772 -0.80 1.50 -28.88
N GLN D 773 -0.83 0.31 -29.47
CA GLN D 773 -1.15 -0.89 -28.70
C GLN D 773 -0.12 -1.14 -27.61
N GLN D 774 1.16 -0.98 -27.93
CA GLN D 774 2.20 -1.15 -26.93
C GLN D 774 2.09 -0.12 -25.82
N ILE D 775 1.78 1.13 -26.18
CA ILE D 775 1.61 2.18 -25.18
C ILE D 775 0.44 1.86 -24.26
N ASN D 776 -0.69 1.43 -24.83
CA ASN D 776 -1.85 1.09 -24.02
C ASN D 776 -1.66 -0.18 -23.20
N ASN D 777 -0.74 -1.05 -23.60
CA ASN D 777 -0.45 -2.25 -22.82
C ASN D 777 0.13 -1.93 -21.44
N ASN D 778 0.69 -0.74 -21.25
CA ASN D 778 1.26 -0.32 -19.98
C ASN D 778 0.38 0.70 -19.26
N TYR D 779 -0.93 0.64 -19.50
CA TYR D 779 -1.86 1.59 -18.89
C TYR D 779 -2.14 1.28 -17.42
N ASN D 780 -1.72 0.13 -16.92
CA ASN D 780 -1.97 -0.29 -15.55
C ASN D 780 -0.66 -0.56 -14.82
N ASP D 781 0.36 0.25 -15.06
CA ASP D 781 1.63 0.09 -14.38
C ASP D 781 1.51 0.52 -12.92
N ASP D 782 2.39 -0.03 -12.09
CA ASP D 782 2.37 0.30 -10.67
C ASP D 782 2.72 1.77 -10.44
N SER D 783 3.70 2.29 -11.17
CA SER D 783 4.14 3.67 -10.97
C SER D 783 3.08 4.66 -11.44
N ILE D 784 2.90 5.72 -10.64
CA ILE D 784 1.89 6.72 -10.96
C ILE D 784 2.30 7.53 -12.20
N MET D 785 3.61 7.80 -12.34
CA MET D 785 4.07 8.64 -13.44
C MET D 785 3.82 8.00 -14.80
N VAL D 786 4.08 6.70 -14.92
CA VAL D 786 3.83 6.02 -16.19
C VAL D 786 2.35 6.03 -16.52
N ARG D 787 1.49 5.78 -15.52
CA ARG D 787 0.05 5.80 -15.77
C ARG D 787 -0.41 7.19 -16.22
N LYS D 788 0.08 8.24 -15.56
CA LYS D 788 -0.29 9.60 -15.94
C LYS D 788 0.15 9.91 -17.37
N HIS D 789 1.38 9.52 -17.72
CA HIS D 789 1.88 9.85 -19.05
C HIS D 789 1.16 9.05 -20.12
N VAL D 790 0.80 7.79 -19.82
CA VAL D 790 0.01 7.00 -20.74
C VAL D 790 -1.38 7.62 -20.94
N LEU D 791 -1.98 8.10 -19.85
CA LEU D 791 -3.26 8.79 -19.96
C LEU D 791 -3.14 10.03 -20.84
N ARG D 792 -2.05 10.78 -20.69
CA ARG D 792 -1.81 11.94 -21.54
C ARG D 792 -1.66 11.53 -23.01
N ILE D 793 -0.95 10.44 -23.27
CA ILE D 793 -0.81 9.96 -24.65
C ILE D 793 -2.17 9.56 -25.21
N ASN D 794 -3.00 8.90 -24.41
CA ASN D 794 -4.33 8.50 -24.85
C ASN D 794 -5.18 9.72 -25.19
N GLU D 795 -5.13 10.74 -24.34
CA GLU D 795 -5.87 11.97 -24.61
C GLU D 795 -5.39 12.65 -25.89
N LYS D 796 -4.07 12.70 -26.08
CA LYS D 796 -3.52 13.30 -27.29
C LYS D 796 -3.95 12.54 -28.54
N MET D 797 -3.93 11.21 -28.48
CA MET D 797 -4.38 10.42 -29.63
C MET D 797 -5.85 10.63 -29.90
N TYR D 798 -6.68 10.69 -28.85
CA TYR D 798 -8.11 10.94 -29.06
C TYR D 798 -8.32 12.31 -29.70
N ASP D 799 -7.56 13.32 -29.26
CA ASP D 799 -7.71 14.66 -29.83
C ASP D 799 -7.19 14.74 -31.26
N GLU D 800 -6.22 13.90 -31.61
CA GLU D 800 -5.53 14.05 -32.90
C GLU D 800 -6.17 13.21 -34.00
N THR D 801 -6.19 11.89 -33.83
CA THR D 801 -6.59 11.01 -34.92
C THR D 801 -8.11 11.07 -35.14
N ASN D 802 -8.53 10.55 -36.29
CA ASN D 802 -9.93 10.49 -36.66
C ASN D 802 -10.43 9.08 -36.93
N ASP D 803 -9.54 8.09 -36.94
CA ASP D 803 -9.97 6.70 -37.16
C ASP D 803 -10.84 6.24 -36.00
N ILE D 804 -11.95 5.57 -36.33
CA ILE D 804 -12.91 5.20 -35.29
C ILE D 804 -12.35 4.09 -34.40
N VAL D 805 -11.56 3.17 -34.97
CA VAL D 805 -11.08 2.03 -34.19
C VAL D 805 -10.10 2.51 -33.11
N THR D 806 -9.11 3.32 -33.50
CA THR D 806 -8.15 3.82 -32.53
C THR D 806 -8.79 4.77 -31.53
N LYS D 807 -9.76 5.57 -31.97
CA LYS D 807 -10.47 6.45 -31.06
C LYS D 807 -11.23 5.65 -30.01
N VAL D 808 -11.90 4.58 -30.43
CA VAL D 808 -12.61 3.71 -29.50
C VAL D 808 -11.63 3.06 -28.53
N TYR D 809 -10.48 2.59 -29.05
CA TYR D 809 -9.48 1.97 -28.19
C TYR D 809 -8.99 2.94 -27.11
N VAL D 810 -8.60 4.15 -27.51
CA VAL D 810 -8.05 5.09 -26.54
C VAL D 810 -9.11 5.57 -25.57
N ILE D 811 -10.35 5.76 -26.03
CA ILE D 811 -11.39 6.20 -25.12
C ILE D 811 -11.76 5.07 -24.14
N ALA D 812 -11.68 3.82 -24.59
CA ALA D 812 -11.92 2.70 -23.69
C ALA D 812 -10.84 2.64 -22.62
N ARG D 813 -9.58 2.86 -23.01
CA ARG D 813 -8.50 2.90 -22.02
C ARG D 813 -8.69 4.05 -21.03
N ILE D 814 -9.09 5.23 -21.52
CA ILE D 814 -9.33 6.35 -20.63
C ILE D 814 -10.46 6.04 -19.66
N LEU D 815 -11.54 5.42 -20.16
CA LEU D 815 -12.65 5.05 -19.29
C LEU D 815 -12.23 4.00 -18.26
N MET D 816 -11.35 3.07 -18.66
CA MET D 816 -10.80 2.12 -17.69
C MET D 816 -10.02 2.85 -16.60
N LYS D 817 -9.30 3.91 -16.97
CA LYS D 817 -8.49 4.65 -16.01
C LYS D 817 -9.29 5.58 -15.10
N ILE D 818 -10.62 5.45 -15.04
CA ILE D 818 -11.39 6.29 -14.13
C ILE D 818 -11.47 5.73 -12.72
N GLU D 819 -10.99 4.51 -12.51
CA GLU D 819 -10.87 3.92 -11.18
C GLU D 819 -9.42 3.55 -10.93
N ASP D 820 -8.88 4.00 -9.80
CA ASP D 820 -7.48 3.79 -9.47
C ASP D 820 -7.28 4.13 -8.00
N GLU D 821 -6.08 3.81 -7.50
CA GLU D 821 -5.72 4.14 -6.13
C GLU D 821 -5.24 5.57 -5.97
N GLU D 822 -5.15 6.33 -7.05
CA GLU D 822 -4.73 7.73 -7.02
C GLU D 822 -5.93 8.60 -7.33
N ASP D 823 -6.24 9.54 -6.44
CA ASP D 823 -7.35 10.46 -6.68
C ASP D 823 -7.06 11.40 -7.85
N ASN D 824 -5.81 11.81 -8.00
CA ASN D 824 -5.46 12.72 -9.08
C ASN D 824 -5.70 12.09 -10.45
N ILE D 825 -5.34 10.81 -10.60
CA ILE D 825 -5.49 10.14 -11.89
C ILE D 825 -6.97 10.02 -12.25
N ILE D 826 -7.81 9.59 -11.31
CA ILE D 826 -9.23 9.43 -11.60
C ILE D 826 -9.89 10.78 -11.84
N ASP D 827 -9.47 11.81 -11.10
CA ASP D 827 -10.00 13.14 -11.34
C ASP D 827 -9.63 13.64 -12.73
N MET D 828 -8.38 13.42 -13.15
CA MET D 828 -7.95 13.82 -14.48
C MET D 828 -8.73 13.08 -15.57
N ALA D 829 -8.92 11.76 -15.38
CA ALA D 829 -9.66 10.99 -16.37
C ALA D 829 -11.11 11.46 -16.47
N ARG D 830 -11.75 11.71 -15.33
CA ARG D 830 -13.12 12.20 -15.34
C ARG D 830 -13.19 13.58 -16.01
N LEU D 831 -12.23 14.46 -15.73
CA LEU D 831 -12.24 15.78 -16.32
C LEU D 831 -12.08 15.72 -17.83
N ILE D 832 -11.15 14.90 -18.32
CA ILE D 832 -10.94 14.83 -19.76
C ILE D 832 -12.13 14.16 -20.44
N LEU D 833 -12.74 13.15 -19.81
CA LEU D 833 -13.94 12.55 -20.38
C LEU D 833 -15.07 13.56 -20.46
N LEU D 834 -15.24 14.36 -19.40
CA LEU D 834 -16.27 15.41 -19.42
C LEU D 834 -16.00 16.43 -20.52
N ASN D 835 -14.73 16.81 -20.69
CA ASN D 835 -14.40 17.78 -21.72
C ASN D 835 -14.67 17.23 -23.13
N ARG D 836 -14.34 15.97 -23.37
CA ARG D 836 -14.45 15.41 -24.70
C ARG D 836 -15.81 14.79 -25.01
N TRP D 837 -16.70 14.66 -24.03
CA TRP D 837 -18.03 14.13 -24.29
C TRP D 837 -19.17 15.12 -24.04
N ILE D 838 -19.02 16.05 -23.10
CA ILE D 838 -20.09 16.96 -22.71
C ILE D 838 -19.75 18.40 -23.06
N LEU D 839 -18.62 18.90 -22.57
CA LEU D 839 -18.24 20.28 -22.82
C LEU D 839 -17.94 20.56 -24.28
N LYS D 840 -17.39 19.57 -25.00
CA LYS D 840 -17.13 19.76 -26.43
C LYS D 840 -18.41 20.04 -27.19
N VAL D 841 -19.48 19.30 -26.87
CA VAL D 841 -20.79 19.60 -27.46
C VAL D 841 -21.34 20.93 -26.95
N HIS D 842 -21.02 21.32 -25.72
CA HIS D 842 -21.53 22.57 -25.18
C HIS D 842 -20.84 23.79 -25.76
N GLU D 843 -19.66 23.62 -26.37
CA GLU D 843 -18.94 24.77 -26.92
C GLU D 843 -19.75 25.48 -28.00
N VAL D 844 -20.38 24.73 -28.89
CA VAL D 844 -21.13 25.35 -29.99
C VAL D 844 -22.37 26.07 -29.46
N LEU D 845 -23.02 25.49 -28.46
CA LEU D 845 -24.20 26.07 -27.83
C LEU D 845 -25.29 26.36 -28.87
N ASP D 846 -25.79 25.26 -29.44
CA ASP D 846 -26.86 25.29 -30.44
C ASP D 846 -26.44 26.08 -31.68
N GLN D 847 -25.16 26.01 -32.04
CA GLN D 847 -24.68 26.61 -33.28
C GLN D 847 -24.94 25.66 -34.43
N PRO D 848 -25.66 26.09 -35.48
CA PRO D 848 -25.95 25.17 -36.58
C PRO D 848 -24.70 24.71 -37.33
N GLU D 849 -24.89 23.80 -38.29
CA GLU D 849 -23.90 23.28 -39.22
C GLU D 849 -22.67 22.69 -38.51
N LYS D 850 -22.72 22.52 -37.19
CA LYS D 850 -21.63 21.93 -36.43
C LYS D 850 -22.07 20.80 -35.52
N LEU D 851 -23.33 20.78 -35.08
CA LEU D 851 -23.83 19.74 -34.21
C LEU D 851 -24.05 18.41 -34.94
N LYS D 852 -24.28 18.45 -36.25
CA LYS D 852 -24.57 17.23 -36.98
C LYS D 852 -23.36 16.32 -37.10
N GLU D 853 -22.15 16.82 -36.83
CA GLU D 853 -20.93 16.03 -36.96
C GLU D 853 -20.35 15.64 -35.62
N ILE D 854 -20.07 16.63 -34.75
CA ILE D 854 -19.44 16.33 -33.47
C ILE D 854 -20.36 15.51 -32.57
N SER D 855 -21.63 15.86 -32.50
CA SER D 855 -22.57 15.10 -31.67
C SER D 855 -22.74 13.69 -32.22
N SER D 856 -22.80 13.54 -33.54
CA SER D 856 -22.91 12.22 -34.14
C SER D 856 -21.69 11.37 -33.81
N SER D 857 -20.49 11.95 -33.90
CA SER D 857 -19.29 11.20 -33.57
C SER D 857 -19.25 10.82 -32.10
N VAL D 858 -19.67 11.74 -31.22
CA VAL D 858 -19.69 11.45 -29.78
C VAL D 858 -20.67 10.33 -29.47
N LEU D 859 -21.86 10.38 -30.08
CA LEU D 859 -22.85 9.32 -29.87
C LEU D 859 -22.35 7.99 -30.40
N LEU D 860 -21.66 8.00 -31.55
CA LEU D 860 -21.08 6.77 -32.08
C LEU D 860 -20.04 6.20 -31.12
N VAL D 861 -19.21 7.07 -30.54
CA VAL D 861 -18.20 6.61 -29.59
C VAL D 861 -18.88 5.99 -28.36
N MET D 862 -19.87 6.67 -27.80
CA MET D 862 -20.58 6.14 -26.64
C MET D 862 -21.24 4.81 -26.96
N SER D 863 -21.83 4.68 -28.15
CA SER D 863 -22.42 3.41 -28.55
C SER D 863 -21.36 2.32 -28.64
N ARG D 864 -20.18 2.65 -29.18
CA ARG D 864 -19.12 1.66 -29.30
C ARG D 864 -18.55 1.25 -27.94
N VAL D 865 -18.67 2.11 -26.93
CA VAL D 865 -18.12 1.79 -25.61
C VAL D 865 -18.87 0.62 -24.98
N ALA D 866 -20.19 0.56 -25.15
CA ALA D 866 -21.04 -0.40 -24.44
C ALA D 866 -20.81 -1.85 -24.85
N ILE D 867 -19.84 -2.13 -25.71
CA ILE D 867 -19.56 -3.47 -26.21
C ILE D 867 -18.06 -3.65 -25.98
N MET D 868 -17.46 -4.75 -26.47
CA MET D 868 -16.01 -4.96 -26.46
C MET D 868 -15.45 -4.95 -25.04
N ASN D 869 -15.63 -6.07 -24.32
CA ASN D 869 -15.28 -6.19 -22.91
C ASN D 869 -16.17 -5.31 -22.04
N GLU D 870 -17.43 -5.74 -21.90
CA GLU D 870 -18.49 -4.96 -21.27
C GLU D 870 -18.14 -4.46 -19.87
N LYS D 871 -17.01 -4.88 -19.29
CA LYS D 871 -16.52 -4.16 -18.12
C LYS D 871 -16.35 -2.68 -18.44
N CYS D 872 -15.98 -2.36 -19.69
CA CYS D 872 -16.02 -0.98 -20.16
C CYS D 872 -17.44 -0.45 -20.14
N SER D 873 -18.42 -1.29 -20.48
CA SER D 873 -19.81 -0.86 -20.41
C SER D 873 -20.23 -0.56 -18.97
N GLN D 874 -19.79 -1.39 -18.02
CA GLN D 874 -20.09 -1.13 -16.62
C GLN D 874 -19.45 0.18 -16.16
N LEU D 875 -18.19 0.42 -16.57
CA LEU D 875 -17.54 1.67 -16.21
C LEU D 875 -18.23 2.87 -16.85
N PHE D 876 -18.71 2.71 -18.08
CA PHE D 876 -19.46 3.78 -18.74
C PHE D 876 -20.77 4.07 -18.00
N ASP D 877 -21.46 3.03 -17.56
CA ASP D 877 -22.68 3.22 -16.78
C ASP D 877 -22.38 3.94 -15.47
N LEU D 878 -21.29 3.55 -14.80
CA LEU D 878 -20.90 4.23 -13.57
C LEU D 878 -20.60 5.71 -13.82
N PHE D 879 -19.85 5.99 -14.89
CA PHE D 879 -19.49 7.36 -15.23
C PHE D 879 -20.73 8.19 -15.54
N LEU D 880 -21.69 7.61 -16.26
CA LEU D 880 -22.87 8.37 -16.67
C LEU D 880 -23.83 8.57 -15.51
N ASN D 881 -23.90 7.61 -14.59
CA ASN D 881 -24.89 7.68 -13.51
C ASN D 881 -24.35 8.39 -12.27
N PHE D 882 -23.25 7.89 -11.71
CA PHE D 882 -22.78 8.34 -10.41
C PHE D 882 -21.78 9.50 -10.49
N TYR D 883 -21.46 9.99 -11.68
CA TYR D 883 -20.61 11.17 -11.81
C TYR D 883 -21.30 12.32 -12.51
N LEU D 884 -21.89 12.08 -13.68
CA LEU D 884 -22.47 13.18 -14.46
C LEU D 884 -23.73 13.71 -13.80
N LEU D 885 -24.56 12.84 -13.23
CA LEU D 885 -25.87 13.23 -12.73
C LEU D 885 -25.91 13.44 -11.23
N ASN D 886 -24.76 13.44 -10.55
CA ASN D 886 -24.71 13.75 -9.13
C ASN D 886 -24.48 15.24 -8.94
N LYS D 887 -25.49 15.93 -8.38
CA LYS D 887 -25.37 17.36 -8.15
C LYS D 887 -24.46 17.68 -6.96
N GLU D 888 -24.13 16.68 -6.13
CA GLU D 888 -23.22 16.92 -5.02
C GLU D 888 -21.76 16.97 -5.47
N ALA D 889 -21.43 16.29 -6.58
CA ALA D 889 -20.04 16.22 -7.02
C ALA D 889 -19.54 17.59 -7.50
N HIS D 890 -20.36 18.32 -8.25
CA HIS D 890 -19.95 19.59 -8.83
C HIS D 890 -21.04 20.64 -8.57
N SER D 891 -20.73 21.88 -8.93
CA SER D 891 -21.58 23.01 -8.60
C SER D 891 -22.88 22.97 -9.40
N LYS D 892 -23.85 23.75 -8.93
CA LYS D 892 -25.14 23.84 -9.62
C LYS D 892 -25.00 24.43 -11.01
N GLU D 893 -24.19 25.49 -11.14
CA GLU D 893 -23.99 26.11 -12.44
C GLU D 893 -23.28 25.19 -13.42
N ALA D 894 -22.53 24.21 -12.93
CA ALA D 894 -21.86 23.24 -13.78
C ALA D 894 -22.67 21.97 -14.01
N TYR D 895 -23.91 21.92 -13.51
CA TYR D 895 -24.79 20.78 -13.68
C TYR D 895 -25.91 21.03 -14.68
N ASP D 896 -26.40 22.27 -14.78
CA ASP D 896 -27.40 22.59 -15.79
C ASP D 896 -26.84 22.39 -17.19
N LYS D 897 -25.57 22.74 -17.40
CA LYS D 897 -24.94 22.51 -18.68
C LYS D 897 -24.87 21.02 -19.00
N ILE D 898 -24.55 20.20 -17.99
CA ILE D 898 -24.49 18.75 -18.19
C ILE D 898 -25.87 18.23 -18.60
N THR D 899 -26.90 18.66 -17.88
CA THR D 899 -28.26 18.20 -18.18
C THR D 899 -28.69 18.63 -19.57
N HIS D 900 -28.38 19.87 -19.96
CA HIS D 900 -28.75 20.36 -21.29
C HIS D 900 -28.03 19.57 -22.38
N VAL D 901 -26.72 19.38 -22.23
CA VAL D 901 -25.96 18.64 -23.25
C VAL D 901 -26.49 17.22 -23.37
N LEU D 902 -26.79 16.58 -22.25
CA LEU D 902 -27.37 15.24 -22.30
C LEU D 902 -28.75 15.24 -22.96
N THR D 903 -29.53 16.30 -22.75
CA THR D 903 -30.84 16.38 -23.37
C THR D 903 -30.74 16.44 -24.90
N ILE D 904 -29.91 17.35 -25.41
CA ILE D 904 -29.72 17.39 -26.87
C ILE D 904 -29.06 16.12 -27.39
N LEU D 905 -28.16 15.51 -26.63
CA LEU D 905 -27.56 14.24 -27.08
C LEU D 905 -28.62 13.16 -27.21
N THR D 906 -29.53 13.06 -26.23
CA THR D 906 -30.61 12.09 -26.31
C THR D 906 -31.55 12.39 -27.47
N ASP D 907 -31.85 13.67 -27.70
CA ASP D 907 -32.70 14.03 -28.83
C ASP D 907 -32.06 13.61 -30.15
N PHE D 908 -30.77 13.88 -30.31
CA PHE D 908 -30.08 13.49 -31.55
C PHE D 908 -30.03 11.98 -31.70
N LEU D 909 -29.82 11.25 -30.60
CA LEU D 909 -29.81 9.80 -30.67
C LEU D 909 -31.17 9.26 -31.10
N VAL D 910 -32.25 9.80 -30.52
CA VAL D 910 -33.59 9.37 -30.88
C VAL D 910 -33.87 9.68 -32.34
N GLN D 911 -33.46 10.87 -32.80
CA GLN D 911 -33.67 11.23 -34.21
C GLN D 911 -32.91 10.28 -35.14
N LYS D 912 -31.66 9.96 -34.78
CA LYS D 912 -30.88 9.05 -35.61
C LYS D 912 -31.52 7.67 -35.66
N ILE D 913 -32.03 7.19 -34.52
CA ILE D 913 -32.73 5.91 -34.49
C ILE D 913 -33.97 5.96 -35.38
N VAL D 914 -34.69 7.09 -35.36
CA VAL D 914 -35.90 7.21 -36.17
C VAL D 914 -35.55 7.18 -37.66
N GLU D 915 -34.56 7.98 -38.08
CA GLU D 915 -34.24 8.03 -39.50
C GLU D 915 -33.65 6.73 -40.01
N LEU D 916 -32.76 6.11 -39.22
CA LEU D 916 -32.12 4.88 -39.70
C LEU D 916 -33.12 3.75 -39.86
N ASN D 917 -34.08 3.65 -38.93
CA ASN D 917 -35.12 2.64 -39.00
C ASN D 917 -36.03 2.87 -40.21
N ILE D 927 -27.80 -4.29 -38.73
CA ILE D 927 -26.42 -3.84 -38.68
C ILE D 927 -26.01 -3.65 -37.22
N VAL D 928 -24.72 -3.83 -36.95
CA VAL D 928 -24.21 -3.72 -35.59
C VAL D 928 -24.35 -2.31 -35.05
N ASP D 929 -24.24 -1.30 -35.91
CA ASP D 929 -24.35 0.08 -35.47
C ASP D 929 -25.73 0.38 -34.91
N LYS D 930 -26.77 -0.18 -35.54
CA LYS D 930 -28.13 0.03 -35.03
C LYS D 930 -28.29 -0.58 -33.64
N GLN D 931 -27.72 -1.78 -33.44
CA GLN D 931 -27.77 -2.40 -32.13
C GLN D 931 -27.02 -1.57 -31.09
N ASN D 932 -25.87 -1.01 -31.47
CA ASN D 932 -25.12 -0.16 -30.55
C ASN D 932 -25.92 1.09 -30.17
N PHE D 933 -26.57 1.72 -31.15
CA PHE D 933 -27.38 2.89 -30.86
C PHE D 933 -28.56 2.54 -29.96
N LEU D 934 -29.20 1.40 -30.21
CA LEU D 934 -30.31 0.96 -29.36
C LEU D 934 -29.83 0.69 -27.94
N ASN D 935 -28.66 0.07 -27.79
CA ASN D 935 -28.11 -0.18 -26.47
C ASN D 935 -27.80 1.12 -25.74
N LEU D 936 -27.24 2.10 -26.47
CA LEU D 936 -26.97 3.40 -25.86
C LEU D 936 -28.26 4.09 -25.41
N LEU D 937 -29.31 4.01 -26.23
CA LEU D 937 -30.59 4.59 -25.84
C LEU D 937 -31.15 3.89 -24.60
N ALA D 938 -31.04 2.57 -24.55
CA ALA D 938 -31.52 1.83 -23.38
C ALA D 938 -30.76 2.22 -22.13
N LYS D 939 -29.43 2.37 -22.25
CA LYS D 939 -28.64 2.80 -21.10
C LYS D 939 -29.02 4.20 -20.65
N PHE D 940 -29.27 5.11 -21.60
CA PHE D 940 -29.69 6.46 -21.24
C PHE D 940 -31.04 6.45 -20.55
N ALA D 941 -31.97 5.61 -21.02
CA ALA D 941 -33.28 5.53 -20.39
C ALA D 941 -33.20 4.93 -18.99
N ASP D 942 -32.27 3.99 -18.79
CA ASP D 942 -32.11 3.34 -17.50
C ASP D 942 -31.45 4.23 -16.46
N SER D 943 -31.01 5.43 -16.84
CA SER D 943 -30.30 6.32 -15.93
C SER D 943 -31.22 6.75 -14.79
N THR D 944 -30.62 7.41 -13.80
CA THR D 944 -31.37 7.86 -12.62
C THR D 944 -32.40 8.94 -12.98
N VAL D 945 -32.20 9.63 -14.09
CA VAL D 945 -33.13 10.66 -14.55
C VAL D 945 -33.62 10.30 -15.94
N SER D 946 -34.75 10.90 -16.32
CA SER D 946 -35.37 10.65 -17.61
C SER D 946 -35.12 11.85 -18.52
N PHE D 947 -34.27 11.66 -19.53
CA PHE D 947 -34.05 12.68 -20.54
C PHE D 947 -34.99 12.56 -21.73
N LEU D 948 -35.80 11.50 -21.78
CA LEU D 948 -36.75 11.31 -22.87
C LEU D 948 -38.09 11.93 -22.51
N THR D 949 -38.84 12.30 -23.54
CA THR D 949 -40.15 12.92 -23.40
C THR D 949 -41.19 12.11 -24.17
N LYS D 950 -42.44 12.56 -24.09
CA LYS D 950 -43.52 11.87 -24.80
C LYS D 950 -43.35 11.96 -26.32
N ASP D 951 -42.65 12.99 -26.80
CA ASP D 951 -42.39 13.09 -28.23
C ASP D 951 -41.51 11.94 -28.69
N HIS D 952 -40.49 11.58 -27.91
CA HIS D 952 -39.66 10.44 -28.27
C HIS D 952 -40.45 9.14 -28.23
N ILE D 953 -41.37 9.01 -27.27
CA ILE D 953 -42.23 7.83 -27.21
C ILE D 953 -43.10 7.73 -28.46
N THR D 954 -43.69 8.85 -28.88
CA THR D 954 -44.49 8.85 -30.09
C THR D 954 -43.64 8.55 -31.32
N ALA D 955 -42.39 9.01 -31.33
CA ALA D 955 -41.50 8.72 -32.44
C ALA D 955 -41.11 7.25 -32.48
N LEU D 956 -40.94 6.61 -31.33
CA LEU D 956 -40.62 5.19 -31.27
C LEU D 956 -41.84 4.31 -31.54
N TYR D 957 -43.05 4.83 -31.34
CA TYR D 957 -44.25 4.02 -31.50
C TYR D 957 -44.44 3.41 -32.88
N PRO D 958 -44.23 4.12 -34.01
CA PRO D 958 -44.56 3.51 -35.31
C PRO D 958 -43.84 2.21 -35.61
N TYR D 959 -42.57 2.09 -35.25
CA TYR D 959 -41.87 0.82 -35.40
C TYR D 959 -41.97 -0.06 -34.16
N MET D 960 -42.53 0.45 -33.07
CA MET D 960 -42.88 -0.40 -31.94
C MET D 960 -44.08 -1.28 -32.28
N VAL D 961 -45.13 -0.68 -32.85
CA VAL D 961 -46.31 -1.45 -33.22
C VAL D 961 -46.02 -2.36 -34.40
N SER D 962 -45.24 -1.88 -35.37
CA SER D 962 -44.95 -2.68 -36.55
C SER D 962 -44.06 -3.86 -36.19
N ASP D 963 -44.27 -4.98 -36.87
CA ASP D 963 -43.49 -6.19 -36.64
C ASP D 963 -42.45 -6.40 -37.74
N SER D 966 -36.58 -9.83 -35.33
CA SER D 966 -35.37 -9.06 -35.08
C SER D 966 -35.22 -8.75 -33.59
N ASP D 967 -34.16 -8.02 -33.26
CA ASP D 967 -33.89 -7.61 -31.88
C ASP D 967 -34.33 -6.18 -31.60
N PHE D 968 -35.06 -5.55 -32.52
CA PHE D 968 -35.50 -4.17 -32.33
C PHE D 968 -36.43 -4.05 -31.13
N HIS D 969 -37.42 -4.94 -31.05
CA HIS D 969 -38.44 -4.87 -30.02
C HIS D 969 -37.91 -5.12 -28.61
N TYR D 970 -36.76 -5.77 -28.47
CA TYR D 970 -36.17 -6.00 -27.16
C TYR D 970 -35.65 -4.70 -26.56
N TYR D 971 -34.76 -4.01 -27.28
CA TYR D 971 -34.27 -2.72 -26.82
C TYR D 971 -35.38 -1.69 -26.75
N ILE D 972 -36.32 -1.72 -27.70
CA ILE D 972 -37.44 -0.79 -27.66
C ILE D 972 -38.30 -1.03 -26.43
N LEU D 973 -38.57 -2.30 -26.12
CA LEU D 973 -39.36 -2.62 -24.92
C LEU D 973 -38.62 -2.20 -23.66
N GLN D 974 -37.29 -2.40 -23.62
CA GLN D 974 -36.52 -1.95 -22.46
C GLN D 974 -36.60 -0.44 -22.29
N VAL D 975 -36.49 0.29 -23.40
CA VAL D 975 -36.58 1.76 -23.34
C VAL D 975 -37.95 2.18 -22.83
N PHE D 976 -39.02 1.57 -23.35
CA PHE D 976 -40.36 1.90 -22.88
C PHE D 976 -40.53 1.59 -21.40
N ARG D 977 -40.03 0.43 -20.96
CA ARG D 977 -40.16 0.06 -19.55
C ARG D 977 -39.41 1.03 -18.65
N CYS D 978 -38.21 1.45 -19.05
CA CYS D 978 -37.47 2.41 -18.24
C CYS D 978 -38.12 3.79 -18.26
N THR D 979 -38.74 4.17 -19.39
CA THR D 979 -39.34 5.49 -19.50
C THR D 979 -40.62 5.61 -18.69
N PHE D 980 -41.48 4.58 -18.73
CA PHE D 980 -42.76 4.65 -18.06
C PHE D 980 -42.65 4.61 -16.54
N GLU D 981 -41.48 4.29 -16.00
CA GLU D 981 -41.29 4.29 -14.55
C GLU D 981 -40.94 5.66 -13.99
N LYS D 982 -40.75 6.66 -14.83
CA LYS D 982 -40.40 8.00 -14.38
C LYS D 982 -41.37 9.07 -14.87
N LEU D 983 -41.85 8.97 -16.11
CA LEU D 983 -42.75 9.95 -16.67
C LEU D 983 -44.19 9.65 -16.27
N ALA D 984 -45.08 10.59 -16.58
CA ALA D 984 -46.49 10.46 -16.27
C ALA D 984 -47.27 11.40 -17.19
N ASN D 985 -48.56 11.57 -16.88
CA ASN D 985 -49.45 12.47 -17.63
C ASN D 985 -49.51 12.09 -19.12
N PHE D 986 -49.56 10.80 -19.39
CA PHE D 986 -49.69 10.32 -20.77
C PHE D 986 -51.13 10.44 -21.24
N LYS D 987 -51.30 10.47 -22.56
CA LYS D 987 -52.63 10.51 -23.15
C LYS D 987 -53.34 9.17 -22.94
N GLN D 988 -54.62 9.24 -22.57
CA GLN D 988 -55.39 8.03 -22.32
C GLN D 988 -55.53 7.18 -23.58
N LYS D 989 -55.78 7.83 -24.73
CA LYS D 989 -55.92 7.08 -25.98
C LYS D 989 -54.62 6.39 -26.34
N PHE D 990 -53.48 7.07 -26.17
CA PHE D 990 -52.20 6.44 -26.47
C PHE D 990 -51.92 5.26 -25.55
N LEU D 991 -52.25 5.40 -24.26
CA LEU D 991 -52.07 4.27 -23.34
C LEU D 991 -52.95 3.10 -23.72
N TYR D 992 -54.20 3.36 -24.10
CA TYR D 992 -55.09 2.29 -24.53
C TYR D 992 -54.56 1.59 -25.77
N ASP D 993 -54.08 2.37 -26.74
CA ASP D 993 -53.53 1.77 -27.96
C ASP D 993 -52.29 0.95 -27.65
N LEU D 994 -51.43 1.44 -26.76
CA LEU D 994 -50.23 0.70 -26.38
C LEU D 994 -50.59 -0.61 -25.70
N GLU D 995 -51.58 -0.58 -24.79
CA GLU D 995 -52.01 -1.82 -24.15
C GLU D 995 -52.60 -2.78 -25.17
N THR D 996 -53.39 -2.28 -26.11
CA THR D 996 -53.98 -3.14 -27.12
C THR D 996 -52.92 -3.82 -27.98
N THR D 997 -51.92 -3.04 -28.42
CA THR D 997 -50.89 -3.61 -29.28
C THR D 997 -49.94 -4.52 -28.51
N LEU D 998 -49.78 -4.29 -27.21
CA LEU D 998 -48.96 -5.19 -26.41
C LEU D 998 -49.67 -6.50 -26.13
N LEU D 999 -50.97 -6.44 -25.80
CA LEU D 999 -51.72 -7.65 -25.51
C LEU D 999 -51.98 -8.46 -26.78
N SER D 1000 -52.09 -7.80 -27.92
CA SER D 1000 -52.30 -8.52 -29.17
C SER D 1000 -51.09 -9.36 -29.55
N ARG D 1001 -49.88 -8.86 -29.28
CA ARG D 1001 -48.65 -9.52 -29.70
C ARG D 1001 -48.06 -10.42 -28.63
N LEU D 1002 -48.72 -10.59 -27.48
CA LEU D 1002 -48.16 -11.45 -26.44
C LEU D 1002 -47.96 -12.89 -26.88
N PRO D 1003 -48.93 -13.56 -27.53
CA PRO D 1003 -48.64 -14.92 -28.03
C PRO D 1003 -47.54 -14.96 -29.07
N LYS D 1004 -47.40 -13.92 -29.89
CA LYS D 1004 -46.41 -13.95 -30.96
C LYS D 1004 -44.98 -13.77 -30.44
N MET D 1005 -44.78 -12.88 -29.46
CA MET D 1005 -43.44 -12.64 -28.95
C MET D 1005 -42.93 -13.85 -28.17
N ASN D 1006 -41.64 -14.13 -28.29
CA ASN D 1006 -41.04 -15.23 -27.58
C ASN D 1006 -40.63 -14.79 -26.17
N VAL D 1007 -40.09 -15.75 -25.40
CA VAL D 1007 -39.76 -15.50 -24.01
C VAL D 1007 -38.64 -14.48 -23.86
N ARG D 1008 -37.95 -14.15 -24.95
CA ARG D 1008 -36.77 -13.29 -24.85
C ARG D 1008 -37.14 -11.90 -24.34
N GLU D 1009 -38.28 -11.37 -24.76
CA GLU D 1009 -38.71 -10.02 -24.38
C GLU D 1009 -40.01 -10.01 -23.58
N ILE D 1010 -40.53 -11.18 -23.19
CA ILE D 1010 -41.74 -11.20 -22.38
C ILE D 1010 -41.49 -10.58 -21.01
N ASP D 1011 -40.31 -10.83 -20.44
CA ASP D 1011 -39.98 -10.30 -19.12
C ASP D 1011 -39.70 -8.79 -19.14
N GLU D 1012 -39.66 -8.15 -20.31
CA GLU D 1012 -39.77 -6.70 -20.36
C GLU D 1012 -41.15 -6.22 -20.78
N ALA D 1013 -41.87 -7.03 -21.57
CA ALA D 1013 -43.22 -6.64 -21.99
C ALA D 1013 -44.19 -6.59 -20.82
N MET D 1014 -44.16 -7.61 -19.95
CA MET D 1014 -45.07 -7.64 -18.81
C MET D 1014 -44.86 -6.48 -17.84
N PRO D 1015 -43.64 -6.14 -17.42
CA PRO D 1015 -43.49 -4.93 -16.58
C PRO D 1015 -43.97 -3.68 -17.26
N LEU D 1016 -43.80 -3.58 -18.59
CA LEU D 1016 -44.38 -2.45 -19.32
C LEU D 1016 -45.89 -2.46 -19.24
N ILE D 1017 -46.50 -3.65 -19.33
CA ILE D 1017 -47.95 -3.77 -19.21
C ILE D 1017 -48.42 -3.25 -17.85
N TRP D 1018 -47.74 -3.67 -16.78
CA TRP D 1018 -48.12 -3.20 -15.45
C TRP D 1018 -47.88 -1.71 -15.30
N SER D 1019 -46.79 -1.19 -15.86
CA SER D 1019 -46.49 0.23 -15.74
C SER D 1019 -47.52 1.08 -16.45
N VAL D 1020 -47.96 0.66 -17.65
CA VAL D 1020 -48.98 1.42 -18.35
C VAL D 1020 -50.37 1.19 -17.78
N ALA D 1021 -50.58 0.08 -17.06
CA ALA D 1021 -51.89 -0.16 -16.47
C ALA D 1021 -52.15 0.75 -15.28
N THR D 1022 -51.09 1.07 -14.51
CA THR D 1022 -51.29 1.86 -13.30
C THR D 1022 -51.48 3.35 -13.58
N HIS D 1023 -51.30 3.79 -14.82
CA HIS D 1023 -51.59 5.17 -15.20
C HIS D 1023 -52.99 5.36 -15.73
N ARG D 1024 -53.76 4.28 -15.89
CA ARG D 1024 -55.07 4.30 -16.52
C ARG D 1024 -56.07 3.50 -15.67
N HIS D 1025 -56.17 3.89 -14.39
CA HIS D 1025 -56.97 3.19 -13.38
C HIS D 1025 -58.35 2.78 -13.89
N ASP D 1026 -58.91 1.74 -13.28
CA ASP D 1026 -59.99 0.93 -13.87
C ASP D 1026 -59.43 0.16 -15.08
N THR D 1027 -58.33 -0.55 -14.85
CA THR D 1027 -57.60 -1.30 -15.86
C THR D 1027 -57.98 -2.78 -15.90
N ALA D 1028 -59.25 -3.13 -15.66
CA ALA D 1028 -59.66 -4.53 -15.58
C ALA D 1028 -59.36 -5.30 -16.86
N ARG D 1029 -58.94 -4.60 -17.93
CA ARG D 1029 -58.63 -5.29 -19.19
C ARG D 1029 -57.45 -6.25 -19.02
N VAL D 1030 -56.41 -5.83 -18.31
CA VAL D 1030 -55.28 -6.73 -18.07
C VAL D 1030 -55.71 -7.88 -17.17
N ALA D 1031 -56.61 -7.61 -16.23
CA ALA D 1031 -57.14 -8.69 -15.40
C ALA D 1031 -57.87 -9.73 -16.24
N LYS D 1032 -58.67 -9.28 -17.20
CA LYS D 1032 -59.36 -10.21 -18.10
C LYS D 1032 -58.36 -10.97 -18.96
N ALA D 1033 -57.32 -10.29 -19.43
CA ALA D 1033 -56.29 -10.96 -20.23
C ALA D 1033 -55.60 -12.06 -19.42
N CYS D 1034 -55.29 -11.77 -18.15
CA CYS D 1034 -54.67 -12.78 -17.29
C CYS D 1034 -55.64 -13.92 -17.00
N SER D 1035 -56.93 -13.60 -16.83
CA SER D 1035 -57.92 -14.62 -16.56
C SER D 1035 -58.07 -15.56 -17.75
N SER D 1036 -57.95 -15.02 -18.97
CA SER D 1036 -58.00 -15.86 -20.16
C SER D 1036 -56.86 -16.87 -20.17
N CYS D 1037 -55.65 -16.41 -19.83
CA CYS D 1037 -54.51 -17.31 -19.77
C CYS D 1037 -54.69 -18.35 -18.67
N LEU D 1038 -55.22 -17.93 -17.52
CA LEU D 1038 -55.46 -18.88 -16.44
C LEU D 1038 -56.49 -19.94 -16.84
N SER D 1039 -57.56 -19.52 -17.53
CA SER D 1039 -58.56 -20.47 -17.98
C SER D 1039 -58.01 -21.42 -19.03
N HIS D 1040 -57.12 -20.93 -19.90
CA HIS D 1040 -56.46 -21.80 -20.87
C HIS D 1040 -55.49 -22.77 -20.23
N LEU D 1041 -54.86 -22.38 -19.11
CA LEU D 1041 -53.91 -23.24 -18.42
C LEU D 1041 -54.56 -24.23 -17.45
N HIS D 1042 -55.76 -23.92 -16.95
CA HIS D 1042 -56.41 -24.80 -15.97
C HIS D 1042 -56.57 -26.25 -16.45
N PRO D 1043 -57.03 -26.52 -17.67
CA PRO D 1043 -57.18 -27.95 -18.06
C PRO D 1043 -55.88 -28.72 -18.05
N TYR D 1044 -54.75 -28.05 -18.33
CA TYR D 1044 -53.47 -28.76 -18.38
C TYR D 1044 -53.07 -29.28 -17.01
N ILE D 1045 -53.26 -28.49 -15.95
CA ILE D 1045 -52.89 -28.95 -14.62
C ILE D 1045 -53.81 -30.08 -14.17
N ASN D 1046 -55.08 -30.06 -14.59
CA ASN D 1046 -55.97 -31.16 -14.29
C ASN D 1046 -55.55 -32.43 -15.03
N LYS D 1047 -55.12 -32.27 -16.28
CA LYS D 1047 -54.60 -33.42 -17.04
C LYS D 1047 -53.34 -33.97 -16.40
N ALA D 1048 -52.52 -33.10 -15.80
CA ALA D 1048 -51.31 -33.58 -15.12
C ALA D 1048 -51.66 -34.49 -13.96
N ASN D 1049 -52.69 -34.14 -13.19
CA ASN D 1049 -53.12 -34.96 -12.07
C ASN D 1049 -53.86 -36.21 -12.54
N GLY D 1059 -47.21 -27.26 -28.82
CA GLY D 1059 -46.53 -26.05 -29.23
C GLY D 1059 -47.09 -24.81 -28.56
N LYS D 1060 -48.31 -24.92 -28.03
CA LYS D 1060 -48.97 -23.81 -27.36
C LYS D 1060 -48.78 -23.81 -25.85
N LEU D 1061 -48.53 -24.97 -25.24
CA LEU D 1061 -48.37 -25.03 -23.79
C LEU D 1061 -47.13 -24.28 -23.32
N GLN D 1062 -46.06 -24.28 -24.12
CA GLN D 1062 -44.84 -23.57 -23.73
C GLN D 1062 -45.10 -22.08 -23.58
N ARG D 1063 -45.67 -21.46 -24.61
CA ARG D 1063 -45.97 -20.04 -24.55
C ARG D 1063 -47.00 -19.74 -23.47
N LEU D 1064 -47.97 -20.64 -23.29
CA LEU D 1064 -48.99 -20.45 -22.27
C LEU D 1064 -48.37 -20.39 -20.88
N ILE D 1065 -47.50 -21.35 -20.56
CA ILE D 1065 -46.89 -21.38 -19.24
C ILE D 1065 -45.92 -20.21 -19.07
N TYR D 1066 -45.22 -19.81 -20.14
CA TYR D 1066 -44.33 -18.66 -20.04
C TYR D 1066 -45.12 -17.39 -19.74
N LEU D 1067 -46.24 -17.19 -20.43
CA LEU D 1067 -47.07 -16.02 -20.19
C LEU D 1067 -47.67 -16.04 -18.79
N SER D 1068 -48.09 -17.22 -18.32
CA SER D 1068 -48.63 -17.33 -16.97
C SER D 1068 -47.57 -16.96 -15.93
N THR D 1069 -46.35 -17.46 -16.11
CA THR D 1069 -45.27 -17.12 -15.17
C THR D 1069 -44.96 -15.63 -15.21
N GLY D 1070 -44.93 -15.04 -16.41
CA GLY D 1070 -44.69 -13.61 -16.51
C GLY D 1070 -45.76 -12.79 -15.83
N PHE D 1071 -47.02 -13.16 -16.02
CA PHE D 1071 -48.11 -12.48 -15.34
C PHE D 1071 -47.99 -12.62 -13.83
N ALA D 1072 -47.57 -13.81 -13.36
CA ALA D 1072 -47.42 -14.03 -11.92
C ALA D 1072 -46.32 -13.15 -11.34
N ARG D 1073 -45.17 -13.09 -12.00
CA ARG D 1073 -44.01 -12.41 -11.42
C ARG D 1073 -43.90 -10.95 -11.83
N PHE D 1074 -44.83 -10.43 -12.63
CA PHE D 1074 -44.76 -9.03 -13.04
C PHE D 1074 -46.09 -8.28 -12.92
N CYS D 1075 -47.19 -8.94 -12.62
CA CYS D 1075 -48.48 -8.29 -12.51
C CYS D 1075 -49.20 -8.76 -11.25
N PHE D 1076 -50.05 -7.88 -10.72
CA PHE D 1076 -50.89 -8.16 -9.56
C PHE D 1076 -50.06 -8.59 -8.36
N PRO D 1077 -49.31 -7.68 -7.75
CA PRO D 1077 -48.50 -8.06 -6.57
C PRO D 1077 -49.31 -8.31 -5.32
N LYS D 1078 -50.57 -7.89 -5.27
CA LYS D 1078 -51.40 -8.08 -4.09
C LYS D 1078 -52.42 -9.19 -4.32
N GLY D 1090 -59.23 -17.75 -2.63
CA GLY D 1090 -58.78 -16.58 -1.91
C GLY D 1090 -57.29 -16.57 -1.64
N GLU D 1091 -56.50 -16.68 -2.70
CA GLU D 1091 -55.05 -16.69 -2.60
C GLU D 1091 -54.46 -15.77 -3.66
N THR D 1092 -53.25 -15.30 -3.39
CA THR D 1092 -52.58 -14.39 -4.31
C THR D 1092 -52.19 -15.13 -5.59
N LEU D 1093 -52.14 -14.38 -6.69
CA LEU D 1093 -51.99 -14.98 -8.02
C LEU D 1093 -50.68 -15.77 -8.14
N TYR D 1094 -49.58 -15.21 -7.66
CA TYR D 1094 -48.31 -15.91 -7.81
C TYR D 1094 -48.25 -17.17 -6.97
N GLU D 1095 -48.96 -17.21 -5.84
CA GLU D 1095 -49.04 -18.45 -5.08
C GLU D 1095 -49.75 -19.54 -5.88
N HIS D 1096 -50.85 -19.19 -6.55
CA HIS D 1096 -51.55 -20.15 -7.40
C HIS D 1096 -50.66 -20.61 -8.55
N ILE D 1097 -49.89 -19.69 -9.12
CA ILE D 1097 -49.00 -20.06 -10.22
C ILE D 1097 -47.89 -20.99 -9.73
N THR D 1098 -47.36 -20.74 -8.53
CA THR D 1098 -46.37 -21.64 -7.96
C THR D 1098 -46.96 -23.02 -7.72
N LYS D 1099 -48.20 -23.07 -7.23
CA LYS D 1099 -48.86 -24.37 -7.05
C LYS D 1099 -49.01 -25.09 -8.38
N CYS D 1100 -49.41 -24.36 -9.43
CA CYS D 1100 -49.55 -24.98 -10.75
C CYS D 1100 -48.20 -25.48 -11.27
N LEU D 1101 -47.15 -24.70 -11.08
CA LEU D 1101 -45.82 -25.11 -11.53
C LEU D 1101 -45.34 -26.35 -10.77
N LEU D 1102 -45.60 -26.40 -9.46
CA LEU D 1102 -45.26 -27.58 -8.69
C LEU D 1102 -46.04 -28.80 -9.16
N VAL D 1103 -47.30 -28.59 -9.54
CA VAL D 1103 -48.10 -29.68 -10.10
C VAL D 1103 -47.49 -30.20 -11.39
N LEU D 1104 -47.05 -29.29 -12.26
CA LEU D 1104 -46.47 -29.65 -13.55
C LEU D 1104 -45.01 -30.05 -13.47
N SER D 1105 -44.47 -30.18 -12.26
CA SER D 1105 -43.05 -30.54 -12.11
C SER D 1105 -42.89 -31.85 -11.36
N LYS D 1106 -43.67 -32.86 -11.74
CA LYS D 1106 -43.59 -34.18 -11.15
C LYS D 1106 -42.72 -35.10 -12.01
N ASP D 1107 -42.38 -36.26 -11.45
CA ASP D 1107 -41.52 -37.20 -12.15
C ASP D 1107 -42.20 -37.75 -13.40
N LYS D 1108 -43.50 -38.05 -13.31
CA LYS D 1108 -44.21 -38.61 -14.46
C LYS D 1108 -44.35 -37.61 -15.60
N ILE D 1109 -44.16 -36.32 -15.34
CA ILE D 1109 -44.31 -35.31 -16.38
C ILE D 1109 -43.15 -35.42 -17.37
N THR D 1110 -43.41 -35.03 -18.62
CA THR D 1110 -42.41 -35.13 -19.67
C THR D 1110 -41.23 -34.21 -19.37
N HIS D 1111 -40.06 -34.58 -19.90
CA HIS D 1111 -38.81 -33.91 -19.53
C HIS D 1111 -38.82 -32.44 -19.96
N VAL D 1112 -39.29 -32.15 -21.17
CA VAL D 1112 -39.21 -30.78 -21.69
C VAL D 1112 -40.10 -29.85 -20.88
N ILE D 1113 -41.36 -30.25 -20.67
CA ILE D 1113 -42.27 -29.42 -19.89
C ILE D 1113 -41.82 -29.34 -18.45
N ARG D 1114 -41.24 -30.42 -17.92
CA ARG D 1114 -40.69 -30.37 -16.56
C ARG D 1114 -39.58 -29.33 -16.45
N ARG D 1115 -38.67 -29.30 -17.43
CA ARG D 1115 -37.61 -28.31 -17.43
C ARG D 1115 -38.15 -26.90 -17.53
N VAL D 1116 -39.13 -26.69 -18.42
CA VAL D 1116 -39.72 -25.36 -18.56
C VAL D 1116 -40.40 -24.93 -17.28
N ALA D 1117 -41.13 -25.84 -16.64
CA ALA D 1117 -41.82 -25.51 -15.40
C ALA D 1117 -40.84 -25.19 -14.28
N VAL D 1118 -39.75 -25.96 -14.16
CA VAL D 1118 -38.80 -25.70 -13.10
C VAL D 1118 -38.06 -24.38 -13.34
N LYS D 1119 -37.74 -24.07 -14.60
CA LYS D 1119 -37.12 -22.79 -14.91
C LYS D 1119 -38.06 -21.63 -14.57
N ASN D 1120 -39.34 -21.76 -14.93
CA ASN D 1120 -40.30 -20.72 -14.63
C ASN D 1120 -40.49 -20.56 -13.11
N LEU D 1121 -40.50 -21.67 -12.38
CA LEU D 1121 -40.60 -21.60 -10.93
C LEU D 1121 -39.39 -20.91 -10.32
N THR D 1122 -38.19 -21.21 -10.83
CA THR D 1122 -36.99 -20.54 -10.34
C THR D 1122 -37.05 -19.05 -10.61
N LYS D 1123 -37.49 -18.65 -11.80
CA LYS D 1123 -37.61 -17.22 -12.10
C LYS D 1123 -38.64 -16.55 -11.22
N LEU D 1124 -39.78 -17.20 -10.99
CA LEU D 1124 -40.82 -16.63 -10.14
C LEU D 1124 -40.35 -16.48 -8.71
N CYS D 1125 -39.63 -17.47 -8.19
CA CYS D 1125 -39.06 -17.36 -6.86
C CYS D 1125 -37.98 -16.28 -6.81
N GLY D 1126 -37.27 -16.07 -7.91
CA GLY D 1126 -36.32 -14.97 -7.96
C GLY D 1126 -37.01 -13.61 -7.87
N ASN D 1127 -38.14 -13.46 -8.56
CA ASN D 1127 -38.90 -12.22 -8.48
C ASN D 1127 -39.65 -12.07 -7.16
N HIS D 1128 -39.92 -13.17 -6.46
CA HIS D 1128 -40.60 -13.15 -5.17
C HIS D 1128 -39.76 -13.95 -4.17
N PRO D 1129 -38.88 -13.28 -3.42
CA PRO D 1129 -37.97 -14.01 -2.52
C PRO D 1129 -38.69 -14.84 -1.47
N LYS D 1130 -39.86 -14.40 -1.00
CA LYS D 1130 -40.56 -15.14 0.05
C LYS D 1130 -40.91 -16.56 -0.39
N LEU D 1131 -41.13 -16.77 -1.69
CA LEU D 1131 -41.43 -18.11 -2.18
C LEU D 1131 -40.28 -19.08 -1.95
N PHE D 1132 -39.05 -18.57 -1.82
CA PHE D 1132 -37.93 -19.44 -1.49
C PHE D 1132 -38.03 -20.04 -0.09
N ASN D 1133 -38.81 -19.42 0.79
CA ASN D 1133 -38.98 -19.94 2.14
C ASN D 1133 -39.86 -21.18 2.18
N SER D 1134 -40.70 -21.38 1.17
CA SER D 1134 -41.55 -22.57 1.13
C SER D 1134 -40.70 -23.82 0.95
N ARG D 1135 -41.10 -24.89 1.64
CA ARG D 1135 -40.31 -26.11 1.64
C ARG D 1135 -40.37 -26.84 0.29
N HIS D 1136 -41.51 -26.77 -0.39
CA HIS D 1136 -41.70 -27.57 -1.61
C HIS D 1136 -40.70 -27.18 -2.69
N VAL D 1137 -40.49 -25.88 -2.90
CA VAL D 1137 -39.59 -25.44 -3.96
C VAL D 1137 -38.15 -25.81 -3.61
N LEU D 1138 -37.78 -25.71 -2.33
CA LEU D 1138 -36.43 -26.09 -1.92
C LEU D 1138 -36.20 -27.58 -2.14
N HIS D 1139 -37.17 -28.41 -1.76
CA HIS D 1139 -37.02 -29.85 -2.00
C HIS D 1139 -36.96 -30.16 -3.49
N LEU D 1140 -37.77 -29.47 -4.30
CA LEU D 1140 -37.74 -29.70 -5.74
C LEU D 1140 -36.38 -29.32 -6.32
N LEU D 1141 -35.83 -28.18 -5.91
CA LEU D 1141 -34.53 -27.77 -6.40
C LEU D 1141 -33.44 -28.75 -5.98
N ASP D 1142 -33.49 -29.21 -4.73
CA ASP D 1142 -32.51 -30.20 -4.28
C ASP D 1142 -32.62 -31.49 -5.07
N LYS D 1143 -33.85 -31.95 -5.32
CA LYS D 1143 -34.04 -33.16 -6.10
C LYS D 1143 -33.51 -33.01 -7.52
N GLU D 1144 -33.77 -31.86 -8.15
CA GLU D 1144 -33.23 -31.61 -9.49
C GLU D 1144 -31.71 -31.60 -9.46
N PHE D 1145 -31.11 -31.02 -8.42
CA PHE D 1145 -29.67 -30.96 -8.33
C PHE D 1145 -29.03 -32.30 -8.01
N GLN D 1146 -29.79 -33.25 -7.43
CA GLN D 1146 -29.24 -34.56 -7.10
C GLN D 1146 -29.84 -35.69 -7.92
N SER D 1147 -30.58 -35.39 -8.99
CA SER D 1147 -31.17 -36.41 -9.84
C SER D 1147 -30.32 -36.73 -11.06
N ASP D 1148 -29.14 -36.12 -11.20
CA ASP D 1148 -28.27 -36.31 -12.35
C ASP D 1148 -29.01 -35.96 -13.65
N GLN D 1149 -29.46 -34.71 -13.73
CA GLN D 1149 -30.17 -34.20 -14.88
C GLN D 1149 -29.25 -33.30 -15.69
N LEU D 1150 -29.13 -33.57 -16.98
CA LEU D 1150 -28.20 -32.82 -17.82
C LEU D 1150 -28.66 -31.39 -18.04
N ASP D 1151 -29.95 -31.19 -18.30
CA ASP D 1151 -30.47 -29.89 -18.69
C ASP D 1151 -31.30 -29.20 -17.62
N ILE D 1152 -31.86 -29.94 -16.66
CA ILE D 1152 -32.70 -29.32 -15.64
C ILE D 1152 -31.87 -28.41 -14.74
N LYS D 1153 -30.63 -28.81 -14.46
CA LYS D 1153 -29.78 -27.98 -13.62
C LYS D 1153 -29.32 -26.71 -14.33
N LEU D 1154 -29.14 -26.77 -15.65
CA LEU D 1154 -28.61 -25.63 -16.39
C LEU D 1154 -29.56 -24.44 -16.36
N VAL D 1155 -30.87 -24.69 -16.52
CA VAL D 1155 -31.82 -23.60 -16.51
C VAL D 1155 -31.91 -22.96 -15.13
N ILE D 1156 -31.81 -23.79 -14.07
CA ILE D 1156 -31.78 -23.26 -12.72
C ILE D 1156 -30.55 -22.39 -12.52
N LEU D 1157 -29.40 -22.84 -13.02
CA LEU D 1157 -28.17 -22.05 -12.89
C LEU D 1157 -28.29 -20.72 -13.63
N GLU D 1158 -28.86 -20.74 -14.83
CA GLU D 1158 -29.03 -19.51 -15.59
C GLU D 1158 -29.98 -18.55 -14.88
N SER D 1159 -31.08 -19.06 -14.34
CA SER D 1159 -32.01 -18.22 -13.60
C SER D 1159 -31.35 -17.63 -12.36
N LEU D 1160 -30.55 -18.42 -11.65
CA LEU D 1160 -29.85 -17.90 -10.49
C LEU D 1160 -28.83 -16.84 -10.89
N TYR D 1161 -28.15 -17.03 -12.02
CA TYR D 1161 -27.22 -16.02 -12.51
C TYR D 1161 -27.92 -14.71 -12.80
N ASP D 1162 -29.06 -14.78 -13.49
CA ASP D 1162 -29.82 -13.56 -13.78
C ASP D 1162 -30.31 -12.89 -12.50
N LEU D 1163 -30.79 -13.68 -11.55
CA LEU D 1163 -31.26 -13.12 -10.28
C LEU D 1163 -30.13 -12.45 -9.52
N PHE D 1164 -28.95 -13.08 -9.49
CA PHE D 1164 -27.81 -12.49 -8.80
C PHE D 1164 -27.40 -11.18 -9.46
N LEU D 1165 -27.36 -11.15 -10.80
CA LEU D 1165 -27.00 -9.92 -11.50
C LEU D 1165 -27.99 -8.80 -11.17
N LEU D 1166 -29.29 -9.09 -11.25
CA LEU D 1166 -30.29 -8.07 -11.00
C LEU D 1166 -30.22 -7.58 -9.55
N GLU D 1167 -30.08 -8.50 -8.60
CA GLU D 1167 -30.04 -8.11 -7.19
C GLU D 1167 -28.81 -7.28 -6.88
N GLU D 1168 -27.65 -7.65 -7.44
CA GLU D 1168 -26.45 -6.86 -7.19
C GLU D 1168 -26.53 -5.49 -7.85
N ARG D 1169 -27.10 -5.41 -9.05
CA ARG D 1169 -27.30 -4.10 -9.67
C ARG D 1169 -28.20 -3.22 -8.83
N LYS D 1170 -29.30 -3.80 -8.31
CA LYS D 1170 -30.20 -3.03 -7.44
C LYS D 1170 -29.49 -2.59 -6.17
N SER D 1171 -28.69 -3.47 -5.57
CA SER D 1171 -27.97 -3.11 -4.34
C SER D 1171 -26.97 -2.00 -4.59
N VAL D 1172 -26.24 -2.06 -5.71
CA VAL D 1172 -25.30 -1.00 -6.04
C VAL D 1172 -26.03 0.32 -6.26
N ARG D 1173 -27.16 0.28 -6.98
CA ARG D 1173 -27.92 1.49 -7.20
C ARG D 1173 -28.52 2.05 -5.92
N ASN D 1174 -28.78 1.20 -4.91
CA ASN D 1174 -29.34 1.68 -3.65
C ASN D 1174 -28.37 2.63 -2.95
N THR D 1175 -27.09 2.30 -2.93
CA THR D 1175 -26.06 3.15 -2.32
C THR D 1175 -24.89 3.27 -3.29
N GLY D 1176 -24.70 4.47 -3.83
CA GLY D 1176 -23.62 4.71 -4.76
C GLY D 1176 -22.54 5.61 -4.18
N VAL D 1177 -22.38 6.79 -4.75
CA VAL D 1177 -21.41 7.78 -4.28
C VAL D 1177 -22.18 8.95 -3.69
N ASN D 1178 -21.99 9.18 -2.40
CA ASN D 1178 -22.68 10.27 -1.71
C ASN D 1178 -21.92 10.61 -0.44
N SER D 1179 -22.20 11.79 0.10
CA SER D 1179 -21.59 12.27 1.33
C SER D 1179 -22.60 12.22 2.45
N THR D 1180 -22.23 11.56 3.55
CA THR D 1180 -23.11 11.41 4.71
C THR D 1180 -22.62 12.31 5.83
N LEU D 1181 -23.54 13.13 6.36
CA LEU D 1181 -23.24 14.03 7.45
C LEU D 1181 -23.99 13.57 8.70
N SER D 1182 -23.29 13.50 9.83
CA SER D 1182 -23.91 13.05 11.06
C SER D 1182 -25.00 14.01 11.52
N SER D 1183 -24.77 15.32 11.35
CA SER D 1183 -25.76 16.30 11.78
C SER D 1183 -27.06 16.16 11.00
N ASN D 1184 -26.97 15.91 9.70
CA ASN D 1184 -28.14 15.76 8.85
C ASN D 1184 -28.95 14.52 9.24
N GLY D 1203 -30.36 -11.21 1.87
CA GLY D 1203 -29.42 -12.30 2.08
C GLY D 1203 -29.86 -13.59 1.41
N VAL D 1204 -30.91 -13.50 0.60
CA VAL D 1204 -31.41 -14.68 -0.11
C VAL D 1204 -30.38 -15.16 -1.13
N CYS D 1205 -29.76 -14.23 -1.85
CA CYS D 1205 -28.78 -14.61 -2.87
C CYS D 1205 -27.58 -15.32 -2.24
N SER D 1206 -27.10 -14.83 -1.11
CA SER D 1206 -25.98 -15.48 -0.43
C SER D 1206 -26.34 -16.88 0.02
N ALA D 1207 -27.55 -17.05 0.56
CA ALA D 1207 -27.99 -18.38 0.99
C ALA D 1207 -28.10 -19.34 -0.19
N LEU D 1208 -28.66 -18.87 -1.30
CA LEU D 1208 -28.74 -19.72 -2.49
C LEU D 1208 -27.36 -20.09 -3.01
N ALA D 1209 -26.43 -19.13 -3.01
CA ALA D 1209 -25.08 -19.42 -3.48
C ALA D 1209 -24.38 -20.43 -2.59
N THR D 1210 -24.53 -20.30 -1.27
CA THR D 1210 -23.87 -21.21 -0.34
C THR D 1210 -24.49 -22.61 -0.39
N ARG D 1211 -25.81 -22.68 -0.50
CA ARG D 1211 -26.47 -23.99 -0.50
C ARG D 1211 -26.09 -24.81 -1.72
N PHE D 1212 -26.04 -24.19 -2.89
CA PHE D 1212 -25.80 -24.88 -4.14
C PHE D 1212 -24.39 -24.71 -4.67
N LEU D 1213 -23.45 -24.29 -3.81
CA LEU D 1213 -22.07 -24.08 -4.26
C LEU D 1213 -21.45 -25.40 -4.72
N ASP D 1214 -21.67 -26.48 -3.98
CA ASP D 1214 -21.07 -27.76 -4.34
C ASP D 1214 -21.58 -28.24 -5.69
N ASN D 1215 -22.88 -28.08 -5.95
CA ASN D 1215 -23.44 -28.48 -7.24
C ASN D 1215 -22.84 -27.67 -8.37
N ILE D 1216 -22.67 -26.35 -8.17
CA ILE D 1216 -22.07 -25.51 -9.20
C ILE D 1216 -20.64 -25.93 -9.47
N LEU D 1217 -19.87 -26.20 -8.41
CA LEU D 1217 -18.49 -26.64 -8.59
C LEU D 1217 -18.42 -27.98 -9.32
N GLN D 1218 -19.34 -28.90 -8.99
CA GLN D 1218 -19.35 -30.19 -9.68
C GLN D 1218 -19.70 -30.03 -11.15
N LEU D 1219 -20.66 -29.16 -11.46
CA LEU D 1219 -21.04 -28.94 -12.86
C LEU D 1219 -20.00 -28.13 -13.63
N CYS D 1220 -19.12 -27.40 -12.93
CA CYS D 1220 -18.09 -26.63 -13.60
C CYS D 1220 -17.10 -27.53 -14.36
N LEU D 1221 -16.99 -28.79 -13.97
CA LEU D 1221 -16.00 -29.70 -14.53
C LEU D 1221 -16.58 -30.64 -15.57
N LEU D 1222 -17.68 -30.26 -16.21
CA LEU D 1222 -18.29 -31.09 -17.23
C LEU D 1222 -17.50 -31.01 -18.53
N ARG D 1223 -17.68 -32.04 -19.37
CA ARG D 1223 -16.99 -32.11 -20.65
C ARG D 1223 -17.73 -31.39 -21.77
N ASP D 1224 -18.94 -30.88 -21.51
CA ASP D 1224 -19.70 -30.15 -22.51
C ASP D 1224 -19.37 -28.66 -22.41
N LEU D 1225 -19.09 -28.04 -23.57
CA LEU D 1225 -18.64 -26.65 -23.58
C LEU D 1225 -19.70 -25.71 -23.04
N LYS D 1226 -20.96 -25.90 -23.45
CA LYS D 1226 -22.02 -24.97 -23.05
C LYS D 1226 -22.27 -25.02 -21.55
N ASN D 1227 -22.45 -26.23 -21.01
CA ASN D 1227 -22.71 -26.38 -19.59
C ASN D 1227 -21.52 -25.89 -18.76
N SER D 1228 -20.30 -26.24 -19.20
CA SER D 1228 -19.12 -25.78 -18.49
C SER D 1228 -19.02 -24.27 -18.48
N LEU D 1229 -19.30 -23.62 -19.62
CA LEU D 1229 -19.24 -22.17 -19.68
C LEU D 1229 -20.31 -21.53 -18.79
N VAL D 1230 -21.52 -22.09 -18.78
CA VAL D 1230 -22.57 -21.55 -17.93
C VAL D 1230 -22.18 -21.65 -16.46
N ALA D 1231 -21.69 -22.83 -16.05
CA ALA D 1231 -21.29 -23.01 -14.66
C ALA D 1231 -20.12 -22.11 -14.29
N ILE D 1232 -19.16 -21.95 -15.21
CA ILE D 1232 -18.02 -21.09 -14.94
C ILE D 1232 -18.44 -19.63 -14.80
N ARG D 1233 -19.39 -19.19 -15.65
CA ARG D 1233 -19.89 -17.83 -15.53
C ARG D 1233 -20.57 -17.61 -14.19
N LEU D 1234 -21.41 -18.57 -13.77
CA LEU D 1234 -22.07 -18.45 -12.48
C LEU D 1234 -21.06 -18.43 -11.33
N LEU D 1235 -20.05 -19.30 -11.40
CA LEU D 1235 -19.04 -19.35 -10.35
C LEU D 1235 -18.24 -18.06 -10.30
N LYS D 1236 -17.87 -17.51 -11.46
CA LYS D 1236 -17.14 -16.26 -11.49
C LYS D 1236 -17.97 -15.12 -10.92
N LEU D 1237 -19.25 -15.07 -11.26
CA LEU D 1237 -20.11 -14.03 -10.71
C LEU D 1237 -20.23 -14.15 -9.19
N ILE D 1238 -20.40 -15.37 -8.69
CA ILE D 1238 -20.50 -15.58 -7.25
C ILE D 1238 -19.22 -15.17 -6.55
N LEU D 1239 -18.07 -15.56 -7.11
CA LEU D 1239 -16.79 -15.21 -6.52
C LEU D 1239 -16.57 -13.70 -6.53
N LYS D 1240 -16.94 -13.04 -7.62
CA LYS D 1240 -16.80 -11.59 -7.69
C LYS D 1240 -17.67 -10.90 -6.65
N PHE D 1241 -18.91 -11.38 -6.47
CA PHE D 1241 -19.78 -10.78 -5.47
C PHE D 1241 -19.28 -11.10 -4.06
N GLY D 1242 -18.84 -12.33 -3.82
CA GLY D 1242 -18.29 -12.69 -2.53
C GLY D 1242 -19.29 -13.33 -1.60
N TYR D 1243 -20.31 -13.99 -2.17
CA TYR D 1243 -21.34 -14.62 -1.35
C TYR D 1243 -20.78 -15.74 -0.49
N THR D 1244 -19.93 -16.58 -1.07
CA THR D 1244 -19.45 -17.79 -0.40
C THR D 1244 -17.94 -17.71 -0.20
N ASN D 1245 -17.41 -18.73 0.46
CA ASN D 1245 -15.98 -18.81 0.74
C ASN D 1245 -15.21 -19.21 -0.51
N PRO D 1246 -14.24 -18.42 -0.95
CA PRO D 1246 -13.42 -18.84 -2.10
C PRO D 1246 -12.62 -20.10 -1.85
N SER D 1247 -12.35 -20.46 -0.59
CA SER D 1247 -11.55 -21.63 -0.30
C SER D 1247 -12.19 -22.89 -0.83
N HIS D 1248 -13.52 -22.97 -0.78
CA HIS D 1248 -14.22 -24.13 -1.32
C HIS D 1248 -14.12 -24.20 -2.84
N SER D 1249 -13.85 -23.09 -3.51
CA SER D 1249 -13.82 -23.04 -4.96
C SER D 1249 -12.43 -22.81 -5.56
N ILE D 1250 -11.42 -22.55 -4.72
CA ILE D 1250 -10.06 -22.39 -5.26
C ILE D 1250 -9.59 -23.62 -6.01
N PRO D 1251 -9.71 -24.85 -5.49
CA PRO D 1251 -9.30 -26.01 -6.29
C PRO D 1251 -10.03 -26.14 -7.61
N THR D 1252 -11.35 -25.88 -7.61
CA THR D 1252 -12.14 -26.03 -8.82
C THR D 1252 -11.58 -25.16 -9.94
N VAL D 1253 -11.32 -23.89 -9.66
CA VAL D 1253 -10.72 -23.00 -10.65
C VAL D 1253 -9.40 -23.58 -11.14
N ILE D 1254 -8.58 -24.08 -10.22
CA ILE D 1254 -7.31 -24.68 -10.62
C ILE D 1254 -7.56 -25.90 -11.50
N ALA D 1255 -8.61 -26.68 -11.19
CA ALA D 1255 -8.96 -27.81 -12.05
C ALA D 1255 -9.32 -27.34 -13.45
N LEU D 1256 -9.90 -26.15 -13.57
CA LEU D 1256 -10.23 -25.62 -14.90
C LEU D 1256 -8.97 -25.34 -15.71
N PHE D 1257 -7.82 -25.23 -15.04
CA PHE D 1257 -6.56 -25.08 -15.77
C PHE D 1257 -6.24 -26.34 -16.56
N ALA D 1258 -6.71 -27.50 -16.11
CA ALA D 1258 -6.42 -28.74 -16.81
C ALA D 1258 -7.25 -28.88 -18.08
N SER D 1259 -8.25 -28.01 -18.25
CA SER D 1259 -9.11 -28.09 -19.44
C SER D 1259 -8.31 -27.81 -20.70
N THR D 1260 -8.57 -28.60 -21.74
CA THR D 1260 -7.85 -28.44 -23.00
C THR D 1260 -8.29 -27.18 -23.73
N SER D 1261 -9.55 -26.78 -23.57
CA SER D 1261 -10.09 -25.62 -24.28
C SER D 1261 -9.33 -24.36 -23.90
N GLN D 1262 -8.98 -23.56 -24.92
CA GLN D 1262 -8.22 -22.33 -24.67
C GLN D 1262 -9.05 -21.28 -23.94
N TYR D 1263 -10.33 -21.12 -24.33
CA TYR D 1263 -11.14 -20.09 -23.70
C TYR D 1263 -11.43 -20.41 -22.24
N ILE D 1264 -11.73 -21.68 -21.94
CA ILE D 1264 -11.95 -22.10 -20.57
C ILE D 1264 -10.70 -21.90 -19.73
N ARG D 1265 -9.54 -22.22 -20.27
CA ARG D 1265 -8.28 -21.97 -19.57
C ARG D 1265 -8.02 -20.49 -19.35
N HIS D 1266 -8.34 -19.65 -20.34
CA HIS D 1266 -8.09 -18.22 -20.20
C HIS D 1266 -9.02 -17.57 -19.16
N VAL D 1267 -10.31 -17.92 -19.20
CA VAL D 1267 -11.23 -17.35 -18.20
C VAL D 1267 -10.89 -17.85 -16.81
N ALA D 1268 -10.45 -19.11 -16.70
CA ALA D 1268 -10.00 -19.64 -15.42
C ALA D 1268 -8.76 -18.91 -14.94
N TYR D 1269 -7.84 -18.59 -15.84
CA TYR D 1269 -6.65 -17.84 -15.46
C TYR D 1269 -7.02 -16.45 -14.96
N GLU D 1270 -7.95 -15.78 -15.63
CA GLU D 1270 -8.37 -14.46 -15.18
C GLU D 1270 -9.02 -14.54 -13.80
N LEU D 1271 -9.90 -15.52 -13.61
CA LEU D 1271 -10.58 -15.68 -12.32
C LEU D 1271 -9.58 -15.99 -11.22
N LEU D 1272 -8.59 -16.86 -11.50
CA LEU D 1272 -7.59 -17.20 -10.51
C LEU D 1272 -6.68 -16.01 -10.21
N GLU D 1273 -6.40 -15.19 -11.21
CA GLU D 1273 -5.61 -13.97 -10.97
C GLU D 1273 -6.35 -13.03 -10.04
N ASP D 1274 -7.65 -12.82 -10.28
CA ASP D 1274 -8.44 -11.98 -9.38
C ASP D 1274 -8.49 -12.57 -7.97
N LEU D 1275 -8.70 -13.89 -7.87
CA LEU D 1275 -8.76 -14.53 -6.58
C LEU D 1275 -7.42 -14.43 -5.84
N PHE D 1276 -6.31 -14.54 -6.58
CA PHE D 1276 -5.00 -14.37 -5.97
C PHE D 1276 -4.82 -12.96 -5.45
N GLU D 1277 -5.07 -11.96 -6.30
CA GLU D 1277 -4.91 -10.57 -5.89
C GLU D 1277 -5.81 -10.22 -4.71
N LYS D 1278 -6.90 -10.96 -4.51
CA LYS D 1278 -7.74 -10.71 -3.35
C LYS D 1278 -7.29 -11.47 -2.11
N TYR D 1279 -7.03 -12.77 -2.23
CA TYR D 1279 -6.83 -13.66 -1.09
C TYR D 1279 -5.62 -14.58 -1.32
N GLU D 1280 -4.47 -14.00 -1.66
CA GLU D 1280 -3.28 -14.80 -1.94
C GLU D 1280 -2.94 -15.78 -0.83
N THR D 1281 -3.22 -15.43 0.44
CA THR D 1281 -2.96 -16.35 1.53
C THR D 1281 -3.75 -17.64 1.37
N LEU D 1282 -5.07 -17.51 1.14
CA LEU D 1282 -5.90 -18.70 0.94
C LEU D 1282 -5.56 -19.41 -0.36
N VAL D 1283 -5.15 -18.65 -1.39
CA VAL D 1283 -4.78 -19.26 -2.66
C VAL D 1283 -3.56 -20.16 -2.48
N PHE D 1284 -2.56 -19.67 -1.76
CA PHE D 1284 -1.39 -20.49 -1.45
C PHE D 1284 -1.76 -21.67 -0.54
N SER D 1285 -2.69 -21.44 0.39
CA SER D 1285 -3.08 -22.51 1.32
C SER D 1285 -3.77 -23.66 0.59
N SER D 1286 -4.46 -23.38 -0.51
CA SER D 1286 -5.24 -24.39 -1.22
C SER D 1286 -4.58 -24.84 -2.52
N LEU D 1287 -3.29 -24.59 -2.69
CA LEU D 1287 -2.61 -25.00 -3.92
C LEU D 1287 -2.55 -26.51 -4.06
N SER D 1288 -2.32 -27.22 -2.95
CA SER D 1288 -2.20 -28.68 -3.01
C SER D 1288 -3.51 -29.32 -3.47
N ARG D 1289 -4.62 -28.93 -2.88
CA ARG D 1289 -5.92 -29.47 -3.28
C ARG D 1289 -6.23 -29.11 -4.72
N GLY D 1290 -5.88 -27.89 -5.14
CA GLY D 1290 -6.12 -27.50 -6.52
C GLY D 1290 -5.32 -28.35 -7.51
N VAL D 1291 -4.05 -28.60 -7.21
CA VAL D 1291 -3.24 -29.43 -8.09
C VAL D 1291 -3.77 -30.85 -8.13
N THR D 1292 -4.17 -31.38 -6.97
CA THR D 1292 -4.72 -32.73 -6.93
C THR D 1292 -5.99 -32.84 -7.77
N LYS D 1293 -6.89 -31.86 -7.63
CA LYS D 1293 -8.14 -31.88 -8.38
C LYS D 1293 -7.88 -31.70 -9.88
N ALA D 1294 -6.93 -30.84 -10.25
CA ALA D 1294 -6.60 -30.66 -11.65
C ALA D 1294 -6.04 -31.95 -12.26
N ILE D 1295 -5.17 -32.63 -11.52
CA ILE D 1295 -4.62 -33.91 -12.01
C ILE D 1295 -5.73 -34.94 -12.14
N HIS D 1296 -6.63 -35.00 -11.16
CA HIS D 1296 -7.74 -35.95 -11.24
C HIS D 1296 -8.63 -35.67 -12.44
N TYR D 1297 -8.94 -34.40 -12.69
CA TYR D 1297 -9.77 -34.05 -13.85
C TYR D 1297 -9.04 -34.37 -15.15
N SER D 1298 -7.74 -34.13 -15.21
CA SER D 1298 -6.97 -34.43 -16.41
C SER D 1298 -6.96 -35.92 -16.71
N ILE D 1299 -6.78 -36.75 -15.68
CA ILE D 1299 -6.74 -38.19 -15.93
C ILE D 1299 -8.14 -38.74 -16.19
N HIS D 1300 -9.18 -38.13 -15.62
CA HIS D 1300 -10.53 -38.61 -15.83
C HIS D 1300 -11.06 -38.25 -17.22
N THR D 1301 -10.78 -37.03 -17.69
CA THR D 1301 -11.35 -36.58 -18.96
C THR D 1301 -10.72 -37.31 -20.14
N ASP D 1302 -9.41 -37.18 -20.31
CA ASP D 1302 -8.70 -37.80 -21.43
C ASP D 1302 -8.03 -39.07 -20.91
N GLU D 1303 -8.72 -40.20 -21.08
CA GLU D 1303 -8.19 -41.47 -20.61
C GLU D 1303 -6.96 -41.91 -21.39
N LYS D 1304 -6.76 -41.36 -22.59
CA LYS D 1304 -5.58 -41.68 -23.41
C LYS D 1304 -4.74 -40.46 -23.76
N TYR D 1305 -5.34 -39.27 -23.80
CA TYR D 1305 -4.63 -38.03 -24.13
C TYR D 1305 -4.28 -37.24 -22.88
N TYR D 1306 -4.14 -37.92 -21.74
CA TYR D 1306 -3.92 -37.22 -20.48
C TYR D 1306 -2.58 -36.50 -20.45
N TYR D 1307 -1.53 -37.13 -20.98
CA TYR D 1307 -0.21 -36.49 -21.00
C TYR D 1307 -0.05 -35.48 -22.12
N LYS D 1308 -0.98 -35.45 -23.09
CA LYS D 1308 -0.85 -34.54 -24.21
C LYS D 1308 -0.94 -33.08 -23.77
N HIS D 1309 -1.86 -32.78 -22.87
CA HIS D 1309 -2.05 -31.42 -22.35
C HIS D 1309 -1.31 -31.29 -21.02
N ASP D 1310 -0.33 -30.39 -20.99
CA ASP D 1310 0.51 -30.18 -19.82
C ASP D 1310 0.76 -28.70 -19.60
N HIS D 1311 -0.26 -27.88 -19.83
CA HIS D 1311 -0.13 -26.42 -19.79
C HIS D 1311 -0.96 -25.82 -18.67
N PHE D 1312 -0.95 -26.46 -17.50
CA PHE D 1312 -1.64 -25.91 -16.34
C PHE D 1312 -0.72 -25.62 -15.16
N LEU D 1313 0.40 -26.35 -15.02
CA LEU D 1313 1.33 -26.08 -13.94
C LEU D 1313 2.18 -24.85 -14.23
N SER D 1314 2.56 -24.65 -15.49
CA SER D 1314 3.38 -23.49 -15.84
C SER D 1314 2.59 -22.19 -15.73
N LEU D 1315 1.33 -22.20 -16.17
CA LEU D 1315 0.50 -21.00 -16.05
C LEU D 1315 0.20 -20.67 -14.59
N LEU D 1316 0.01 -21.70 -13.76
CA LEU D 1316 -0.14 -21.45 -12.33
C LEU D 1316 1.15 -20.93 -11.72
N GLU D 1317 2.30 -21.43 -12.19
CA GLU D 1317 3.59 -20.98 -11.66
C GLU D 1317 3.83 -19.51 -11.97
N LYS D 1318 3.63 -19.12 -13.24
CA LYS D 1318 3.86 -17.73 -13.62
C LYS D 1318 2.86 -16.79 -12.96
N LEU D 1319 1.66 -17.28 -12.64
CA LEU D 1319 0.70 -16.47 -11.92
C LEU D 1319 1.17 -16.20 -10.50
N CYS D 1320 1.77 -17.20 -9.85
CA CYS D 1320 2.27 -17.07 -8.49
C CYS D 1320 3.80 -17.02 -8.44
N GLY D 1321 4.44 -16.52 -9.49
CA GLY D 1321 5.88 -16.43 -9.53
C GLY D 1321 6.40 -15.03 -9.78
N THR D 1322 5.56 -14.04 -9.54
CA THR D 1322 5.90 -12.64 -9.77
C THR D 1322 6.39 -11.94 -8.51
N GLY D 1323 6.55 -12.65 -7.41
CA GLY D 1323 6.99 -12.04 -6.17
C GLY D 1323 8.36 -12.50 -5.72
N LYS D 1324 8.97 -11.76 -4.78
CA LYS D 1324 10.29 -12.13 -4.28
C LYS D 1324 10.23 -13.47 -3.56
N LYS D 1325 9.22 -13.67 -2.72
CA LYS D 1325 9.05 -14.94 -2.01
C LYS D 1325 8.03 -15.85 -2.67
N ASN D 1326 7.24 -15.34 -3.61
CA ASN D 1326 6.26 -16.18 -4.29
C ASN D 1326 6.92 -17.31 -5.06
N GLY D 1327 8.16 -17.12 -5.48
CA GLY D 1327 8.92 -18.17 -6.12
C GLY D 1327 9.30 -19.30 -5.18
N PRO D 1328 10.04 -18.97 -4.11
CA PRO D 1328 10.36 -20.00 -3.12
C PRO D 1328 9.14 -20.65 -2.49
N LYS D 1329 8.08 -19.89 -2.23
CA LYS D 1329 6.87 -20.48 -1.67
C LYS D 1329 6.23 -21.46 -2.66
N PHE D 1330 6.17 -21.08 -3.94
CA PHE D 1330 5.62 -21.98 -4.94
C PHE D 1330 6.47 -23.24 -5.08
N PHE D 1331 7.79 -23.10 -5.00
CA PHE D 1331 8.64 -24.29 -5.08
C PHE D 1331 8.48 -25.17 -3.85
N LYS D 1332 8.28 -24.58 -2.68
CA LYS D 1332 8.03 -25.39 -1.49
C LYS D 1332 6.71 -26.15 -1.63
N VAL D 1333 5.68 -25.50 -2.17
CA VAL D 1333 4.42 -26.18 -2.43
C VAL D 1333 4.61 -27.31 -3.43
N LEU D 1334 5.42 -27.06 -4.47
CA LEU D 1334 5.67 -28.08 -5.47
C LEU D 1334 6.41 -29.28 -4.88
N LYS D 1335 7.38 -29.02 -3.99
CA LYS D 1335 8.09 -30.11 -3.32
C LYS D 1335 7.14 -30.89 -2.42
N ARG D 1336 6.23 -30.19 -1.73
CA ARG D 1336 5.23 -30.89 -0.92
C ARG D 1336 4.35 -31.77 -1.79
N ILE D 1337 3.95 -31.27 -2.98
CA ILE D 1337 3.16 -32.08 -3.90
C ILE D 1337 3.95 -33.31 -4.36
N MET D 1338 5.23 -33.11 -4.70
CA MET D 1338 6.05 -34.22 -5.17
C MET D 1338 6.21 -35.29 -4.10
N GLN D 1339 6.43 -34.88 -2.85
CA GLN D 1339 6.57 -35.83 -1.76
C GLN D 1339 5.23 -36.51 -1.46
N SER D 1340 4.13 -35.78 -1.59
CA SER D 1340 2.82 -36.36 -1.29
C SER D 1340 2.47 -37.49 -2.25
N TYR D 1341 2.80 -37.32 -3.53
CA TYR D 1341 2.44 -38.32 -4.53
C TYR D 1341 3.34 -39.54 -4.51
N LEU D 1342 4.43 -39.52 -3.74
CA LEU D 1342 5.30 -40.68 -3.61
C LEU D 1342 5.31 -41.19 -2.17
N VAL D 1355 -3.00 -43.87 -9.98
CA VAL D 1355 -1.95 -42.94 -9.58
C VAL D 1355 -0.88 -42.88 -10.66
N GLN D 1356 -0.79 -43.95 -11.47
CA GLN D 1356 0.22 -44.02 -12.52
C GLN D 1356 0.01 -42.92 -13.56
N LYS D 1357 -1.23 -42.73 -14.01
CA LYS D 1357 -1.51 -41.63 -14.92
C LYS D 1357 -1.34 -40.27 -14.23
N SER D 1358 -1.62 -40.21 -12.92
CA SER D 1358 -1.37 -38.99 -12.17
C SER D 1358 0.12 -38.66 -12.16
N ILE D 1359 0.97 -39.67 -11.96
CA ILE D 1359 2.41 -39.43 -12.01
C ILE D 1359 2.83 -39.04 -13.42
N PHE D 1360 2.23 -39.64 -14.45
CA PHE D 1360 2.56 -39.23 -15.81
C PHE D 1360 2.26 -37.76 -16.05
N VAL D 1361 1.06 -37.31 -15.68
CA VAL D 1361 0.70 -35.92 -15.95
C VAL D 1361 1.53 -34.98 -15.09
N LEU D 1362 1.81 -35.37 -13.84
CA LEU D 1362 2.65 -34.54 -12.99
C LEU D 1362 4.06 -34.40 -13.56
N CYS D 1363 4.64 -35.50 -14.03
CA CYS D 1363 5.97 -35.47 -14.62
C CYS D 1363 5.99 -34.61 -15.88
N THR D 1364 4.97 -34.75 -16.73
CA THR D 1364 4.91 -33.97 -17.95
C THR D 1364 4.78 -32.49 -17.65
N ASN D 1365 4.05 -32.14 -16.58
CA ASN D 1365 3.94 -30.74 -16.20
C ASN D 1365 5.23 -30.21 -15.57
N ILE D 1366 5.94 -31.05 -14.81
CA ILE D 1366 7.23 -30.65 -14.27
C ILE D 1366 8.23 -30.39 -15.40
N SER D 1367 8.14 -31.18 -16.47
CA SER D 1367 9.09 -31.04 -17.58
C SER D 1367 9.02 -29.66 -18.22
N ASN D 1368 7.89 -28.97 -18.10
CA ASN D 1368 7.71 -27.66 -18.71
C ASN D 1368 7.90 -26.50 -17.73
N ILE D 1369 8.35 -26.77 -16.51
CA ILE D 1369 8.53 -25.73 -15.51
C ILE D 1369 9.88 -25.04 -15.71
N THR D 1370 9.86 -23.71 -15.71
CA THR D 1370 11.08 -22.92 -15.75
C THR D 1370 11.52 -22.64 -14.32
N PHE D 1371 12.76 -23.00 -13.99
CA PHE D 1371 13.26 -22.93 -12.63
C PHE D 1371 14.03 -21.64 -12.41
N VAL D 1372 13.76 -20.97 -11.29
CA VAL D 1372 14.38 -19.67 -11.01
C VAL D 1372 15.87 -19.85 -10.72
N SER D 1373 16.22 -20.82 -9.88
CA SER D 1373 17.59 -21.01 -9.43
C SER D 1373 18.02 -22.45 -9.64
N GLN D 1374 19.33 -22.65 -9.76
CA GLN D 1374 19.88 -23.98 -9.99
C GLN D 1374 19.82 -24.86 -8.75
N TYR D 1375 19.75 -24.26 -7.56
CA TYR D 1375 19.64 -25.06 -6.34
C TYR D 1375 18.34 -25.86 -6.35
N ASP D 1376 17.24 -25.22 -6.76
CA ASP D 1376 15.96 -25.93 -6.87
C ASP D 1376 16.05 -27.07 -7.87
N LEU D 1377 16.67 -26.81 -9.03
CA LEU D 1377 16.78 -27.84 -10.05
C LEU D 1377 17.60 -29.03 -9.57
N VAL D 1378 18.74 -28.77 -8.92
CA VAL D 1378 19.57 -29.88 -8.46
C VAL D 1378 18.88 -30.63 -7.33
N SER D 1379 18.12 -29.93 -6.48
CA SER D 1379 17.35 -30.62 -5.44
C SER D 1379 16.30 -31.54 -6.06
N LEU D 1380 15.61 -31.06 -7.10
CA LEU D 1380 14.63 -31.91 -7.79
C LEU D 1380 15.31 -33.11 -8.44
N LEU D 1381 16.47 -32.90 -9.06
CA LEU D 1381 17.19 -34.02 -9.67
C LEU D 1381 17.61 -35.04 -8.62
N LYS D 1382 18.09 -34.57 -7.46
CA LYS D 1382 18.45 -35.50 -6.39
C LYS D 1382 17.24 -36.30 -5.91
N THR D 1383 16.10 -35.63 -5.74
CA THR D 1383 14.89 -36.32 -5.30
C THR D 1383 14.46 -37.36 -6.31
N ILE D 1384 14.47 -37.01 -7.60
CA ILE D 1384 14.06 -37.95 -8.64
C ILE D 1384 15.03 -39.12 -8.72
N ASP D 1385 16.34 -38.85 -8.59
CA ASP D 1385 17.32 -39.94 -8.62
C ASP D 1385 17.12 -40.90 -7.45
N LEU D 1386 16.89 -40.35 -6.26
CA LEU D 1386 16.64 -41.21 -5.11
C LEU D 1386 15.37 -42.04 -5.30
N THR D 1387 14.31 -41.41 -5.82
CA THR D 1387 13.06 -42.14 -6.03
C THR D 1387 13.22 -43.25 -7.05
N THR D 1388 13.91 -42.96 -8.17
CA THR D 1388 14.07 -43.98 -9.20
C THR D 1388 15.01 -45.08 -8.75
N ASP D 1389 16.01 -44.76 -7.94
CA ASP D 1389 16.85 -45.81 -7.37
C ASP D 1389 16.05 -46.73 -6.45
N ARG D 1390 15.24 -46.13 -5.58
CA ARG D 1390 14.42 -46.93 -4.67
C ARG D 1390 13.46 -47.81 -5.44
N LEU D 1391 12.82 -47.26 -6.49
CA LEU D 1391 11.96 -48.08 -7.34
C LEU D 1391 12.77 -49.16 -8.05
N LYS D 1392 14.06 -48.91 -8.31
CA LYS D 1392 14.90 -49.93 -8.92
C LYS D 1392 15.10 -51.12 -7.98
N GLU D 1393 15.44 -50.85 -6.71
CA GLU D 1393 15.50 -51.99 -5.79
C GLU D 1393 14.12 -52.62 -5.58
N VAL D 1394 13.05 -51.84 -5.71
CA VAL D 1394 11.70 -52.40 -5.58
C VAL D 1394 11.44 -53.41 -6.68
N ILE D 1395 11.75 -53.05 -7.93
CA ILE D 1395 11.50 -53.97 -9.04
C ILE D 1395 12.46 -55.15 -8.99
N MET D 1396 13.71 -54.92 -8.57
CA MET D 1396 14.64 -56.04 -8.45
C MET D 1396 14.19 -57.04 -7.38
N ASP D 1397 13.64 -56.54 -6.27
CA ASP D 1397 13.13 -57.43 -5.24
C ASP D 1397 11.97 -58.27 -5.75
N GLU D 1398 11.07 -57.66 -6.51
CA GLU D 1398 9.91 -58.37 -7.06
C GLU D 1398 10.33 -59.35 -8.14
N LEU D 1413 3.10 -54.95 -11.79
CA LEU D 1413 4.44 -55.15 -12.31
C LEU D 1413 4.75 -54.19 -13.45
N SER D 1414 3.82 -54.12 -14.42
CA SER D 1414 4.00 -53.23 -15.56
C SER D 1414 3.99 -51.77 -15.12
N GLY D 1415 3.09 -51.42 -14.19
CA GLY D 1415 3.00 -50.04 -13.75
C GLY D 1415 4.27 -49.55 -13.06
N ILE D 1416 4.88 -50.42 -12.25
CA ILE D 1416 6.07 -50.01 -11.49
C ILE D 1416 7.24 -49.76 -12.43
N ILE D 1417 7.47 -50.68 -13.37
CA ILE D 1417 8.57 -50.49 -14.32
C ILE D 1417 8.26 -49.29 -15.22
N LEU D 1418 7.00 -49.08 -15.58
CA LEU D 1418 6.65 -47.96 -16.43
C LEU D 1418 6.89 -46.63 -15.73
N ILE D 1419 6.53 -46.53 -14.44
CA ILE D 1419 6.75 -45.30 -13.70
C ILE D 1419 8.25 -45.07 -13.47
N GLN D 1420 9.00 -46.14 -13.24
CA GLN D 1420 10.45 -46.01 -13.11
C GLN D 1420 11.06 -45.47 -14.39
N LEU D 1421 10.65 -46.01 -15.54
CA LEU D 1421 11.14 -45.51 -16.82
C LEU D 1421 10.72 -44.06 -17.05
N SER D 1422 9.51 -43.70 -16.62
CA SER D 1422 9.05 -42.33 -16.78
C SER D 1422 9.91 -41.37 -15.98
N LEU D 1423 10.22 -41.72 -14.72
CA LEU D 1423 11.08 -40.86 -13.91
C LEU D 1423 12.49 -40.77 -14.48
N GLN D 1424 13.01 -41.90 -14.99
CA GLN D 1424 14.33 -41.87 -15.61
C GLN D 1424 14.34 -40.97 -16.84
N ASP D 1425 13.29 -41.05 -17.66
CA ASP D 1425 13.19 -40.18 -18.84
C ASP D 1425 13.07 -38.71 -18.44
N LEU D 1426 12.33 -38.42 -17.37
CA LEU D 1426 12.24 -37.05 -16.88
C LEU D 1426 13.62 -36.54 -16.48
N GLY D 1427 14.37 -37.35 -15.74
CA GLY D 1427 15.71 -36.95 -15.35
C GLY D 1427 16.62 -36.72 -16.55
N THR D 1428 16.56 -37.62 -17.53
CA THR D 1428 17.39 -37.47 -18.73
C THR D 1428 17.02 -36.21 -19.50
N TYR D 1429 15.72 -35.95 -19.66
CA TYR D 1429 15.30 -34.73 -20.36
C TYR D 1429 15.72 -33.48 -19.62
N LEU D 1430 15.61 -33.49 -18.29
CA LEU D 1430 16.00 -32.32 -17.51
C LEU D 1430 17.50 -32.06 -17.62
N LEU D 1431 18.32 -33.12 -17.58
CA LEU D 1431 19.76 -32.92 -17.71
C LEU D 1431 20.16 -32.59 -19.14
N HIS D 1432 19.37 -32.98 -20.13
CA HIS D 1432 19.65 -32.66 -21.53
C HIS D 1432 19.08 -31.32 -21.96
N LEU D 1433 18.23 -30.70 -21.15
CA LEU D 1433 17.64 -29.40 -21.47
C LEU D 1433 18.53 -28.24 -21.04
N TYR D 1434 18.90 -28.21 -19.76
CA TYR D 1434 19.74 -27.14 -19.24
C TYR D 1434 21.23 -27.45 -19.44
N GLU D 1448 29.70 -26.93 -0.66
CA GLU D 1448 30.01 -25.66 -1.31
C GLU D 1448 29.27 -25.52 -2.62
N SER D 1449 29.02 -26.65 -3.29
CA SER D 1449 28.30 -26.64 -4.56
C SER D 1449 26.86 -26.16 -4.36
N GLU D 1450 26.22 -26.60 -3.27
CA GLU D 1450 24.85 -26.17 -3.01
C GLU D 1450 24.77 -24.67 -2.75
N LEU D 1451 25.72 -24.13 -2.00
CA LEU D 1451 25.73 -22.70 -1.72
C LEU D 1451 25.95 -21.90 -3.00
N LYS D 1452 26.84 -22.35 -3.87
CA LYS D 1452 27.10 -21.64 -5.12
C LYS D 1452 25.93 -21.75 -6.09
N ASN D 1453 25.23 -22.88 -6.08
CA ASN D 1453 24.10 -23.06 -7.01
C ASN D 1453 22.91 -22.18 -6.66
N LYS D 1454 22.89 -21.60 -5.47
CA LYS D 1454 21.77 -20.74 -5.06
C LYS D 1454 21.72 -19.43 -5.84
N GLN D 1455 22.79 -19.08 -6.56
CA GLN D 1455 22.80 -17.85 -7.33
C GLN D 1455 22.91 -18.15 -8.83
N PHE D 1466 7.46 -32.26 -26.31
CA PHE D 1466 8.76 -32.93 -26.26
C PHE D 1466 8.73 -34.08 -25.28
N SER D 1467 8.52 -33.77 -24.00
CA SER D 1467 8.47 -34.80 -22.97
C SER D 1467 7.26 -35.72 -23.16
N ALA D 1468 6.14 -35.17 -23.63
CA ALA D 1468 4.97 -36.00 -23.89
C ALA D 1468 5.26 -37.04 -24.97
N GLN D 1469 5.98 -36.64 -26.02
CA GLN D 1469 6.35 -37.58 -27.07
C GLN D 1469 7.26 -38.68 -26.51
N LEU D 1470 8.21 -38.30 -25.65
CA LEU D 1470 9.09 -39.29 -25.05
C LEU D 1470 8.30 -40.28 -24.18
N GLU D 1471 7.33 -39.78 -23.43
CA GLU D 1471 6.50 -40.65 -22.60
C GLU D 1471 5.66 -41.57 -23.47
N ASN D 1472 5.13 -41.06 -24.59
CA ASN D 1472 4.31 -41.88 -25.47
C ASN D 1472 5.16 -42.93 -26.18
N ILE D 1473 6.44 -42.64 -26.40
CA ILE D 1473 7.33 -43.54 -27.12
C ILE D 1473 7.66 -44.77 -26.27
N GLU D 1474 7.24 -44.75 -25.00
CA GLU D 1474 7.50 -45.89 -24.12
C GLU D 1474 6.80 -47.14 -24.63
N GLN D 1475 5.55 -47.01 -25.08
CA GLN D 1475 4.79 -48.15 -25.59
C GLN D 1475 4.39 -47.94 -27.05
PG ATP G . -16.44 -10.88 37.60
O1G ATP G . -17.86 -10.66 38.03
O2G ATP G . -16.24 -12.12 36.77
O3G ATP G . -15.73 -9.66 37.06
PB ATP G . -15.10 -12.68 39.28
O1B ATP G . -16.25 -13.66 39.27
O2B ATP G . -13.91 -12.92 38.38
O3B ATP G . -15.66 -11.20 38.97
PA ATP G . -13.54 -13.56 41.43
O1A ATP G . -12.24 -13.48 40.67
O2A ATP G . -14.24 -14.88 41.59
O3A ATP G . -14.59 -12.51 40.79
O5' ATP G . -13.31 -12.92 42.88
C5' ATP G . -12.59 -13.64 43.88
C4' ATP G . -12.14 -12.69 44.98
O4' ATP G . -11.48 -13.43 46.00
C3' ATP G . -11.18 -11.65 44.45
O3' ATP G . -11.79 -10.36 44.52
C2' ATP G . -9.98 -11.69 45.37
O2' ATP G . -9.90 -10.44 46.06
C1' ATP G . -10.24 -12.81 46.36
N9 ATP G . -9.17 -13.84 46.28
C8 ATP G . -8.74 -14.44 45.15
N7 ATP G . -7.76 -15.33 45.42
C5 ATP G . -7.55 -15.33 46.74
C6 ATP G . -6.65 -16.04 47.69
N6 ATP G . -5.76 -16.96 47.24
N1 ATP G . -6.75 -15.74 48.99
C2 ATP G . -7.63 -14.82 49.45
N3 ATP G . -8.48 -14.15 48.65
C4 ATP G . -8.48 -14.35 47.31
MG MG H . -14.95 -13.72 36.80
PG ATP I . -18.59 -3.80 19.33
O1G ATP I . -17.94 -5.12 19.01
O2G ATP I . -17.94 -3.03 20.46
O3G ATP I . -20.10 -3.85 19.39
PB ATP I . -19.04 -3.24 16.64
O1B ATP I . -19.29 -4.72 16.63
O2B ATP I . -20.20 -2.30 16.46
O3B ATP I . -18.30 -2.89 18.03
PA ATP I . -17.40 -4.01 14.53
O1A ATP I . -18.61 -4.74 13.98
O2A ATP I . -16.31 -4.79 15.21
O3A ATP I . -17.92 -2.88 15.53
O5' ATP I . -16.76 -3.23 13.29
C5' ATP I . -16.04 -3.99 12.32
C4' ATP I . -16.98 -4.36 11.17
O4' ATP I . -16.44 -3.92 9.93
C3' ATP I . -17.16 -5.87 11.07
O3' ATP I . -18.51 -6.22 11.37
C2' ATP I . -16.87 -6.23 9.63
O2' ATP I . -17.98 -6.91 9.05
C1' ATP I . -16.61 -4.92 8.92
N9 ATP I . -15.39 -4.98 8.09
C8 ATP I . -14.15 -5.29 8.54
N7 ATP I . -13.25 -5.26 7.52
C5 ATP I . -13.92 -4.94 6.40
C6 ATP I . -13.57 -4.74 4.98
N6 ATP I . -12.29 -4.89 4.54
N1 ATP I . -14.57 -4.40 4.13
C2 ATP I . -15.84 -4.25 4.54
N3 ATP I . -16.22 -4.42 5.82
C4 ATP I . -15.33 -4.76 6.78
MG MG J . -15.21 -3.72 18.16
#